data_8HEK
# 
_entry.id   8HEK 
# 
_audit_conform.dict_name       mmcif_pdbx.dic 
_audit_conform.dict_version    5.379 
_audit_conform.dict_location   http://mmcif.pdb.org/dictionaries/ascii/mmcif_pdbx.dic 
# 
loop_
_database_2.database_id 
_database_2.database_code 
_database_2.pdbx_database_accession 
_database_2.pdbx_DOI 
PDB   8HEK         pdb_00008hek 10.2210/pdb8hek/pdb 
WWPDB D_1300033296 ?            ?                   
# 
_pdbx_database_status.status_code                     REL 
_pdbx_database_status.status_code_sf                  REL 
_pdbx_database_status.status_code_mr                  ? 
_pdbx_database_status.entry_id                        8HEK 
_pdbx_database_status.recvd_initial_deposition_date   2022-11-08 
_pdbx_database_status.SG_entry                        N 
_pdbx_database_status.deposit_site                    PDBJ 
_pdbx_database_status.process_site                    RCSB 
_pdbx_database_status.status_code_cs                  ? 
_pdbx_database_status.status_code_nmr_data            ? 
_pdbx_database_status.methods_development_category    ? 
_pdbx_database_status.pdb_format_compatible           Y 
# 
loop_
_audit_author.name 
_audit_author.pdbx_ordinal 
_audit_author.identifier_ORCID 
'Koo, J.' 1 ? 
'Ka, D.'  2 ? 
'Bae, E.' 3 ? 
# 
_citation.abstract                  ? 
_citation.abstract_id_CAS           ? 
_citation.book_id_ISBN              ? 
_citation.book_publisher            ? 
_citation.book_publisher_city       ? 
_citation.book_title                ? 
_citation.coordinate_linkage        ? 
_citation.country                   ? 
_citation.database_id_Medline       ? 
_citation.details                   ? 
_citation.id                        primary 
_citation.journal_abbrev            Appl.Biol.Chem. 
_citation.journal_id_ASTM           ? 
_citation.journal_id_CSD            ? 
_citation.journal_id_ISSN           ? 
_citation.journal_full              ? 
_citation.journal_issue             ? 
_citation.journal_volume            66 
_citation.language                  ? 
_citation.page_first                51 
_citation.page_last                 ? 
_citation.title                     'Biochemical characterization of type I-E anti-CRISPR proteins, AcrIE2 and AcrIE4' 
_citation.year                      2023 
_citation.database_id_CSD           ? 
_citation.pdbx_database_id_DOI      10.1186/s13765-023-00808-z 
_citation.pdbx_database_id_PubMed   ? 
_citation.pdbx_database_id_patent   ? 
_citation.unpublished_flag          ? 
# 
loop_
_citation_author.citation_id 
_citation_author.name 
_citation_author.ordinal 
_citation_author.identifier_ORCID 
primary 'Koo, J.'   1 ? 
primary 'Lee, G.'   2 ? 
primary 'Ka, D.'    3 ? 
primary 'Park, C.'  4 ? 
primary 'Suh, J.Y.' 5 ? 
primary 'Bae, E.'   6 ? 
# 
_cell.angle_alpha                  90.000 
_cell.angle_alpha_esd              ? 
_cell.angle_beta                   90.000 
_cell.angle_beta_esd               ? 
_cell.angle_gamma                  90.000 
_cell.angle_gamma_esd              ? 
_cell.entry_id                     8HEK 
_cell.details                      ? 
_cell.formula_units_Z              ? 
_cell.length_a                     26.960 
_cell.length_a_esd                 ? 
_cell.length_b                     47.351 
_cell.length_b_esd                 ? 
_cell.length_c                     56.370 
_cell.length_c_esd                 ? 
_cell.volume                       ? 
_cell.volume_esd                   ? 
_cell.Z_PDB                        4 
_cell.reciprocal_angle_alpha       ? 
_cell.reciprocal_angle_beta        ? 
_cell.reciprocal_angle_gamma       ? 
_cell.reciprocal_angle_alpha_esd   ? 
_cell.reciprocal_angle_beta_esd    ? 
_cell.reciprocal_angle_gamma_esd   ? 
_cell.reciprocal_length_a          ? 
_cell.reciprocal_length_b          ? 
_cell.reciprocal_length_c          ? 
_cell.reciprocal_length_a_esd      ? 
_cell.reciprocal_length_b_esd      ? 
_cell.reciprocal_length_c_esd      ? 
_cell.pdbx_unique_axis             ? 
_cell.pdbx_esd_method              ? 
# 
_symmetry.entry_id                         8HEK 
_symmetry.cell_setting                     ? 
_symmetry.Int_Tables_number                19 
_symmetry.space_group_name_Hall            ? 
_symmetry.space_group_name_H-M             'P 21 21 21' 
_symmetry.pdbx_full_space_group_name_H-M   ? 
# 
loop_
_entity.id 
_entity.type 
_entity.src_method 
_entity.pdbx_description 
_entity.formula_weight 
_entity.pdbx_number_of_molecules 
_entity.pdbx_ec 
_entity.pdbx_mutation 
_entity.pdbx_fragment 
_entity.details 
1 polymer man AcrIE2 10432.380 1   ? ? ? ? 
2 water   nat water  18.015    117 ? ? ? ? 
# 
_entity_poly.entity_id                      1 
_entity_poly.type                           'polypeptide(L)' 
_entity_poly.nstd_linkage                   no 
_entity_poly.nstd_monomer                   no 
_entity_poly.pdbx_seq_one_letter_code       
;MNTYLIDPRKNNDNSGERFTVDAVDITAAAKSAAQQILGEEFEGLVYRETGESNGSGMFQAYHHLHGTNRTETTVGYPFH
VMELLEHHHHHH
;
_entity_poly.pdbx_seq_one_letter_code_can   
;MNTYLIDPRKNNDNSGERFTVDAVDITAAAKSAAQQILGEEFEGLVYRETGESNGSGMFQAYHHLHGTNRTETTVGYPFH
VMELLEHHHHHH
;
_entity_poly.pdbx_strand_id                 A 
_entity_poly.pdbx_target_identifier         ? 
# 
loop_
_entity_poly_seq.entity_id 
_entity_poly_seq.num 
_entity_poly_seq.mon_id 
_entity_poly_seq.hetero 
1 1  MET n 
1 2  ASN n 
1 3  THR n 
1 4  TYR n 
1 5  LEU n 
1 6  ILE n 
1 7  ASP n 
1 8  PRO n 
1 9  ARG n 
1 10 LYS n 
1 11 ASN n 
1 12 ASN n 
1 13 ASP n 
1 14 ASN n 
1 15 SER n 
1 16 GLY n 
1 17 GLU n 
1 18 ARG n 
1 19 PHE n 
1 20 THR n 
1 21 VAL n 
1 22 ASP n 
1 23 ALA n 
1 24 VAL n 
1 25 ASP n 
1 26 ILE n 
1 27 THR n 
1 28 ALA n 
1 29 ALA n 
1 30 ALA n 
1 31 LYS n 
1 32 SER n 
1 33 ALA n 
1 34 ALA n 
1 35 GLN n 
1 36 GLN n 
1 37 ILE n 
1 38 LEU n 
1 39 GLY n 
1 40 GLU n 
1 41 GLU n 
1 42 PHE n 
1 43 GLU n 
1 44 GLY n 
1 45 LEU n 
1 46 VAL n 
1 47 TYR n 
1 48 ARG n 
1 49 GLU n 
1 50 THR n 
1 51 GLY n 
1 52 GLU n 
1 53 SER n 
1 54 ASN n 
1 55 GLY n 
1 56 SER n 
1 57 GLY n 
1 58 MET n 
1 59 PHE n 
1 60 GLN n 
1 61 ALA n 
1 62 TYR n 
1 63 HIS n 
1 64 HIS n 
1 65 LEU n 
1 66 HIS n 
1 67 GLY n 
1 68 THR n 
1 69 ASN n 
1 70 ARG n 
1 71 THR n 
1 72 GLU n 
1 73 THR n 
1 74 THR n 
1 75 VAL n 
1 76 GLY n 
1 77 TYR n 
1 78 PRO n 
1 79 PHE n 
1 80 HIS n 
1 81 VAL n 
1 82 MET n 
1 83 GLU n 
1 84 LEU n 
1 85 LEU n 
1 86 GLU n 
1 87 HIS n 
1 88 HIS n 
1 89 HIS n 
1 90 HIS n 
1 91 HIS n 
1 92 HIS n 
# 
_entity_src_gen.entity_id                          1 
_entity_src_gen.pdbx_src_id                        1 
_entity_src_gen.pdbx_alt_source_flag               sample 
_entity_src_gen.pdbx_seq_type                      'Biological sequence' 
_entity_src_gen.pdbx_beg_seq_num                   1 
_entity_src_gen.pdbx_end_seq_num                   92 
_entity_src_gen.gene_src_common_name               ? 
_entity_src_gen.gene_src_genus                     ? 
_entity_src_gen.pdbx_gene_src_gene                 ? 
_entity_src_gen.gene_src_species                   ? 
_entity_src_gen.gene_src_strain                    ? 
_entity_src_gen.gene_src_tissue                    ? 
_entity_src_gen.gene_src_tissue_fraction           ? 
_entity_src_gen.gene_src_details                   ? 
_entity_src_gen.pdbx_gene_src_fragment             ? 
_entity_src_gen.pdbx_gene_src_scientific_name      'Pseudomonas phage JBD88a' 
_entity_src_gen.pdbx_gene_src_ncbi_taxonomy_id     1223262 
_entity_src_gen.pdbx_gene_src_variant              ? 
_entity_src_gen.pdbx_gene_src_cell_line            ? 
_entity_src_gen.pdbx_gene_src_atcc                 ? 
_entity_src_gen.pdbx_gene_src_organ                ? 
_entity_src_gen.pdbx_gene_src_organelle            ? 
_entity_src_gen.pdbx_gene_src_cell                 ? 
_entity_src_gen.pdbx_gene_src_cellular_location    ? 
_entity_src_gen.host_org_common_name               ? 
_entity_src_gen.pdbx_host_org_scientific_name      'Escherichia coli BL21(DE3)' 
_entity_src_gen.pdbx_host_org_ncbi_taxonomy_id     469008 
_entity_src_gen.host_org_genus                     ? 
_entity_src_gen.pdbx_host_org_gene                 ? 
_entity_src_gen.pdbx_host_org_organ                ? 
_entity_src_gen.host_org_species                   ? 
_entity_src_gen.pdbx_host_org_tissue               ? 
_entity_src_gen.pdbx_host_org_tissue_fraction      ? 
_entity_src_gen.pdbx_host_org_strain               ? 
_entity_src_gen.pdbx_host_org_variant              ? 
_entity_src_gen.pdbx_host_org_cell_line            ? 
_entity_src_gen.pdbx_host_org_atcc                 ? 
_entity_src_gen.pdbx_host_org_culture_collection   ? 
_entity_src_gen.pdbx_host_org_cell                 ? 
_entity_src_gen.pdbx_host_org_organelle            ? 
_entity_src_gen.pdbx_host_org_cellular_location    ? 
_entity_src_gen.pdbx_host_org_vector_type          ? 
_entity_src_gen.pdbx_host_org_vector               ? 
_entity_src_gen.host_org_details                   ? 
_entity_src_gen.expression_system_id               ? 
_entity_src_gen.plasmid_name                       ? 
_entity_src_gen.plasmid_details                    ? 
_entity_src_gen.pdbx_description                   ? 
# 
_struct_ref.id                         1 
_struct_ref.db_name                    PDB 
_struct_ref.db_code                    8HEK 
_struct_ref.pdbx_db_accession          8HEK 
_struct_ref.pdbx_db_isoform            ? 
_struct_ref.entity_id                  1 
_struct_ref.pdbx_seq_one_letter_code   ? 
_struct_ref.pdbx_align_begin           1 
# 
_struct_ref_seq.align_id                      1 
_struct_ref_seq.ref_id                        1 
_struct_ref_seq.pdbx_PDB_id_code              8HEK 
_struct_ref_seq.pdbx_strand_id                A 
_struct_ref_seq.seq_align_beg                 1 
_struct_ref_seq.pdbx_seq_align_beg_ins_code   ? 
_struct_ref_seq.seq_align_end                 92 
_struct_ref_seq.pdbx_seq_align_end_ins_code   ? 
_struct_ref_seq.pdbx_db_accession             8HEK 
_struct_ref_seq.db_align_beg                  1 
_struct_ref_seq.pdbx_db_align_beg_ins_code    ? 
_struct_ref_seq.db_align_end                  92 
_struct_ref_seq.pdbx_db_align_end_ins_code    ? 
_struct_ref_seq.pdbx_auth_seq_align_beg       1 
_struct_ref_seq.pdbx_auth_seq_align_end       92 
# 
loop_
_chem_comp.id 
_chem_comp.type 
_chem_comp.mon_nstd_flag 
_chem_comp.name 
_chem_comp.pdbx_synonyms 
_chem_comp.formula 
_chem_comp.formula_weight 
ALA 'L-peptide linking' y ALANINE         ? 'C3 H7 N O2'     89.093  
ARG 'L-peptide linking' y ARGININE        ? 'C6 H15 N4 O2 1' 175.209 
ASN 'L-peptide linking' y ASPARAGINE      ? 'C4 H8 N2 O3'    132.118 
ASP 'L-peptide linking' y 'ASPARTIC ACID' ? 'C4 H7 N O4'     133.103 
GLN 'L-peptide linking' y GLUTAMINE       ? 'C5 H10 N2 O3'   146.144 
GLU 'L-peptide linking' y 'GLUTAMIC ACID' ? 'C5 H9 N O4'     147.129 
GLY 'peptide linking'   y GLYCINE         ? 'C2 H5 N O2'     75.067  
HIS 'L-peptide linking' y HISTIDINE       ? 'C6 H10 N3 O2 1' 156.162 
HOH non-polymer         . WATER           ? 'H2 O'           18.015  
ILE 'L-peptide linking' y ISOLEUCINE      ? 'C6 H13 N O2'    131.173 
LEU 'L-peptide linking' y LEUCINE         ? 'C6 H13 N O2'    131.173 
LYS 'L-peptide linking' y LYSINE          ? 'C6 H15 N2 O2 1' 147.195 
MET 'L-peptide linking' y METHIONINE      ? 'C5 H11 N O2 S'  149.211 
PHE 'L-peptide linking' y PHENYLALANINE   ? 'C9 H11 N O2'    165.189 
PRO 'L-peptide linking' y PROLINE         ? 'C5 H9 N O2'     115.130 
SER 'L-peptide linking' y SERINE          ? 'C3 H7 N O3'     105.093 
THR 'L-peptide linking' y THREONINE       ? 'C4 H9 N O3'     119.119 
TYR 'L-peptide linking' y TYROSINE        ? 'C9 H11 N O3'    181.189 
VAL 'L-peptide linking' y VALINE          ? 'C5 H11 N O2'    117.146 
# 
_exptl.absorpt_coefficient_mu     ? 
_exptl.absorpt_correction_T_max   ? 
_exptl.absorpt_correction_T_min   ? 
_exptl.absorpt_correction_type    ? 
_exptl.absorpt_process_details    ? 
_exptl.entry_id                   8HEK 
_exptl.crystals_number            1 
_exptl.details                    ? 
_exptl.method                     'X-RAY DIFFRACTION' 
_exptl.method_details             ? 
# 
_exptl_crystal.colour                       ? 
_exptl_crystal.density_diffrn               ? 
_exptl_crystal.density_Matthews             1.73 
_exptl_crystal.density_method               ? 
_exptl_crystal.density_percent_sol          28.76 
_exptl_crystal.description                  ? 
_exptl_crystal.F_000                        ? 
_exptl_crystal.id                           1 
_exptl_crystal.preparation                  ? 
_exptl_crystal.size_max                     ? 
_exptl_crystal.size_mid                     ? 
_exptl_crystal.size_min                     ? 
_exptl_crystal.size_rad                     ? 
_exptl_crystal.colour_lustre                ? 
_exptl_crystal.colour_modifier              ? 
_exptl_crystal.colour_primary               ? 
_exptl_crystal.density_meas                 ? 
_exptl_crystal.density_meas_esd             ? 
_exptl_crystal.density_meas_gt              ? 
_exptl_crystal.density_meas_lt              ? 
_exptl_crystal.density_meas_temp            ? 
_exptl_crystal.density_meas_temp_esd        ? 
_exptl_crystal.density_meas_temp_gt         ? 
_exptl_crystal.density_meas_temp_lt         ? 
_exptl_crystal.pdbx_crystal_image_url       ? 
_exptl_crystal.pdbx_crystal_image_format    ? 
_exptl_crystal.pdbx_mosaicity               ? 
_exptl_crystal.pdbx_mosaicity_esd           ? 
_exptl_crystal.pdbx_mosaic_method           ? 
_exptl_crystal.pdbx_mosaic_block_size       ? 
_exptl_crystal.pdbx_mosaic_block_size_esd   ? 
# 
_exptl_crystal_grow.apparatus       ? 
_exptl_crystal_grow.atmosphere      ? 
_exptl_crystal_grow.crystal_id      1 
_exptl_crystal_grow.details         ? 
_exptl_crystal_grow.method          'VAPOR DIFFUSION' 
_exptl_crystal_grow.method_ref      ? 
_exptl_crystal_grow.pH              ? 
_exptl_crystal_grow.pressure        ? 
_exptl_crystal_grow.pressure_esd    ? 
_exptl_crystal_grow.seeding         ? 
_exptl_crystal_grow.seeding_ref     ? 
_exptl_crystal_grow.temp            293 
_exptl_crystal_grow.temp_details    ? 
_exptl_crystal_grow.temp_esd        ? 
_exptl_crystal_grow.time            ? 
_exptl_crystal_grow.pdbx_details    '17% w/v PEG8000, 200 mM sodium chloride, 100 mM sodium phosphate dibasic/citric acid, pH 3.8' 
_exptl_crystal_grow.pdbx_pH_range   ? 
# 
_diffrn.ambient_environment              ? 
_diffrn.ambient_temp                     100 
_diffrn.ambient_temp_details             ? 
_diffrn.ambient_temp_esd                 ? 
_diffrn.crystal_id                       1 
_diffrn.crystal_support                  ? 
_diffrn.crystal_treatment                ? 
_diffrn.details                          ? 
_diffrn.id                               1 
_diffrn.ambient_pressure                 ? 
_diffrn.ambient_pressure_esd             ? 
_diffrn.ambient_pressure_gt              ? 
_diffrn.ambient_pressure_lt              ? 
_diffrn.ambient_temp_gt                  ? 
_diffrn.ambient_temp_lt                  ? 
_diffrn.pdbx_serial_crystal_experiment   N 
# 
_diffrn_detector.details                      ? 
_diffrn_detector.detector                     CCD 
_diffrn_detector.diffrn_id                    1 
_diffrn_detector.type                         'ADSC QUANTUM 270' 
_diffrn_detector.area_resol_mean              ? 
_diffrn_detector.dtime                        ? 
_diffrn_detector.pdbx_frames_total            ? 
_diffrn_detector.pdbx_collection_time_total   ? 
_diffrn_detector.pdbx_collection_date         2019-03-11 
_diffrn_detector.pdbx_frequency               ? 
# 
_diffrn_radiation.collimation                      ? 
_diffrn_radiation.diffrn_id                        1 
_diffrn_radiation.filter_edge                      ? 
_diffrn_radiation.inhomogeneity                    ? 
_diffrn_radiation.monochromator                    ? 
_diffrn_radiation.polarisn_norm                    ? 
_diffrn_radiation.polarisn_ratio                   ? 
_diffrn_radiation.probe                            ? 
_diffrn_radiation.type                             ? 
_diffrn_radiation.xray_symbol                      ? 
_diffrn_radiation.wavelength_id                    1 
_diffrn_radiation.pdbx_monochromatic_or_laue_m_l   M 
_diffrn_radiation.pdbx_wavelength_list             ? 
_diffrn_radiation.pdbx_wavelength                  ? 
_diffrn_radiation.pdbx_diffrn_protocol             'SINGLE WAVELENGTH' 
_diffrn_radiation.pdbx_analyzer                    ? 
_diffrn_radiation.pdbx_scattering_type             x-ray 
# 
_diffrn_radiation_wavelength.id           1 
_diffrn_radiation_wavelength.wavelength   0.9792 
_diffrn_radiation_wavelength.wt           1.0 
# 
_diffrn_source.current                     ? 
_diffrn_source.details                     ? 
_diffrn_source.diffrn_id                   1 
_diffrn_source.power                       ? 
_diffrn_source.size                        ? 
_diffrn_source.source                      SYNCHROTRON 
_diffrn_source.target                      ? 
_diffrn_source.type                        'PAL/PLS BEAMLINE 7A (6B, 6C1)' 
_diffrn_source.voltage                     ? 
_diffrn_source.take-off_angle              ? 
_diffrn_source.pdbx_wavelength_list        0.9792 
_diffrn_source.pdbx_wavelength             ? 
_diffrn_source.pdbx_synchrotron_beamline   '7A (6B, 6C1)' 
_diffrn_source.pdbx_synchrotron_site       PAL/PLS 
# 
_reflns.B_iso_Wilson_estimate                          ? 
_reflns.entry_id                                       8HEK 
_reflns.data_reduction_details                         ? 
_reflns.data_reduction_method                          ? 
_reflns.d_resolution_high                              1.230 
_reflns.d_resolution_low                               50.000 
_reflns.details                                        ? 
_reflns.limit_h_max                                    ? 
_reflns.limit_h_min                                    ? 
_reflns.limit_k_max                                    ? 
_reflns.limit_k_min                                    ? 
_reflns.limit_l_max                                    ? 
_reflns.limit_l_min                                    ? 
_reflns.number_all                                     ? 
_reflns.number_obs                                     21354 
_reflns.observed_criterion                             ? 
_reflns.observed_criterion_F_max                       ? 
_reflns.observed_criterion_F_min                       ? 
_reflns.observed_criterion_I_max                       ? 
_reflns.observed_criterion_I_min                       ? 
_reflns.observed_criterion_sigma_F                     ? 
_reflns.observed_criterion_sigma_I                     ? 
_reflns.percent_possible_obs                           98.300 
_reflns.R_free_details                                 ? 
_reflns.Rmerge_F_all                                   ? 
_reflns.Rmerge_F_obs                                   ? 
_reflns.Friedel_coverage                               ? 
_reflns.number_gt                                      ? 
_reflns.threshold_expression                           ? 
_reflns.pdbx_redundancy                                13.800 
_reflns.pdbx_Rmerge_I_obs                              0.077 
_reflns.pdbx_Rmerge_I_all                              ? 
_reflns.pdbx_Rsym_value                                ? 
_reflns.pdbx_netI_over_av_sigmaI                       ? 
_reflns.pdbx_netI_over_sigmaI                          16.000 
_reflns.pdbx_res_netI_over_av_sigmaI_2                 ? 
_reflns.pdbx_res_netI_over_sigmaI_2                    ? 
_reflns.pdbx_chi_squared                               0.991 
_reflns.pdbx_scaling_rejects                           ? 
_reflns.pdbx_d_res_high_opt                            ? 
_reflns.pdbx_d_res_low_opt                             ? 
_reflns.pdbx_d_res_opt_method                          ? 
_reflns.phase_calculation_details                      ? 
_reflns.pdbx_Rrim_I_all                                0.080 
_reflns.pdbx_Rpim_I_all                                0.022 
_reflns.pdbx_d_opt                                     ? 
_reflns.pdbx_number_measured_all                       294824 
_reflns.pdbx_diffrn_id                                 1 
_reflns.pdbx_ordinal                                   1 
_reflns.pdbx_CC_half                                   ? 
_reflns.pdbx_CC_star                                   ? 
_reflns.pdbx_R_split                                   ? 
_reflns.pdbx_aniso_diffraction_limit_axis_1_ortho[1]   ? 
_reflns.pdbx_aniso_diffraction_limit_axis_1_ortho[2]   ? 
_reflns.pdbx_aniso_diffraction_limit_axis_1_ortho[3]   ? 
_reflns.pdbx_aniso_diffraction_limit_axis_2_ortho[1]   ? 
_reflns.pdbx_aniso_diffraction_limit_axis_2_ortho[2]   ? 
_reflns.pdbx_aniso_diffraction_limit_axis_2_ortho[3]   ? 
_reflns.pdbx_aniso_diffraction_limit_axis_3_ortho[1]   ? 
_reflns.pdbx_aniso_diffraction_limit_axis_3_ortho[2]   ? 
_reflns.pdbx_aniso_diffraction_limit_axis_3_ortho[3]   ? 
_reflns.pdbx_aniso_diffraction_limit_1                 ? 
_reflns.pdbx_aniso_diffraction_limit_2                 ? 
_reflns.pdbx_aniso_diffraction_limit_3                 ? 
_reflns.pdbx_aniso_B_tensor_eigenvector_1_ortho[1]     ? 
_reflns.pdbx_aniso_B_tensor_eigenvector_1_ortho[2]     ? 
_reflns.pdbx_aniso_B_tensor_eigenvector_1_ortho[3]     ? 
_reflns.pdbx_aniso_B_tensor_eigenvector_2_ortho[1]     ? 
_reflns.pdbx_aniso_B_tensor_eigenvector_2_ortho[2]     ? 
_reflns.pdbx_aniso_B_tensor_eigenvector_2_ortho[3]     ? 
_reflns.pdbx_aniso_B_tensor_eigenvector_3_ortho[1]     ? 
_reflns.pdbx_aniso_B_tensor_eigenvector_3_ortho[2]     ? 
_reflns.pdbx_aniso_B_tensor_eigenvector_3_ortho[3]     ? 
_reflns.pdbx_aniso_B_tensor_eigenvalue_1               ? 
_reflns.pdbx_aniso_B_tensor_eigenvalue_2               ? 
_reflns.pdbx_aniso_B_tensor_eigenvalue_3               ? 
_reflns.pdbx_orthogonalization_convention              ? 
_reflns.pdbx_percent_possible_ellipsoidal              ? 
_reflns.pdbx_percent_possible_spherical                ? 
_reflns.pdbx_percent_possible_ellipsoidal_anomalous    ? 
_reflns.pdbx_percent_possible_spherical_anomalous      ? 
_reflns.pdbx_redundancy_anomalous                      ? 
_reflns.pdbx_CC_half_anomalous                         ? 
_reflns.pdbx_absDiff_over_sigma_anomalous              ? 
_reflns.pdbx_percent_possible_anomalous                ? 
_reflns.pdbx_observed_signal_threshold                 ? 
_reflns.pdbx_signal_type                               ? 
_reflns.pdbx_signal_details                            ? 
_reflns.pdbx_signal_software_id                        ? 
_reflns.pdbx_CC_split_method                           ? 
# 
loop_
_reflns_shell.d_res_high 
_reflns_shell.d_res_low 
_reflns_shell.meanI_over_sigI_all 
_reflns_shell.meanI_over_sigI_obs 
_reflns_shell.number_measured_all 
_reflns_shell.number_measured_obs 
_reflns_shell.number_possible 
_reflns_shell.number_unique_all 
_reflns_shell.number_unique_obs 
_reflns_shell.percent_possible_all 
_reflns_shell.percent_possible_obs 
_reflns_shell.Rmerge_F_all 
_reflns_shell.Rmerge_F_obs 
_reflns_shell.Rmerge_I_all 
_reflns_shell.Rmerge_I_obs 
_reflns_shell.meanI_over_sigI_gt 
_reflns_shell.meanI_over_uI_all 
_reflns_shell.meanI_over_uI_gt 
_reflns_shell.number_measured_gt 
_reflns_shell.number_unique_gt 
_reflns_shell.percent_possible_gt 
_reflns_shell.Rmerge_F_gt 
_reflns_shell.Rmerge_I_gt 
_reflns_shell.pdbx_redundancy 
_reflns_shell.pdbx_Rsym_value 
_reflns_shell.pdbx_chi_squared 
_reflns_shell.pdbx_netI_over_sigmaI_all 
_reflns_shell.pdbx_netI_over_sigmaI_obs 
_reflns_shell.pdbx_Rrim_I_all 
_reflns_shell.pdbx_Rpim_I_all 
_reflns_shell.pdbx_rejects 
_reflns_shell.pdbx_ordinal 
_reflns_shell.pdbx_diffrn_id 
_reflns_shell.pdbx_CC_half 
_reflns_shell.pdbx_CC_star 
_reflns_shell.pdbx_R_split 
_reflns_shell.pdbx_percent_possible_ellipsoidal 
_reflns_shell.pdbx_percent_possible_spherical 
_reflns_shell.pdbx_percent_possible_ellipsoidal_anomalous 
_reflns_shell.pdbx_percent_possible_spherical_anomalous 
_reflns_shell.pdbx_redundancy_anomalous 
_reflns_shell.pdbx_CC_half_anomalous 
_reflns_shell.pdbx_absDiff_over_sigma_anomalous 
_reflns_shell.pdbx_percent_possible_anomalous 
1.230 1.270  ? ? ? ? ? ? 2072 97.800 ? ? ? ? 0.222 ? ? ? ? ? ? ? ? 13.200 ? 1.085 ? ? 0.231 0.063 ? 1  1 0.974 ? ? ? ? ? ? ? ? ? ? 
1.270 1.320  ? ? ? ? ? ? 2092 98.200 ? ? ? ? 0.146 ? ? ? ? ? ? ? ? 14.300 ? 1.004 ? ? 0.151 0.040 ? 2  1 0.987 ? ? ? ? ? ? ? ? ? ? 
1.320 1.390  ? ? ? ? ? ? 2091 98.500 ? ? ? ? 0.108 ? ? ? ? ? ? ? ? 14.300 ? 0.988 ? ? 0.112 0.029 ? 3  1 0.996 ? ? ? ? ? ? ? ? ? ? 
1.390 1.460  ? ? ? ? ? ? 2112 98.800 ? ? ? ? 0.097 ? ? ? ? ? ? ? ? 14.300 ? 0.960 ? ? 0.101 0.026 ? 4  1 0.996 ? ? ? ? ? ? ? ? ? ? 
1.460 1.550  ? ? ? ? ? ? 2117 99.000 ? ? ? ? 0.088 ? ? ? ? ? ? ? ? 14.300 ? 0.995 ? ? 0.091 0.024 ? 5  1 0.998 ? ? ? ? ? ? ? ? ? ? 
1.550 1.670  ? ? ? ? ? ? 2157 99.400 ? ? ? ? 0.080 ? ? ? ? ? ? ? ? 14.300 ? 1.014 ? ? 0.083 0.022 ? 6  1 0.997 ? ? ? ? ? ? ? ? ? ? 
1.670 1.840  ? ? ? ? ? ? 2148 99.500 ? ? ? ? 0.074 ? ? ? ? ? ? ? ? 14.200 ? 0.948 ? ? 0.077 0.020 ? 7  1 0.998 ? ? ? ? ? ? ? ? ? ? 
1.840 2.100  ? ? ? ? ? ? 2186 99.800 ? ? ? ? 0.070 ? ? ? ? ? ? ? ? 14.100 ? 0.959 ? ? 0.073 0.019 ? 8  1 0.998 ? ? ? ? ? ? ? ? ? ? 
2.100 2.650  ? ? ? ? ? ? 2189 99.600 ? ? ? ? 0.068 ? ? ? ? ? ? ? ? 13.700 ? 0.985 ? ? 0.070 0.019 ? 9  1 0.998 ? ? ? ? ? ? ? ? ? ? 
2.650 50.000 ? ? ? ? ? ? 2190 93.300 ? ? ? ? 0.073 ? ? ? ? ? ? ? ? 11.500 ? 0.976 ? ? 0.077 0.023 ? 10 1 0.992 ? ? ? ? ? ? ? ? ? ? 
# 
_refine.aniso_B[1][1]                            ? 
_refine.aniso_B[1][2]                            ? 
_refine.aniso_B[1][3]                            ? 
_refine.aniso_B[2][2]                            ? 
_refine.aniso_B[2][3]                            ? 
_refine.aniso_B[3][3]                            ? 
_refine.B_iso_max                                55.400 
_refine.B_iso_mean                               13.8349 
_refine.B_iso_min                                3.150 
_refine.correlation_coeff_Fo_to_Fc               ? 
_refine.correlation_coeff_Fo_to_Fc_free          ? 
_refine.details                                  ? 
_refine.diff_density_max                         ? 
_refine.diff_density_max_esd                     ? 
_refine.diff_density_min                         ? 
_refine.diff_density_min_esd                     ? 
_refine.diff_density_rms                         ? 
_refine.diff_density_rms_esd                     ? 
_refine.entry_id                                 8HEK 
_refine.pdbx_refine_id                           'X-RAY DIFFRACTION' 
_refine.ls_abs_structure_details                 ? 
_refine.ls_abs_structure_Flack                   ? 
_refine.ls_abs_structure_Flack_esd               ? 
_refine.ls_abs_structure_Rogers                  ? 
_refine.ls_abs_structure_Rogers_esd              ? 
_refine.ls_d_res_high                            1.230 
_refine.ls_d_res_low                             28.1850 
_refine.ls_extinction_coef                       ? 
_refine.ls_extinction_coef_esd                   ? 
_refine.ls_extinction_expression                 ? 
_refine.ls_extinction_method                     ? 
_refine.ls_goodness_of_fit_all                   ? 
_refine.ls_goodness_of_fit_all_esd               ? 
_refine.ls_goodness_of_fit_obs                   ? 
_refine.ls_goodness_of_fit_obs_esd               ? 
_refine.ls_hydrogen_treatment                    ? 
_refine.ls_matrix_type                           ? 
_refine.ls_number_constraints                    ? 
_refine.ls_number_parameters                     ? 
_refine.ls_number_reflns_all                     ? 
_refine.ls_number_reflns_obs                     21310 
_refine.ls_number_reflns_R_free                  1066 
_refine.ls_number_reflns_R_work                  20244 
_refine.ls_number_restraints                     ? 
_refine.ls_percent_reflns_obs                    98.3400 
_refine.ls_percent_reflns_R_free                 5.0000 
_refine.ls_R_factor_all                          ? 
_refine.ls_R_factor_obs                          0.1814 
_refine.ls_R_factor_R_free                       0.1989 
_refine.ls_R_factor_R_free_error                 ? 
_refine.ls_R_factor_R_free_error_details         ? 
_refine.ls_R_factor_R_work                       0.1805 
_refine.ls_R_Fsqd_factor_obs                     ? 
_refine.ls_R_I_factor_obs                        ? 
_refine.ls_redundancy_reflns_all                 ? 
_refine.ls_redundancy_reflns_obs                 ? 
_refine.ls_restrained_S_all                      ? 
_refine.ls_restrained_S_obs                      ? 
_refine.ls_shift_over_esd_max                    ? 
_refine.ls_shift_over_esd_mean                   ? 
_refine.ls_structure_factor_coef                 ? 
_refine.ls_weighting_details                     ? 
_refine.ls_weighting_scheme                      ? 
_refine.ls_wR_factor_all                         ? 
_refine.ls_wR_factor_obs                         ? 
_refine.ls_wR_factor_R_free                      ? 
_refine.ls_wR_factor_R_work                      ? 
_refine.occupancy_max                            ? 
_refine.occupancy_min                            ? 
_refine.solvent_model_details                    'FLAT BULK SOLVENT MODEL' 
_refine.solvent_model_param_bsol                 ? 
_refine.solvent_model_param_ksol                 ? 
_refine.pdbx_R_complete                          ? 
_refine.ls_R_factor_gt                           ? 
_refine.ls_goodness_of_fit_gt                    ? 
_refine.ls_goodness_of_fit_ref                   ? 
_refine.ls_shift_over_su_max                     ? 
_refine.ls_shift_over_su_max_lt                  ? 
_refine.ls_shift_over_su_mean                    ? 
_refine.ls_shift_over_su_mean_lt                 ? 
_refine.pdbx_ls_sigma_I                          ? 
_refine.pdbx_ls_sigma_F                          1.350 
_refine.pdbx_ls_sigma_Fsqd                       ? 
_refine.pdbx_data_cutoff_high_absF               ? 
_refine.pdbx_data_cutoff_high_rms_absF           ? 
_refine.pdbx_data_cutoff_low_absF                ? 
_refine.pdbx_isotropic_thermal_model             ? 
_refine.pdbx_ls_cross_valid_method               THROUGHOUT 
_refine.pdbx_method_to_determine_struct          SAD 
_refine.pdbx_starting_model                      ? 
_refine.pdbx_stereochemistry_target_values       ML 
_refine.pdbx_R_Free_selection_details            ? 
_refine.pdbx_stereochem_target_val_spec_case     ? 
_refine.pdbx_overall_ESU_R                       ? 
_refine.pdbx_overall_ESU_R_Free                  ? 
_refine.pdbx_solvent_vdw_probe_radii             1.1100 
_refine.pdbx_solvent_ion_probe_radii             ? 
_refine.pdbx_solvent_shrinkage_radii             0.9000 
_refine.pdbx_real_space_R                        ? 
_refine.pdbx_density_correlation                 ? 
_refine.pdbx_pd_number_of_powder_patterns        ? 
_refine.pdbx_pd_number_of_points                 ? 
_refine.pdbx_pd_meas_number_of_points            ? 
_refine.pdbx_pd_proc_ls_prof_R_factor            ? 
_refine.pdbx_pd_proc_ls_prof_wR_factor           ? 
_refine.pdbx_pd_Marquardt_correlation_coeff      ? 
_refine.pdbx_pd_Fsqrd_R_factor                   ? 
_refine.pdbx_pd_ls_matrix_band_width             ? 
_refine.pdbx_overall_phase_error                 18.3100 
_refine.pdbx_overall_SU_R_free_Cruickshank_DPI   ? 
_refine.pdbx_overall_SU_R_free_Blow_DPI          ? 
_refine.pdbx_overall_SU_R_Blow_DPI               ? 
_refine.pdbx_TLS_residual_ADP_flag               ? 
_refine.pdbx_diffrn_id                           1 
_refine.overall_SU_B                             ? 
_refine.overall_SU_ML                            0.1000 
_refine.overall_SU_R_Cruickshank_DPI             ? 
_refine.overall_SU_R_free                        ? 
_refine.overall_FOM_free_R_set                   ? 
_refine.overall_FOM_work_R_set                   ? 
_refine.pdbx_average_fsc_overall                 ? 
_refine.pdbx_average_fsc_work                    ? 
_refine.pdbx_average_fsc_free                    ? 
# 
_refine_hist.pdbx_refine_id                   'X-RAY DIFFRACTION' 
_refine_hist.cycle_id                         final 
_refine_hist.details                          ? 
_refine_hist.d_res_high                       1.230 
_refine_hist.d_res_low                        28.1850 
_refine_hist.number_atoms_solvent             117 
_refine_hist.number_atoms_total               797 
_refine_hist.number_reflns_all                ? 
_refine_hist.number_reflns_obs                ? 
_refine_hist.number_reflns_R_free             ? 
_refine_hist.number_reflns_R_work             ? 
_refine_hist.R_factor_all                     ? 
_refine_hist.R_factor_obs                     ? 
_refine_hist.R_factor_R_free                  ? 
_refine_hist.R_factor_R_work                  ? 
_refine_hist.pdbx_number_residues_total       87 
_refine_hist.pdbx_B_iso_mean_ligand           ? 
_refine_hist.pdbx_B_iso_mean_solvent          22.88 
_refine_hist.pdbx_number_atoms_protein        680 
_refine_hist.pdbx_number_atoms_nucleic_acid   0 
_refine_hist.pdbx_number_atoms_ligand         0 
_refine_hist.pdbx_number_atoms_lipid          ? 
_refine_hist.pdbx_number_atoms_carb           ? 
_refine_hist.pdbx_pseudo_atom_details         ? 
# 
loop_
_refine_ls_restr.pdbx_refine_id 
_refine_ls_restr.criterion 
_refine_ls_restr.dev_ideal 
_refine_ls_restr.dev_ideal_target 
_refine_ls_restr.number 
_refine_ls_restr.rejects 
_refine_ls_restr.type 
_refine_ls_restr.weight 
_refine_ls_restr.pdbx_restraint_function 
'X-RAY DIFFRACTION' ? 0.006  ? 716 ? f_bond_d           ? ? 
'X-RAY DIFFRACTION' ? 1.003  ? 974 ? f_angle_d          ? ? 
'X-RAY DIFFRACTION' ? 0.044  ? 105 ? f_chiral_restr     ? ? 
'X-RAY DIFFRACTION' ? 0.004  ? 132 ? f_plane_restr      ? ? 
'X-RAY DIFFRACTION' ? 11.680 ? 256 ? f_dihedral_angle_d ? ? 
# 
loop_
_refine_ls_shell.pdbx_refine_id 
_refine_ls_shell.d_res_high 
_refine_ls_shell.d_res_low 
_refine_ls_shell.number_reflns_all 
_refine_ls_shell.number_reflns_obs 
_refine_ls_shell.number_reflns_R_free 
_refine_ls_shell.number_reflns_R_work 
_refine_ls_shell.percent_reflns_obs 
_refine_ls_shell.percent_reflns_R_free 
_refine_ls_shell.R_factor_all 
_refine_ls_shell.R_factor_obs 
_refine_ls_shell.R_factor_R_free 
_refine_ls_shell.R_factor_R_free_error 
_refine_ls_shell.R_factor_R_work 
_refine_ls_shell.redundancy_reflns_all 
_refine_ls_shell.redundancy_reflns_obs 
_refine_ls_shell.wR_factor_all 
_refine_ls_shell.wR_factor_obs 
_refine_ls_shell.wR_factor_R_free 
_refine_ls_shell.wR_factor_R_work 
_refine_ls_shell.pdbx_R_complete 
_refine_ls_shell.pdbx_total_number_of_bins_used 
_refine_ls_shell.pdbx_phase_error 
_refine_ls_shell.pdbx_fsc_work 
_refine_ls_shell.pdbx_fsc_free 
'X-RAY DIFFRACTION' 1.230  1.2853  . . 130 2463 97.0000  . . . 0.2183 0.0000 0.2035 . . . . . . . . . . . 
'X-RAY DIFFRACTION' 1.2853 1.3530  . . 131 2481 98.0000  . . . 0.2239 0.0000 0.1914 . . . . . . . . . . . 
'X-RAY DIFFRACTION' 1.3530 1.4378  . . 131 2501 99.0000  . . . 0.1942 0.0000 0.1795 . . . . . . . . . . . 
'X-RAY DIFFRACTION' 1.4378 1.5488  . . 132 2502 99.0000  . . . 0.1859 0.0000 0.1734 . . . . . . . . . . . 
'X-RAY DIFFRACTION' 1.5488 1.7047  . . 134 2563 99.0000  . . . 0.1848 0.0000 0.1780 . . . . . . . . . . . 
'X-RAY DIFFRACTION' 1.7047 1.9513  . . 136 2567 100.0000 . . . 0.2041 0.0000 0.1781 . . . . . . . . . . . 
'X-RAY DIFFRACTION' 1.9513 2.4582  . . 136 2595 100.0000 . . . 0.1805 0.0000 0.1688 . . . . . . . . . . . 
'X-RAY DIFFRACTION' 2.4582 28.1850 . . 136 2572 94.0000  . . . 0.2108 0.0000 0.1869 . . . . . . . . . . . 
# 
_struct.entry_id                     8HEK 
_struct.title                        'Crystal Structure of Anti-CRISPR AcrIE2' 
_struct.pdbx_model_details           ? 
_struct.pdbx_formula_weight          ? 
_struct.pdbx_formula_weight_method   ? 
_struct.pdbx_model_type_details      ? 
_struct.pdbx_CASP_flag               N 
# 
_struct_keywords.entry_id        8HEK 
_struct_keywords.text            'Anti-CRISPR protein, VIRAL PROTEIN' 
_struct_keywords.pdbx_keywords   'VIRAL PROTEIN' 
# 
loop_
_struct_asym.id 
_struct_asym.pdbx_blank_PDB_chainid_flag 
_struct_asym.pdbx_modified 
_struct_asym.entity_id 
_struct_asym.details 
A N N 1 ? 
B N N 2 ? 
# 
loop_
_struct_conf.conf_type_id 
_struct_conf.id 
_struct_conf.pdbx_PDB_helix_id 
_struct_conf.beg_label_comp_id 
_struct_conf.beg_label_asym_id 
_struct_conf.beg_label_seq_id 
_struct_conf.pdbx_beg_PDB_ins_code 
_struct_conf.end_label_comp_id 
_struct_conf.end_label_asym_id 
_struct_conf.end_label_seq_id 
_struct_conf.pdbx_end_PDB_ins_code 
_struct_conf.beg_auth_comp_id 
_struct_conf.beg_auth_asym_id 
_struct_conf.beg_auth_seq_id 
_struct_conf.end_auth_comp_id 
_struct_conf.end_auth_asym_id 
_struct_conf.end_auth_seq_id 
_struct_conf.pdbx_PDB_helix_class 
_struct_conf.details 
_struct_conf.pdbx_PDB_helix_length 
HELX_P HELX_P1 AA1 PRO A 8  ? ASP A 13 ? PRO A 8  ASP A 13 5 ? 6  
HELX_P HELX_P2 AA2 ASP A 25 ? GLY A 39 ? ASP A 25 GLY A 39 1 ? 15 
# 
_struct_conf_type.id          HELX_P 
_struct_conf_type.criteria    ? 
_struct_conf_type.reference   ? 
# 
_struct_sheet.id               AA1 
_struct_sheet.type             ? 
_struct_sheet.number_strands   5 
_struct_sheet.details          ? 
# 
loop_
_struct_sheet_order.sheet_id 
_struct_sheet_order.range_id_1 
_struct_sheet_order.range_id_2 
_struct_sheet_order.offset 
_struct_sheet_order.sense 
AA1 1 2 ? anti-parallel 
AA1 2 3 ? anti-parallel 
AA1 3 4 ? anti-parallel 
AA1 4 5 ? anti-parallel 
# 
loop_
_struct_sheet_range.sheet_id 
_struct_sheet_range.id 
_struct_sheet_range.beg_label_comp_id 
_struct_sheet_range.beg_label_asym_id 
_struct_sheet_range.beg_label_seq_id 
_struct_sheet_range.pdbx_beg_PDB_ins_code 
_struct_sheet_range.end_label_comp_id 
_struct_sheet_range.end_label_asym_id 
_struct_sheet_range.end_label_seq_id 
_struct_sheet_range.pdbx_end_PDB_ins_code 
_struct_sheet_range.beg_auth_comp_id 
_struct_sheet_range.beg_auth_asym_id 
_struct_sheet_range.beg_auth_seq_id 
_struct_sheet_range.end_auth_comp_id 
_struct_sheet_range.end_auth_asym_id 
_struct_sheet_range.end_auth_seq_id 
AA1 1 PHE A 19 ? ALA A 23 ? PHE A 19 ALA A 23 
AA1 2 ASN A 2  ? ASP A 7  ? ASN A 2  ASP A 7  
AA1 3 GLU A 72 ? LEU A 84 ? GLU A 72 LEU A 84 
AA1 4 GLY A 57 ? HIS A 64 ? GLY A 57 HIS A 64 
AA1 5 LEU A 45 ? ARG A 48 ? LEU A 45 ARG A 48 
# 
loop_
_pdbx_struct_sheet_hbond.sheet_id 
_pdbx_struct_sheet_hbond.range_id_1 
_pdbx_struct_sheet_hbond.range_id_2 
_pdbx_struct_sheet_hbond.range_1_label_atom_id 
_pdbx_struct_sheet_hbond.range_1_label_comp_id 
_pdbx_struct_sheet_hbond.range_1_label_asym_id 
_pdbx_struct_sheet_hbond.range_1_label_seq_id 
_pdbx_struct_sheet_hbond.range_1_PDB_ins_code 
_pdbx_struct_sheet_hbond.range_1_auth_atom_id 
_pdbx_struct_sheet_hbond.range_1_auth_comp_id 
_pdbx_struct_sheet_hbond.range_1_auth_asym_id 
_pdbx_struct_sheet_hbond.range_1_auth_seq_id 
_pdbx_struct_sheet_hbond.range_2_label_atom_id 
_pdbx_struct_sheet_hbond.range_2_label_comp_id 
_pdbx_struct_sheet_hbond.range_2_label_asym_id 
_pdbx_struct_sheet_hbond.range_2_label_seq_id 
_pdbx_struct_sheet_hbond.range_2_PDB_ins_code 
_pdbx_struct_sheet_hbond.range_2_auth_atom_id 
_pdbx_struct_sheet_hbond.range_2_auth_comp_id 
_pdbx_struct_sheet_hbond.range_2_auth_asym_id 
_pdbx_struct_sheet_hbond.range_2_auth_seq_id 
AA1 1 2 O PHE A 19 ? O PHE A 19 N ILE A 6  ? N ILE A 6  
AA1 2 3 N LEU A 5  ? N LEU A 5  O MET A 82 ? O MET A 82 
AA1 3 4 O PHE A 79 ? O PHE A 79 N PHE A 59 ? N PHE A 59 
AA1 4 5 O GLN A 60 ? O GLN A 60 N TYR A 47 ? N TYR A 47 
# 
_atom_sites.entry_id                    8HEK 
_atom_sites.Cartn_transf_matrix[1][1]   ? 
_atom_sites.Cartn_transf_matrix[1][2]   ? 
_atom_sites.Cartn_transf_matrix[1][3]   ? 
_atom_sites.Cartn_transf_matrix[2][1]   ? 
_atom_sites.Cartn_transf_matrix[2][2]   ? 
_atom_sites.Cartn_transf_matrix[2][3]   ? 
_atom_sites.Cartn_transf_matrix[3][1]   ? 
_atom_sites.Cartn_transf_matrix[3][2]   ? 
_atom_sites.Cartn_transf_matrix[3][3]   ? 
_atom_sites.Cartn_transf_vector[1]      ? 
_atom_sites.Cartn_transf_vector[2]      ? 
_atom_sites.Cartn_transf_vector[3]      ? 
_atom_sites.fract_transf_matrix[1][1]   -0.02092770 
_atom_sites.fract_transf_matrix[1][2]   -0.02844372 
_atom_sites.fract_transf_matrix[1][3]   0.01134914 
_atom_sites.fract_transf_matrix[2][1]   0.01673678 
_atom_sites.fract_transf_matrix[2][2]   -0.01281791 
_atom_sites.fract_transf_matrix[2][3]   -0.00126235 
_atom_sites.fract_transf_matrix[3][1]   0.00410757 
_atom_sites.fract_transf_matrix[3][2]   0.00370338 
_atom_sites.fract_transf_matrix[3][3]   0.01685587 
_atom_sites.fract_transf_vector[1]      0.118345 
_atom_sites.fract_transf_vector[2]      0.207708 
_atom_sites.fract_transf_vector[3]      1.267385 
_atom_sites.solution_primary            ? 
_atom_sites.solution_secondary          ? 
_atom_sites.solution_hydrogens          ? 
_atom_sites.special_details             ? 
# 
loop_
_atom_type.symbol 
C 
N 
O 
S 
# 
loop_
_atom_site.group_PDB 
_atom_site.id 
_atom_site.type_symbol 
_atom_site.label_atom_id 
_atom_site.label_alt_id 
_atom_site.label_comp_id 
_atom_site.label_asym_id 
_atom_site.label_entity_id 
_atom_site.label_seq_id 
_atom_site.pdbx_PDB_ins_code 
_atom_site.Cartn_x 
_atom_site.Cartn_y 
_atom_site.Cartn_z 
_atom_site.occupancy 
_atom_site.B_iso_or_equiv 
_atom_site.pdbx_formal_charge 
_atom_site.auth_seq_id 
_atom_site.auth_comp_id 
_atom_site.auth_asym_id 
_atom_site.auth_atom_id 
_atom_site.pdbx_PDB_model_num 
ATOM   1   N N   . MET A 1 1  ? -1.752  -7.279  -17.077 1.00 16.17 ? 1   MET A N   1 
ATOM   2   C CA  . MET A 1 1  ? -1.209  -7.292  -15.681 1.00 12.31 ? 1   MET A CA  1 
ATOM   3   C C   . MET A 1 1  ? 0.127   -6.534  -15.640 1.00 12.71 ? 1   MET A C   1 
ATOM   4   O O   . MET A 1 1  ? 0.910   -6.621  -16.591 1.00 15.26 ? 1   MET A O   1 
ATOM   5   C CB  . MET A 1 1  ? -1.040  -8.731  -15.184 1.00 14.03 ? 1   MET A CB  1 
ATOM   6   C CG  . MET A 1 1  ? -0.855  -8.845  -13.672 1.00 10.31 ? 1   MET A CG  1 
ATOM   7   S SD  . MET A 1 1  ? -2.268  -8.250  -12.704 1.00 10.54 ? 1   MET A SD  1 
ATOM   8   C CE  . MET A 1 1  ? -3.574  -9.321  -13.308 1.00 12.81 ? 1   MET A CE  1 
ATOM   9   N N   . ASN A 1 2  ? 0.317   -5.749  -14.587 1.00 9.75  ? 2   ASN A N   1 
ATOM   10  C CA  . ASN A 1 2  ? 1.587   -5.013  -14.366 1.00 9.54  ? 2   ASN A CA  1 
ATOM   11  C C   . ASN A 1 2  ? 2.241   -5.489  -13.060 1.00 7.59  ? 2   ASN A C   1 
ATOM   12  O O   . ASN A 1 2  ? 1.542   -6.021  -12.199 1.00 9.03  ? 2   ASN A O   1 
ATOM   13  C CB  . ASN A 1 2  ? 1.369   -3.501  -14.298 1.00 9.96  ? 2   ASN A CB  1 
ATOM   14  C CG  . ASN A 1 2  ? 0.635   -2.939  -15.499 1.00 10.65 ? 2   ASN A CG  1 
ATOM   15  O OD1 . ASN A 1 2  ? 0.964   -3.260  -16.632 1.00 12.89 ? 2   ASN A OD1 1 
ATOM   16  N ND2 . ASN A 1 2  ? -0.355  -2.098  -15.269 1.00 11.75 ? 2   ASN A ND2 1 
ATOM   17  N N   . THR A 1 3  ? 3.534   -5.220  -12.957 1.00 7.68  ? 3   THR A N   1 
ATOM   18  C CA  . THR A 1 3  ? 4.299   -5.538  -11.719 1.00 7.86  ? 3   THR A CA  1 
ATOM   19  C C   . THR A 1 3  ? 4.649   -4.214  -11.038 1.00 6.34  ? 3   THR A C   1 
ATOM   20  O O   . THR A 1 3  ? 5.000   -3.263  -11.709 1.00 7.09  ? 3   THR A O   1 
ATOM   21  C CB  . THR A 1 3  ? 5.572   -6.335  -12.044 1.00 8.71  ? 3   THR A CB  1 
ATOM   22  O OG1 . THR A 1 3  ? 5.162   -7.539  -12.701 1.00 11.56 ? 3   THR A OG1 1 
ATOM   23  C CG2 . THR A 1 3  ? 6.377   -6.715  -10.822 1.00 10.42 ? 3   THR A CG2 1 
ATOM   24  N N   . TYR A 1 4  ? 4.627   -4.230  -9.713  1.00 6.85  ? 4   TYR A N   1 
ATOM   25  C CA  . TYR A 1 4  ? 4.951   -3.040  -8.903  1.00 5.08  ? 4   TYR A CA  1 
ATOM   26  C C   . TYR A 1 4  ? 5.888   -3.423  -7.764  1.00 6.15  ? 4   TYR A C   1 
ATOM   27  O O   . TYR A 1 4  ? 5.677   -4.443  -7.140  1.00 6.35  ? 4   TYR A O   1 
ATOM   28  C CB  . TYR A 1 4  ? 3.665   -2.442  -8.329  1.00 6.44  ? 4   TYR A CB  1 
ATOM   29  C CG  . TYR A 1 4  ? 2.684   -2.055  -9.409  1.00 6.19  ? 4   TYR A CG  1 
ATOM   30  C CD1 . TYR A 1 4  ? 1.745   -2.954  -9.895  1.00 6.44  ? 4   TYR A CD1 1 
ATOM   31  C CD2 . TYR A 1 4  ? 2.725   -0.789  -9.965  1.00 6.55  ? 4   TYR A CD2 1 
ATOM   32  C CE1 . TYR A 1 4  ? 0.857   -2.596  -10.894 1.00 5.98  ? 4   TYR A CE1 1 
ATOM   33  C CE2 . TYR A 1 4  ? 1.852   -0.419  -10.971 1.00 6.28  ? 4   TYR A CE2 1 
ATOM   34  C CZ  . TYR A 1 4  ? 0.917   -1.325  -11.433 1.00 6.80  ? 4   TYR A CZ  1 
ATOM   35  O OH  . TYR A 1 4  ? 0.038   -0.975  -12.414 1.00 8.28  ? 4   TYR A OH  1 
ATOM   36  N N   . LEU A 1 5  ? 6.889   -2.593  -7.535  1.00 5.17  ? 5   LEU A N   1 
ATOM   37  C CA  . LEU A 1 5  ? 7.875   -2.807  -6.466  1.00 5.15  ? 5   LEU A CA  1 
ATOM   38  C C   . LEU A 1 5  ? 7.401   -2.047  -5.239  1.00 5.26  ? 5   LEU A C   1 
ATOM   39  O O   . LEU A 1 5  ? 7.155   -0.830  -5.333  1.00 6.51  ? 5   LEU A O   1 
ATOM   40  C CB  . LEU A 1 5  ? 9.224   -2.282  -6.972  1.00 7.31  ? 5   LEU A CB  1 
ATOM   41  C CG  . LEU A 1 5  ? 10.362  -2.399  -5.961  1.00 10.24 ? 5   LEU A CG  1 
ATOM   42  C CD1 . LEU A 1 5  ? 10.650  -3.857  -5.654  1.00 10.69 ? 5   LEU A CD1 1 
ATOM   43  C CD2 . LEU A 1 5  ? 11.615  -1.714  -6.456  1.00 18.43 ? 5   LEU A CD2 1 
ATOM   44  N N   . ILE A 1 6  ? 7.351   -2.771  -4.131  1.00 5.33  ? 6   ILE A N   1 
ATOM   45  C CA  . ILE A 1 6  ? 6.871   -2.199  -2.843  1.00 4.96  ? 6   ILE A CA  1 
ATOM   46  C C   . ILE A 1 6  ? 8.016   -2.016  -1.859  1.00 5.59  ? 6   ILE A C   1 
ATOM   47  O O   . ILE A 1 6  ? 8.769   -2.968  -1.646  1.00 6.43  ? 6   ILE A O   1 
ATOM   48  C CB  . ILE A 1 6  ? 5.852   -3.160  -2.206  1.00 6.25  ? 6   ILE A CB  1 
ATOM   49  C CG1 . ILE A 1 6  ? 4.766   -3.575  -3.206  1.00 6.25  ? 6   ILE A CG1 1 
ATOM   50  C CG2 . ILE A 1 6  ? 5.240   -2.536  -0.960  1.00 6.90  ? 6   ILE A CG2 1 
ATOM   51  C CD1 . ILE A 1 6  ? 4.085   -2.419  -3.931  1.00 6.29  ? 6   ILE A CD1 1 
ATOM   52  N N   . ASP A 1 7  ? 8.084   -0.838  -1.276  1.00 5.26  ? 7   ASP A N   1 
ATOM   53  C CA  . ASP A 1 7  ? 9.030   -0.589  -0.171  1.00 6.63  ? 7   ASP A CA  1 
ATOM   54  C C   . ASP A 1 7  ? 8.152   -0.246  1.040   1.00 6.26  ? 7   ASP A C   1 
ATOM   55  O O   . ASP A 1 7  ? 7.607   0.841   1.079   1.00 6.41  ? 7   ASP A O   1 
ATOM   56  C CB  . ASP A 1 7  ? 9.987   0.557   -0.482  1.00 7.44  ? 7   ASP A CB  1 
ATOM   57  C CG  . ASP A 1 7  ? 11.044  0.770   0.592   1.00 8.21  ? 7   ASP A CG  1 
ATOM   58  O OD1 . ASP A 1 7  ? 10.913  0.201   1.679   1.00 7.94  ? 7   ASP A OD1 1 
ATOM   59  O OD2 . ASP A 1 7  ? 11.999  1.511   0.322   1.00 12.48 ? 7   ASP A OD2 1 
ATOM   60  N N   . PRO A 1 8  ? 8.054   -1.153  2.045   1.00 6.00  ? 8   PRO A N   1 
ATOM   61  C CA  . PRO A 1 8  ? 7.228   -0.889  3.241   1.00 5.97  ? 8   PRO A CA  1 
ATOM   62  C C   . PRO A 1 8  ? 7.736   0.276   4.104   1.00 5.59  ? 8   PRO A C   1 
ATOM   63  O O   . PRO A 1 8  ? 6.993   0.690   4.956   1.00 6.18  ? 8   PRO A O   1 
ATOM   64  C CB  . PRO A 1 8  ? 7.367   -2.184  4.050   1.00 6.90  ? 8   PRO A CB  1 
ATOM   65  C CG  . PRO A 1 8  ? 7.602   -3.245  3.007   1.00 6.82  ? 8   PRO A CG  1 
ATOM   66  C CD  . PRO A 1 8  ? 8.594   -2.555  2.118   1.00 6.34  ? 8   PRO A CD  1 
ATOM   67  N N   . ARG A 1 9  ? 8.947   0.753   3.862   1.00 5.87  ? 9   ARG A N   1 
ATOM   68  C CA  . ARG A 1 9  ? 9.513   1.929   4.589   1.00 8.05  ? 9   ARG A CA  1 
ATOM   69  C C   . ARG A 1 9  ? 9.437   1.697   6.110   1.00 7.98  ? 9   ARG A C   1 
ATOM   70  O O   . ARG A 1 9  ? 9.898   0.681   6.571   1.00 7.73  ? 9   ARG A O   1 
ATOM   71  C CB  . ARG A 1 9  ? 8.842   3.203   4.061   1.00 8.44  ? 9   ARG A CB  1 
ATOM   72  C CG  . ARG A 1 9  ? 9.076   3.438   2.576   1.00 11.32 ? 9   ARG A CG  1 
ATOM   73  C CD  . ARG A 1 9  ? 10.409  4.079   2.279   1.00 22.16 ? 9   ARG A CD  1 
ATOM   74  N NE  . ARG A 1 9  ? 10.324  5.490   2.631   1.00 31.22 ? 9   ARG A NE  1 
ATOM   75  C CZ  . ARG A 1 9  ? 11.157  6.422   2.199   1.00 36.96 ? 9   ARG A CZ  1 
ATOM   76  N NH1 . ARG A 1 9  ? 12.138  6.095   1.378   1.00 40.64 ? 9   ARG A NH1 1 
ATOM   77  N NH2 . ARG A 1 9  ? 11.006  7.675   2.589   1.00 42.58 ? 9   ARG A NH2 1 
ATOM   78  N N   . LYS A 1 10 ? 8.792   2.616   6.835   1.00 7.21  ? 10  LYS A N   1 
ATOM   79  C CA  . LYS A 1 10 ? 8.795   2.509   8.320   1.00 9.36  ? 10  LYS A CA  1 
ATOM   80  C C   . LYS A 1 10 ? 8.060   1.263   8.796   1.00 8.73  ? 10  LYS A C   1 
ATOM   81  O O   . LYS A 1 10 ? 8.352   0.818   9.894   1.00 11.15 ? 10  LYS A O   1 
ATOM   82  C CB  . LYS A 1 10 ? 8.181   3.766   8.942   1.00 10.24 ? 10  LYS A CB  1 
ATOM   83  C CG  . LYS A 1 10 ? 9.024   5.032   8.839   1.00 14.39 ? 10  LYS A CG  1 
ATOM   84  C CD  . LYS A 1 10 ? 8.343   6.269   9.409   1.00 20.84 ? 10  LYS A CD  1 
ATOM   85  C CE  . LYS A 1 10 ? 9.131   7.544   9.193   1.00 30.42 ? 10  LYS A CE  1 
ATOM   86  N NZ  . LYS A 1 10 ? 8.450   8.708   9.806   1.00 35.05 ? 10  LYS A NZ  1 
ATOM   87  N N   . ASN A 1 11 ? 7.189   0.687   7.964   1.00 7.67  ? 11  ASN A N   1 
ATOM   88  C CA  . ASN A 1 11 ? 6.539   -0.589  8.354   1.00 8.41  ? 11  ASN A CA  1 
ATOM   89  C C   . ASN A 1 11 ? 7.559   -1.709  8.633   1.00 9.94  ? 11  ASN A C   1 
ATOM   90  O O   . ASN A 1 11 ? 7.199   -2.604  9.375   1.00 11.71 ? 11  ASN A O   1 
ATOM   91  C CB  . ASN A 1 11 ? 5.520   -1.030  7.307   1.00 7.76  ? 11  ASN A CB  1 
ATOM   92  C CG  . ASN A 1 11 ? 4.394   -0.033  7.138   1.00 7.43  ? 11  ASN A CG  1 
ATOM   93  O OD1 . ASN A 1 11 ? 3.533   0.071   8.002   1.00 8.33  ? 11  ASN A OD1 1 
ATOM   94  N ND2 . ASN A 1 11 ? 4.401   0.701   6.037   1.00 7.32  ? 11  ASN A ND2 1 
ATOM   95  N N   . ASN A 1 12 ? 8.718   -1.703  7.963   1.00 9.46  ? 12  ASN A N   1 
ATOM   96  C CA  . ASN A 1 12 ? 9.748   -2.736  8.272   1.00 10.63 ? 12  ASN A CA  1 
ATOM   97  C C   . ASN A 1 12 ? 10.973  -2.057  8.877   1.00 11.04 ? 12  ASN A C   1 
ATOM   98  O O   . ASN A 1 12 ? 12.083  -2.605  8.723   1.00 12.46 ? 12  ASN A O   1 
ATOM   99  C CB  . ASN A 1 12 ? 10.036  -3.632  7.067   1.00 11.48 ? 12  ASN A CB  1 
ATOM   100 C CG  . ASN A 1 12 ? 10.655  -2.945  5.869   1.00 10.47 ? 12  ASN A CG  1 
ATOM   101 O OD1 . ASN A 1 12 ? 11.160  -1.835  5.948   1.00 10.00 ? 12  ASN A OD1 1 
ATOM   102 N ND2 . ASN A 1 12 ? 10.632  -3.627  4.741   1.00 9.59  ? 12  ASN A ND2 1 
ATOM   103 N N   . ASP A 1 13 ? 10.780  -0.903  9.482   1.00 12.94 ? 13  ASP A N   1 
ATOM   104 C CA  . ASP A 1 13 ? 11.887  -0.137  10.126  1.00 14.56 ? 13  ASP A CA  1 
ATOM   105 C C   . ASP A 1 13 ? 12.921  0.293   9.087   1.00 12.43 ? 13  ASP A C   1 
ATOM   106 O O   . ASP A 1 13 ? 14.096  0.359   9.429   1.00 13.09 ? 13  ASP A O   1 
ATOM   107 C CB  . ASP A 1 13 ? 12.484  -0.882  11.337  1.00 20.79 ? 13  ASP A CB  1 
ATOM   108 C CG  . ASP A 1 13 ? 11.447  -1.152  12.408  1.00 37.89 ? 13  ASP A CG  1 
ATOM   109 O OD1 . ASP A 1 13 ? 10.881  -0.182  12.912  1.00 44.96 ? 13  ASP A OD1 1 
ATOM   110 O OD2 . ASP A 1 13 ? 11.195  -2.329  12.697  1.00 45.82 ? 13  ASP A OD2 1 
ATOM   111 N N   . ASN A 1 14 ? 12.488  0.546   7.851   1.00 10.99 ? 14  ASN A N   1 
ATOM   112 C CA  . ASN A 1 14 ? 13.391  1.004   6.768   1.00 11.68 ? 14  ASN A CA  1 
ATOM   113 C C   . ASN A 1 14 ? 14.565  0.018   6.603   1.00 10.09 ? 14  ASN A C   1 
ATOM   114 O O   . ASN A 1 14 ? 15.695  0.460   6.378   1.00 12.39 ? 14  ASN A O   1 
ATOM   115 C CB  . ASN A 1 14 ? 13.856  2.444   6.991   1.00 13.93 ? 14  ASN A CB  1 
ATOM   116 C CG  . ASN A 1 14 ? 12.758  3.412   6.621   1.00 19.66 ? 14  ASN A CG  1 
ATOM   117 O OD1 . ASN A 1 14 ? 12.380  3.501   5.462   1.00 21.53 ? 14  ASN A OD1 1 
ATOM   118 N ND2 . ASN A 1 14 ? 12.229  4.114   7.601   1.00 17.43 ? 14  ASN A ND2 1 
ATOM   119 N N   . SER A 1 15 ? 14.304  -1.277  6.710   1.00 9.53  ? 15  SER A N   1 
ATOM   120 C CA  . SER A 1 15 ? 15.368  -2.319  6.563   1.00 10.26 ? 15  SER A CA  1 
ATOM   121 C C   . SER A 1 15 ? 15.890  -2.431  5.136   1.00 10.23 ? 15  SER A C   1 
ATOM   122 O O   . SER A 1 15 ? 16.991  -2.957  4.962   1.00 14.06 ? 15  SER A O   1 
ATOM   123 C CB  . SER A 1 15 ? 14.820  -3.646  6.946   1.00 11.79 ? 15  SER A CB  1 
ATOM   124 O OG  . SER A 1 15 ? 13.795  -4.039  6.038   1.00 10.13 ? 15  SER A OG  1 
ATOM   125 N N   . GLY A 1 16 ? 15.136  -1.901  4.179   1.00 9.86  ? 16  GLY A N   1 
ATOM   126 C CA  . GLY A 1 16 ? 15.491  -2.080  2.766   1.00 11.10 ? 16  GLY A CA  1 
ATOM   127 C C   . GLY A 1 16 ? 14.846  -3.330  2.190   1.00 9.84  ? 16  GLY A C   1 
ATOM   128 O O   . GLY A 1 16 ? 15.002  -3.511  0.985   1.00 11.33 ? 16  GLY A O   1 
ATOM   129 N N   . GLU A 1 17 ? 14.149  -4.131  2.980   1.00 8.18  ? 17  GLU A N   1 
ATOM   130 C CA  . GLU A 1 17 ? 13.431  -5.313  2.416   1.00 8.36  ? 17  GLU A CA  1 
ATOM   131 C C   . GLU A 1 17 ? 12.314  -4.800  1.514   1.00 7.22  ? 17  GLU A C   1 
ATOM   132 O O   . GLU A 1 17 ? 11.518  -3.952  1.955   1.00 8.87  ? 17  GLU A O   1 
ATOM   133 C CB  . GLU A 1 17 ? 12.803  -6.151  3.527   1.00 9.69  ? 17  GLU A CB  1 
ATOM   134 C CG  . GLU A 1 17 ? 13.823  -7.029  4.249   1.00 11.36 ? 17  GLU A CG  1 
ATOM   135 C CD  . GLU A 1 17 ? 14.239  -8.313  3.544   1.00 11.23 ? 17  GLU A CD  1 
ATOM   136 O OE1 . GLU A 1 17 ? 13.789  -8.548  2.412   1.00 11.60 ? 17  GLU A OE1 1 
ATOM   137 O OE2 . GLU A 1 17 ? 15.010  -9.077  4.144   1.00 13.40 ? 17  GLU A OE2 1 
ATOM   138 N N   . ARG A 1 18 ? 12.277  -5.315  0.305   1.00 6.57  ? 18  ARG A N   1 
ATOM   139 C CA  . ARG A 1 18 ? 11.229  -4.923  -0.681  1.00 6.50  ? 18  ARG A CA  1 
ATOM   140 C C   . ARG A 1 18 ? 10.685  -6.188  -1.338  1.00 6.27  ? 18  ARG A C   1 
ATOM   141 O O   . ARG A 1 18 ? 11.289  -7.258  -1.200  1.00 7.18  ? 18  ARG A O   1 
ATOM   142 C CB  . ARG A 1 18 ? 11.843  -4.049  -1.772  1.00 7.91  ? 18  ARG A CB  1 
ATOM   143 C CG  . ARG A 1 18 ? 12.312  -2.689  -1.277  1.00 8.68  ? 18  ARG A CG  1 
ATOM   144 C CD  . ARG A 1 18 ? 13.220  -2.085  -2.315  1.00 13.29 ? 18  ARG A CD  1 
ATOM   145 N NE  . ARG A 1 18 ? 13.465  -0.661  -2.145  1.00 15.70 ? 18  ARG A NE  1 
ATOM   146 C CZ  . ARG A 1 18 ? 14.455  -0.137  -1.448  1.00 21.66 ? 18  ARG A CZ  1 
ATOM   147 N NH1 . ARG A 1 18 ? 15.318  -0.912  -0.816  1.00 22.52 ? 18  ARG A NH1 1 
ATOM   148 N NH2 . ARG A 1 18 ? 14.589  1.175   -1.408  1.00 23.18 ? 18  ARG A NH2 1 
ATOM   149 N N   . PHE A 1 19 ? 9.542   -6.066  -1.994  1.00 5.49  ? 19  PHE A N   1 
ATOM   150 C CA  . PHE A 1 19 ? 8.900   -7.208  -2.684  1.00 7.00  ? 19  PHE A CA  1 
ATOM   151 C C   . PHE A 1 19 ? 8.042   -6.636  -3.812  1.00 6.13  ? 19  PHE A C   1 
ATOM   152 O O   . PHE A 1 19 ? 7.788   -5.436  -3.834  1.00 6.98  ? 19  PHE A O   1 
ATOM   153 C CB  . PHE A 1 19 ? 8.101   -8.063  -1.696  1.00 7.95  ? 19  PHE A CB  1 
ATOM   154 C CG  . PHE A 1 19 ? 6.944   -7.351  -1.035  1.00 7.20  ? 19  PHE A CG  1 
ATOM   155 C CD1 . PHE A 1 19 ? 5.681   -7.359  -1.608  1.00 7.64  ? 19  PHE A CD1 1 
ATOM   156 C CD2 . PHE A 1 19 ? 7.106   -6.713  0.186   1.00 9.74  ? 19  PHE A CD2 1 
ATOM   157 C CE1 . PHE A 1 19 ? 4.618   -6.715  -0.996  1.00 9.19  ? 19  PHE A CE1 1 
ATOM   158 C CE2 . PHE A 1 19 ? 6.040   -6.070  0.793   1.00 9.73  ? 19  PHE A CE2 1 
ATOM   159 C CZ  . PHE A 1 19 ? 4.799   -6.078  0.207   1.00 10.50 ? 19  PHE A CZ  1 
ATOM   160 N N   . THR A 1 20 ? 7.543   -7.532  -4.635  1.00 6.01  ? 20  THR A N   1 
ATOM   161 C CA  . THR A 1 20 ? 6.653   -7.066  -5.707  1.00 6.37  ? 20  THR A CA  1 
ATOM   162 C C   . THR A 1 20 ? 5.237   -7.613  -5.559  1.00 6.44  ? 20  THR A C   1 
ATOM   163 O O   . THR A 1 20 ? 5.052   -8.647  -4.909  1.00 7.82  ? 20  THR A O   1 
ATOM   164 C CB  . THR A 1 20 ? 7.180   -7.444  -7.106  1.00 7.52  ? 20  THR A CB  1 
ATOM   165 O OG1 . THR A 1 20 ? 7.312   -8.866  -7.192  1.00 9.59  ? 20  THR A OG1 1 
ATOM   166 C CG2 . THR A 1 20 ? 8.497   -6.783  -7.442  1.00 8.44  ? 20  THR A CG2 1 
ATOM   167 N N   . VAL A 1 21 ? 4.313   -6.879  -6.159  1.00 6.45  ? 21  VAL A N   1 
ATOM   168 C CA  . VAL A 1 21 ? 2.931   -7.391  -6.319  1.00 6.23  ? 21  VAL A CA  1 
ATOM   169 C C   . VAL A 1 21 ? 2.589   -7.203  -7.805  1.00 6.45  ? 21  VAL A C   1 
ATOM   170 O O   . VAL A 1 21 ? 3.153   -6.339  -8.441  1.00 7.86  ? 21  VAL A O   1 
ATOM   171 C CB  . VAL A 1 21 ? 1.913   -6.672  -5.412  1.00 7.75  ? 21  VAL A CB  1 
ATOM   172 C CG1 . VAL A 1 21 ? 2.234   -6.830  -3.932  1.00 10.02 ? 21  VAL A CG1 1 
ATOM   173 C CG2 . VAL A 1 21 ? 1.751   -5.204  -5.763  1.00 8.91  ? 21  VAL A CG2 1 
ATOM   174 N N   . ASP A 1 22 ? 1.647   -8.017  -8.275  1.00 7.02  ? 22  ASP A N   1 
ATOM   175 C CA  . ASP A 1 22 ? 1.119   -7.846  -9.648  1.00 8.04  ? 22  ASP A CA  1 
ATOM   176 C C   . ASP A 1 22 ? -0.314  -7.333  -9.516  1.00 6.82  ? 22  ASP A C   1 
ATOM   177 O O   . ASP A 1 22 ? -1.059  -7.812  -8.681  1.00 8.69  ? 22  ASP A O   1 
ATOM   178 C CB  . ASP A 1 22 ? 1.183   -9.162  -10.422 1.00 9.79  ? 22  ASP A CB  1 
ATOM   179 C CG  . ASP A 1 22 ? 2.560   -9.496  -10.968 1.00 12.72 ? 22  ASP A CG  1 
ATOM   180 O OD1 . ASP A 1 22 ? 3.523   -8.817  -10.612 1.00 14.44 ? 22  ASP A OD1 1 
ATOM   181 O OD2 . ASP A 1 22 ? 2.641   -10.434 -11.760 1.00 17.68 ? 22  ASP A OD2 1 
ATOM   182 N N   . ALA A 1 23 ? -0.669  -6.350  -10.335 1.00 6.81  ? 23  ALA A N   1 
ATOM   183 C CA  . ALA A 1 23 ? -2.032  -5.761  -10.318 1.00 7.00  ? 23  ALA A CA  1 
ATOM   184 C C   . ALA A 1 23 ? -2.283  -5.038  -11.639 1.00 7.31  ? 23  ALA A C   1 
ATOM   185 O O   . ALA A 1 23 ? -1.364  -4.772  -12.392 1.00 7.12  ? 23  ALA A O   1 
ATOM   186 C CB  . ALA A 1 23 ? -2.172  -4.796  -9.157  1.00 7.73  ? 23  ALA A CB  1 
ATOM   187 N N   . VAL A 1 24 ? -3.553  -4.755  -11.878 1.00 7.23  ? 24  VAL A N   1 
ATOM   188 C CA  . VAL A 1 24 ? -3.893  -4.157  -13.205 1.00 8.83  ? 24  VAL A CA  1 
ATOM   189 C C   . VAL A 1 24 ? -3.610  -2.650  -13.235 1.00 8.00  ? 24  VAL A C   1 
ATOM   190 O O   . VAL A 1 24 ? -3.562  -2.092  -14.323 1.00 10.26 ? 24  VAL A O   1 
ATOM   191 C CB  . VAL A 1 24 ? -5.364  -4.434  -13.584 1.00 8.76  ? 24  VAL A CB  1 
ATOM   192 C CG1 . VAL A 1 24 ? -5.610  -5.920  -13.791 1.00 10.62 ? 24  VAL A CG1 1 
ATOM   193 C CG2 . VAL A 1 24 ? -6.357  -3.859  -12.585 1.00 9.68  ? 24  VAL A CG2 1 
ATOM   194 N N   . ASP A 1 25 ? -3.521  -1.993  -12.085 1.00 7.58  ? 25  ASP A N   1 
ATOM   195 C CA  . ASP A 1 25 ? -3.227  -0.536  -12.024 1.00 8.17  ? 25  ASP A CA  1 
ATOM   196 C C   . ASP A 1 25 ? -2.564  -0.256  -10.663 1.00 6.63  ? 25  ASP A C   1 
ATOM   197 O O   . ASP A 1 25 ? -2.560  -1.125  -9.778  1.00 7.06  ? 25  ASP A O   1 
ATOM   198 C CB  . ASP A 1 25 ? -4.456  0.335   -12.364 1.00 10.18 ? 25  ASP A CB  1 
ATOM   199 C CG  . ASP A 1 25 ? -5.622  0.275   -11.397 1.00 11.58 ? 25  ASP A CG  1 
ATOM   200 O OD1 . ASP A 1 25 ? -5.417  -0.061  -10.228 1.00 11.65 ? 25  ASP A OD1 1 
ATOM   201 O OD2 . ASP A 1 25 ? -6.741  0.602   -11.839 1.00 14.64 ? 25  ASP A OD2 1 
ATOM   202 N N   . ILE A 1 26 ? -2.053  0.957   -10.522 1.00 8.69  ? 26  ILE A N   1 
ATOM   203 C CA  . ILE A 1 26 ? -1.239  1.222   -9.292  1.00 8.60  ? 26  ILE A CA  1 
ATOM   204 C C   . ILE A 1 26 ? -2.106  1.322   -8.027  1.00 8.50  ? 26  ILE A C   1 
ATOM   205 O O   . ILE A 1 26 ? -1.625  0.976   -6.979  1.00 8.31  ? 26  ILE A O   1 
ATOM   206 C CB  . ILE A 1 26 ? -0.319  2.437   -9.507  1.00 11.21 ? 26  ILE A CB  1 
ATOM   207 C CG1 . ILE A 1 26 ? 0.832   2.402   -8.496  1.00 11.88 ? 26  ILE A CG1 1 
ATOM   208 C CG2 . ILE A 1 26 ? -1.083  3.738   -9.438  1.00 12.88 ? 26  ILE A CG2 1 
ATOM   209 C CD1 . ILE A 1 26 ? 2.136   2.909   -9.015  1.00 13.82 ? 26  ILE A CD1 1 
ATOM   210 N N   . THR A 1 27 ? -3.340  1.803   -8.132  1.00 9.51  ? 27  THR A N   1 
ATOM   211 C CA  . THR A 1 27 ? -4.202  1.829   -6.909  1.00 10.56 ? 27  THR A CA  1 
ATOM   212 C C   . THR A 1 27 ? -4.525  0.418   -6.429  1.00 9.35  ? 27  THR A C   1 
ATOM   213 O O   . THR A 1 27 ? -4.495  0.172   -5.258  1.00 8.82  ? 27  THR A O   1 
ATOM   214 C CB  . THR A 1 27 ? -5.471  2.672   -7.106  1.00 18.07 ? 27  THR A CB  1 
ATOM   215 O OG1 . THR A 1 27 ? -6.240  2.201   -8.208  1.00 19.02 ? 27  THR A OG1 1 
ATOM   216 C CG2 . THR A 1 27 ? -5.121  4.132   -7.305  1.00 19.84 ? 27  THR A CG2 1 
ATOM   217 N N   . ALA A 1 28 ? -4.806  -0.481  -7.366  1.00 8.68  ? 28  ALA A N   1 
ATOM   218 C CA  . ALA A 1 28 ? -5.015  -1.892  -6.973  1.00 8.23  ? 28  ALA A CA  1 
ATOM   219 C C   . ALA A 1 28 ? -3.722  -2.452  -6.360  1.00 6.71  ? 28  ALA A C   1 
ATOM   220 O O   . ALA A 1 28 ? -3.779  -3.189  -5.410  1.00 7.61  ? 28  ALA A O   1 
ATOM   221 C CB  . ALA A 1 28 ? -5.459  -2.682  -8.186  1.00 9.97  ? 28  ALA A CB  1 
ATOM   222 N N   . ALA A 1 29 ? -2.579  -2.106  -6.957  1.00 6.13  ? 29  ALA A N   1 
ATOM   223 C CA  . ALA A 1 29 ? -1.266  -2.556  -6.422  1.00 6.28  ? 29  ALA A CA  1 
ATOM   224 C C   . ALA A 1 29 ? -1.055  -2.063  -4.994  1.00 7.00  ? 29  ALA A C   1 
ATOM   225 O O   . ALA A 1 29 ? -0.598  -2.842  -4.181  1.00 6.34  ? 29  ALA A O   1 
ATOM   226 C CB  . ALA A 1 29 ? -0.164  -2.054  -7.325  1.00 6.61  ? 29  ALA A CB  1 
ATOM   227 N N   . ALA A 1 30 ? -1.405  -0.802  -4.753  1.00 6.60  ? 30  ALA A N   1 
ATOM   228 C CA  . ALA A 1 30 ? -1.170  -0.224  -3.415  1.00 6.54  ? 30  ALA A CA  1 
ATOM   229 C C   . ALA A 1 30 ? -2.047  -0.940  -2.383  1.00 6.62  ? 30  ALA A C   1 
ATOM   230 O O   . ALA A 1 30 ? -1.585  -1.140  -1.278  1.00 6.61  ? 30  ALA A O   1 
ATOM   231 C CB  . ALA A 1 30 ? -1.391  1.274   -3.459  1.00 6.32  ? 30  ALA A CB  1 
ATOM   232 N N   . LYS A 1 31 ? -3.273  -1.298  -2.775  1.00 6.04  ? 31  LYS A N   1 
ATOM   233 C CA  . LYS A 1 31 ? -4.161  -2.040  -1.844  1.00 6.63  ? 31  LYS A CA  1 
ATOM   234 C C   . LYS A 1 31 ? -3.598  -3.445  -1.590  1.00 6.95  ? 31  LYS A C   1 
ATOM   235 O O   . LYS A 1 31 ? -3.519  -3.861  -0.455  1.00 7.86  ? 31  LYS A O   1 
ATOM   236 C CB  . LYS A 1 31 ? -5.574  -2.115  -2.437  1.00 8.67  ? 31  LYS A CB  1 
ATOM   237 C CG  . LYS A 1 31 ? -6.547  -2.901  -1.562  1.00 11.77 ? 31  LYS A CG  1 
ATOM   238 C CD  . LYS A 1 31 ? -7.978  -2.929  -2.053  1.00 20.11 ? 31  LYS A CD  1 
ATOM   239 C CE  . LYS A 1 31 ? -8.886  -3.800  -1.204  1.00 23.49 ? 31  LYS A CE  1 
ATOM   240 N NZ  . LYS A 1 31 ? -10.228 -3.919  -1.822  1.00 30.50 ? 31  LYS A NZ  1 
ATOM   241 N N   A SER A 1 32 ? -3.105  -4.107  -2.642  0.44 7.18  ? 32  SER A N   1 
ATOM   242 N N   B SER A 1 32 ? -3.108  -4.107  -2.642  0.56 7.15  ? 32  SER A N   1 
ATOM   243 C CA  A SER A 1 32 ? -2.476  -5.448  -2.462  0.44 7.17  ? 32  SER A CA  1 
ATOM   244 C CA  B SER A 1 32 ? -2.476  -5.447  -2.464  0.56 7.18  ? 32  SER A CA  1 
ATOM   245 C C   A SER A 1 32 ? -1.236  -5.331  -1.569  0.44 7.59  ? 32  SER A C   1 
ATOM   246 C C   B SER A 1 32 ? -1.237  -5.330  -1.568  0.56 7.56  ? 32  SER A C   1 
ATOM   247 O O   A SER A 1 32 ? -1.036  -6.189  -0.717  0.44 8.02  ? 32  SER A O   1 
ATOM   248 O O   B SER A 1 32 ? -1.034  -6.186  -0.719  0.56 8.70  ? 32  SER A O   1 
ATOM   249 C CB  A SER A 1 32 ? -2.100  -6.057  -3.782  0.44 8.35  ? 32  SER A CB  1 
ATOM   250 C CB  B SER A 1 32 ? -2.101  -6.038  -3.791  0.56 8.68  ? 32  SER A CB  1 
ATOM   251 O OG  A SER A 1 32 ? -3.252  -6.254  -4.587  0.44 8.28  ? 32  SER A OG  1 
ATOM   252 O OG  B SER A 1 32 ? -1.504  -7.311  -3.641  0.56 10.19 ? 32  SER A OG  1 
ATOM   253 N N   . ALA A 1 33 ? -0.450  -4.345  -1.750  1.00 7.53  ? 33  ALA A N   1 
ATOM   254 C CA  . ALA A 1 33 ? 0.764   -4.078  -0.946  1.00 7.38  ? 33  ALA A CA  1 
ATOM   255 C C   . ALA A 1 33 ? 0.381   -3.845  0.515   1.00 6.43  ? 33  ALA A C   1 
ATOM   256 O O   . ALA A 1 33 ? 1.005   -4.430  1.362   1.00 6.72  ? 33  ALA A O   1 
ATOM   257 C CB  . ALA A 1 33 ? 1.438   -2.869  -1.511  1.00 7.85  ? 33  ALA A CB  1 
ATOM   258 N N   . ALA A 1 34 ? -0.671  -3.060  0.765   1.00 6.79  ? 34  ALA A N   1 
ATOM   259 C CA  . ALA A 1 34 ? -1.127  -2.882  2.166   1.00 6.63  ? 34  ALA A CA  1 
ATOM   260 C C   . ALA A 1 34 ? -1.550  -4.220  2.803   1.00 6.26  ? 34  ALA A C   1 
ATOM   261 O O   . ALA A 1 34 ? -1.245  -4.442  3.950   1.00 7.12  ? 34  ALA A O   1 
ATOM   262 C CB  . ALA A 1 34 ? -2.264  -1.892  2.165   1.00 7.63  ? 34  ALA A CB  1 
ATOM   263 N N   . GLN A 1 35 ? -2.245  -5.062  2.045   1.00 7.77  ? 35  GLN A N   1 
ATOM   264 C CA  . GLN A 1 35 ? -2.660  -6.388  2.592   1.00 7.14  ? 35  GLN A CA  1 
ATOM   265 C C   . GLN A 1 35 ? -1.411  -7.192  2.964   1.00 7.85  ? 35  GLN A C   1 
ATOM   266 O O   . GLN A 1 35 ? -1.442  -7.861  3.957   1.00 8.21  ? 35  GLN A O   1 
ATOM   267 C CB  . GLN A 1 35 ? -3.535  -7.085  1.541   1.00 8.80  ? 35  GLN A CB  1 
ATOM   268 C CG  . GLN A 1 35 ? -4.871  -6.390  1.325   1.00 9.34  ? 35  GLN A CG  1 
ATOM   269 C CD  . GLN A 1 35 ? -5.646  -6.979  0.175   1.00 12.82 ? 35  GLN A CD  1 
ATOM   270 O OE1 . GLN A 1 35 ? -5.089  -7.330  -0.853  1.00 13.60 ? 35  GLN A OE1 1 
ATOM   271 N NE2 . GLN A 1 35 ? -6.952  -7.084  0.337   1.00 17.00 ? 35  GLN A NE2 1 
ATOM   272 N N   . GLN A 1 36 ? -0.405  -7.160  2.096   1.00 7.64  ? 36  GLN A N   1 
ATOM   273 C CA  . GLN A 1 36 ? 0.822   -7.946  2.352   1.00 9.08  ? 36  GLN A CA  1 
ATOM   274 C C   . GLN A 1 36 ? 1.546   -7.363  3.569   1.00 8.67  ? 36  GLN A C   1 
ATOM   275 O O   . GLN A 1 36 ? 2.048   -8.143  4.384   1.00 10.95 ? 36  GLN A O   1 
ATOM   276 C CB  . GLN A 1 36 ? 1.741   -7.921  1.125   1.00 10.17 ? 36  GLN A CB  1 
ATOM   277 C CG  . GLN A 1 36 ? 1.261   -8.777  -0.029  1.00 19.11 ? 36  GLN A CG  1 
ATOM   278 C CD  . GLN A 1 36 ? 1.037   -10.207 0.397   1.00 29.52 ? 36  GLN A CD  1 
ATOM   279 O OE1 . GLN A 1 36 ? 1.948   -10.872 0.871   1.00 31.08 ? 36  GLN A OE1 1 
ATOM   280 N NE2 . GLN A 1 36 ? -0.185  -10.687 0.249   1.00 32.18 ? 36  GLN A NE2 1 
ATOM   281 N N   . ILE A 1 37 ? 1.642   -6.046  3.653   1.00 6.86  ? 37  ILE A N   1 
ATOM   282 C CA  . ILE A 1 37 ? 2.363   -5.396  4.783   1.00 7.93  ? 37  ILE A CA  1 
ATOM   283 C C   . ILE A 1 37 ? 1.613   -5.610  6.090   1.00 7.98  ? 37  ILE A C   1 
ATOM   284 O O   . ILE A 1 37 ? 2.260   -5.888  7.099   1.00 9.42  ? 37  ILE A O   1 
ATOM   285 C CB  . ILE A 1 37 ? 2.510   -3.893  4.465   1.00 6.88  ? 37  ILE A CB  1 
ATOM   286 C CG1 . ILE A 1 37 ? 3.492   -3.709  3.306   1.00 8.41  ? 37  ILE A CG1 1 
ATOM   287 C CG2 . ILE A 1 37 ? 2.969   -3.094  5.668   1.00 10.18 ? 37  ILE A CG2 1 
ATOM   288 C CD1 . ILE A 1 37 ? 3.517   -2.314  2.733   1.00 8.66  ? 37  ILE A CD1 1 
ATOM   289 N N   . LEU A 1 38 ? 0.308   -5.418  6.073   1.00 7.45  ? 38  LEU A N   1 
ATOM   290 C CA  . LEU A 1 38 ? -0.470  -5.373  7.343   1.00 7.85  ? 38  LEU A CA  1 
ATOM   291 C C   . LEU A 1 38 ? -1.054  -6.727  7.730   1.00 8.02  ? 38  LEU A C   1 
ATOM   292 O O   . LEU A 1 38 ? -1.498  -6.843  8.870   1.00 12.83 ? 38  LEU A O   1 
ATOM   293 C CB  . LEU A 1 38 ? -1.572  -4.313  7.217   1.00 7.97  ? 38  LEU A CB  1 
ATOM   294 C CG  . LEU A 1 38 ? -1.044  -2.907  6.911   1.00 9.09  ? 38  LEU A CG  1 
ATOM   295 C CD1 . LEU A 1 38 ? -2.166  -1.954  6.543   1.00 12.41 ? 38  LEU A CD1 1 
ATOM   296 C CD2 . LEU A 1 38 ? -0.222  -2.355  8.069   1.00 12.82 ? 38  LEU A CD2 1 
ATOM   297 N N   . GLY A 1 39 ? -1.042  -7.667  6.815   1.00 8.61  ? 39  GLY A N   1 
ATOM   298 C CA  . GLY A 1 39 ? -1.514  -9.011  7.172   1.00 9.80  ? 39  GLY A CA  1 
ATOM   299 C C   . GLY A 1 39 ? -2.986  -9.238  6.851   1.00 10.21 ? 39  GLY A C   1 
ATOM   300 O O   . GLY A 1 39 ? -3.702  -8.282  6.500   1.00 9.13  ? 39  GLY A O   1 
ATOM   301 N N   . GLU A 1 40 ? -3.437  -10.476 7.084   1.00 11.67 ? 40  GLU A N   1 
ATOM   302 C CA  . GLU A 1 40 ? -4.808  -10.913 6.683   1.00 12.37 ? 40  GLU A CA  1 
ATOM   303 C C   . GLU A 1 40 ? -5.936  -10.256 7.463   1.00 12.62 ? 40  GLU A C   1 
ATOM   304 O O   . GLU A 1 40 ? -7.059  -10.336 6.984   1.00 14.56 ? 40  GLU A O   1 
ATOM   305 C CB  . GLU A 1 40 ? -4.909  -12.416 6.923   1.00 16.89 ? 40  GLU A CB  1 
ATOM   306 C CG  . GLU A 1 40 ? -4.239  -13.191 5.819   1.00 18.35 ? 40  GLU A CG  1 
ATOM   307 C CD  . GLU A 1 40 ? -4.297  -14.698 5.981   1.00 20.76 ? 40  GLU A CD  1 
ATOM   308 O OE1 . GLU A 1 40 ? -4.590  -15.168 7.088   1.00 21.88 ? 40  GLU A OE1 1 
ATOM   309 O OE2 . GLU A 1 40 ? -4.058  -15.375 4.986   1.00 30.35 ? 40  GLU A OE2 1 
ATOM   310 N N   . GLU A 1 41 ? -5.683  -9.686  8.601   1.00 13.05 ? 41  GLU A N   1 
ATOM   311 C CA  . GLU A 1 41 ? -6.837  -9.104  9.305   1.00 14.13 ? 41  GLU A CA  1 
ATOM   312 C C   . GLU A 1 41 ? -7.161  -7.722  8.731   1.00 14.14 ? 41  GLU A C   1 
ATOM   313 O O   . GLU A 1 41 ? -8.159  -7.153  9.130   1.00 13.91 ? 41  GLU A O   1 
ATOM   314 C CB  . GLU A 1 41 ? -6.534  -9.058  10.803  1.00 23.17 ? 41  GLU A CB  1 
ATOM   315 N N   . PHE A 1 42 ? -6.273  -7.182  7.897   1.00 10.22 ? 42  PHE A N   1 
ATOM   316 C CA  . PHE A 1 42 ? -6.498  -5.835  7.356   1.00 10.39 ? 42  PHE A CA  1 
ATOM   317 C C   . PHE A 1 42 ? -7.583  -5.858  6.281   1.00 10.58 ? 42  PHE A C   1 
ATOM   318 O O   . PHE A 1 42 ? -7.502  -6.640  5.339   1.00 10.71 ? 42  PHE A O   1 
ATOM   319 C CB  . PHE A 1 42 ? -5.205  -5.241  6.803   1.00 9.68  ? 42  PHE A CB  1 
ATOM   320 C CG  . PHE A 1 42 ? -5.466  -3.981  6.017   1.00 8.20  ? 42  PHE A CG  1 
ATOM   321 C CD1 . PHE A 1 42 ? -5.830  -2.802  6.652   1.00 9.20  ? 42  PHE A CD1 1 
ATOM   322 C CD2 . PHE A 1 42 ? -5.389  -3.987  4.633   1.00 8.19  ? 42  PHE A CD2 1 
ATOM   323 C CE1 . PHE A 1 42 ? -6.092  -1.656  5.916   1.00 10.08 ? 42  PHE A CE1 1 
ATOM   324 C CE2 . PHE A 1 42 ? -5.639  -2.835  3.905   1.00 9.73  ? 42  PHE A CE2 1 
ATOM   325 C CZ  . PHE A 1 42 ? -5.982  -1.673  4.548   1.00 9.87  ? 42  PHE A CZ  1 
ATOM   326 N N   . GLU A 1 43 ? -8.595  -5.018  6.480   1.00 10.94 ? 43  GLU A N   1 
ATOM   327 C CA  . GLU A 1 43 ? -9.623  -4.794  5.430   1.00 11.74 ? 43  GLU A CA  1 
ATOM   328 C C   . GLU A 1 43 ? -9.767  -3.282  5.403   1.00 11.94 ? 43  GLU A C   1 
ATOM   329 O O   . GLU A 1 43 ? -10.063 -2.679  6.409   1.00 15.79 ? 43  GLU A O   1 
ATOM   330 C CB  . GLU A 1 43 ? -10.966 -5.471  5.706   1.00 16.04 ? 43  GLU A CB  1 
ATOM   331 C CG  . GLU A 1 43 ? -12.029 -5.213  4.649   1.00 18.82 ? 43  GLU A CG  1 
ATOM   332 C CD  . GLU A 1 43 ? -11.651 -5.360  3.185   1.00 22.99 ? 43  GLU A CD  1 
ATOM   333 O OE1 . GLU A 1 43 ? -11.018 -6.358  2.815   1.00 19.52 ? 43  GLU A OE1 1 
ATOM   334 O OE2 . GLU A 1 43 ? -12.016 -4.461  2.407   1.00 36.91 ? 43  GLU A OE2 1 
ATOM   335 N N   . GLY A 1 44 ? -9.506  -2.725  4.258   1.00 10.58 ? 44  GLY A N   1 
ATOM   336 C CA  . GLY A 1 44 ? -9.583  -1.270  4.110   1.00 11.11 ? 44  GLY A CA  1 
ATOM   337 C C   . GLY A 1 44 ? -9.087  -0.863  2.738   1.00 12.34 ? 44  GLY A C   1 
ATOM   338 O O   . GLY A 1 44 ? -9.069  -1.674  1.813   1.00 15.31 ? 44  GLY A O   1 
ATOM   339 N N   . LEU A 1 45 ? -8.657  0.376   2.659   1.00 9.33  ? 45  LEU A N   1 
ATOM   340 C CA  . LEU A 1 45 ? -8.235  0.932   1.362   1.00 9.20  ? 45  LEU A CA  1 
ATOM   341 C C   . LEU A 1 45 ? -6.977  1.752   1.596   1.00 8.05  ? 45  LEU A C   1 
ATOM   342 O O   . LEU A 1 45 ? -6.408  1.716   2.677   1.00 7.83  ? 45  LEU A O   1 
ATOM   343 C CB  . LEU A 1 45 ? -9.394  1.785   0.819   1.00 12.50 ? 45  LEU A CB  1 
ATOM   344 C CG  . LEU A 1 45 ? -10.689 1.054   0.444   1.00 24.06 ? 45  LEU A CG  1 
ATOM   345 C CD1 . LEU A 1 45 ? -11.761 2.023   -0.019  1.00 29.82 ? 45  LEU A CD1 1 
ATOM   346 C CD2 . LEU A 1 45 ? -10.453 0.007   -0.630  1.00 29.12 ? 45  LEU A CD2 1 
ATOM   347 N N   . VAL A 1 46 ? -6.568  2.437   0.544   1.00 7.20  ? 46  VAL A N   1 
ATOM   348 C CA  . VAL A 1 46 ? -5.352  3.273   0.627   1.00 6.93  ? 46  VAL A CA  1 
ATOM   349 C C   . VAL A 1 46 ? -5.608  4.605   -0.046  1.00 6.18  ? 46  VAL A C   1 
ATOM   350 O O   . VAL A 1 46 ? -6.506  4.703   -0.895  1.00 7.86  ? 46  VAL A O   1 
ATOM   351 C CB  . VAL A 1 46 ? -4.155  2.594   -0.086  1.00 7.90  ? 46  VAL A CB  1 
ATOM   352 C CG1 . VAL A 1 46 ? -3.749  1.306   0.614   1.00 9.01  ? 46  VAL A CG1 1 
ATOM   353 C CG2 . VAL A 1 46 ? -4.403  2.325   -1.561  1.00 10.38 ? 46  VAL A CG2 1 
ATOM   354 N N   . TYR A 1 47 ? -4.819  5.579   0.332   1.00 6.13  ? 47  TYR A N   1 
ATOM   355 C CA  . TYR A 1 47 ? -4.817  6.862   -0.413  1.00 6.85  ? 47  TYR A CA  1 
ATOM   356 C C   . TYR A 1 47 ? -3.379  7.270   -0.723  1.00 5.77  ? 47  TYR A C   1 
ATOM   357 O O   . TYR A 1 47 ? -2.424  6.857   -0.060  1.00 6.32  ? 47  TYR A O   1 
ATOM   358 C CB  . TYR A 1 47 ? -5.578  7.953   0.337   1.00 8.42  ? 47  TYR A CB  1 
ATOM   359 C CG  . TYR A 1 47 ? -4.963  8.389   1.649   1.00 7.41  ? 47  TYR A CG  1 
ATOM   360 C CD1 . TYR A 1 47 ? -4.032  9.414   1.714   1.00 7.38  ? 47  TYR A CD1 1 
ATOM   361 C CD2 . TYR A 1 47 ? -5.341  7.796   2.844   1.00 9.11  ? 47  TYR A CD2 1 
ATOM   362 C CE1 . TYR A 1 47 ? -3.483  9.824   2.918   1.00 9.50  ? 47  TYR A CE1 1 
ATOM   363 C CE2 . TYR A 1 47 ? -4.806  8.197   4.055   1.00 9.32  ? 47  TYR A CE2 1 
ATOM   364 C CZ  . TYR A 1 47 ? -3.876  9.219   4.097   1.00 9.05  ? 47  TYR A CZ  1 
ATOM   365 O OH  . TYR A 1 47 ? -3.339  9.620   5.286   1.00 11.67 ? 47  TYR A OH  1 
ATOM   366 N N   . ARG A 1 48 ? -3.280  8.157   -1.691  1.00 5.92  ? 48  ARG A N   1 
ATOM   367 C CA  . ARG A 1 48 ? -1.958  8.614   -2.182  1.00 6.11  ? 48  ARG A CA  1 
ATOM   368 C C   . ARG A 1 48 ? -1.460  9.842   -1.435  1.00 5.76  ? 48  ARG A C   1 
ATOM   369 O O   . ARG A 1 48 ? -2.228  10.777  -1.223  1.00 7.15  ? 48  ARG A O   1 
ATOM   370 C CB  . ARG A 1 48 ? -2.119  9.007   -3.654  1.00 7.12  ? 48  ARG A CB  1 
ATOM   371 C CG  . ARG A 1 48 ? -0.855  9.555   -4.293  1.00 6.53  ? 48  ARG A CG  1 
ATOM   372 C CD  . ARG A 1 48 ? -1.038  9.897   -5.760  1.00 7.25  ? 48  ARG A CD  1 
ATOM   373 N NE  . ARG A 1 48 ? -1.272  8.732   -6.599  1.00 6.92  ? 48  ARG A NE  1 
ATOM   374 C CZ  . ARG A 1 48 ? -0.327  7.982   -7.140  1.00 7.02  ? 48  ARG A CZ  1 
ATOM   375 N NH1 . ARG A 1 48 ? 0.950   8.242   -6.920  1.00 8.04  ? 48  ARG A NH1 1 
ATOM   376 N NH2 . ARG A 1 48 ? -0.670  6.964   -7.902  1.00 8.88  ? 48  ARG A NH2 1 
ATOM   377 N N   . GLU A 1 49 ? -0.183  9.812   -1.064  1.00 5.42  ? 49  GLU A N   1 
ATOM   378 C CA  . GLU A 1 49 ? 0.469   10.987  -0.412  1.00 6.17  ? 49  GLU A CA  1 
ATOM   379 C C   . GLU A 1 49 ? 1.482   11.673  -1.342  1.00 7.18  ? 49  GLU A C   1 
ATOM   380 O O   . GLU A 1 49 ? 1.767   12.833  -1.117  1.00 8.61  ? 49  GLU A O   1 
ATOM   381 C CB  . GLU A 1 49 ? 1.138   10.520  0.875   1.00 7.75  ? 49  GLU A CB  1 
ATOM   382 C CG  . GLU A 1 49 ? 0.084   10.120  1.878   1.00 9.32  ? 49  GLU A CG  1 
ATOM   383 C CD  . GLU A 1 49 ? 0.566   9.842   3.281   1.00 8.43  ? 49  GLU A CD  1 
ATOM   384 O OE1 . GLU A 1 49 ? 1.757   9.583   3.449   1.00 11.10 ? 49  GLU A OE1 1 
ATOM   385 O OE2 . GLU A 1 49 ? -0.267  9.906   4.194   1.00 10.22 ? 49  GLU A OE2 1 
ATOM   386 N N   . THR A 1 50 ? 2.047   10.935  -2.299  1.00 6.07  ? 50  THR A N   1 
ATOM   387 C CA  . THR A 1 50 ? 2.989   11.553  -3.265  1.00 6.63  ? 50  THR A CA  1 
ATOM   388 C C   . THR A 1 50 ? 2.773   10.985  -4.665  1.00 6.43  ? 50  THR A C   1 
ATOM   389 O O   . THR A 1 50 ? 2.208   9.904   -4.804  1.00 6.48  ? 50  THR A O   1 
ATOM   390 C CB  . THR A 1 50 ? 4.479   11.374  -2.908  1.00 6.48  ? 50  THR A CB  1 
ATOM   391 O OG1 . THR A 1 50 ? 4.837   10.016  -3.172  1.00 7.68  ? 50  THR A OG1 1 
ATOM   392 C CG2 . THR A 1 50 ? 4.835   11.698  -1.472  1.00 9.67  ? 50  THR A CG2 1 
ATOM   393 N N   . GLY A 1 51 ? 3.305   11.698  -5.652  1.00 7.82  ? 51  GLY A N   1 
ATOM   394 C CA  . GLY A 1 51 ? 3.299   11.194  -7.033  1.00 8.60  ? 51  GLY A CA  1 
ATOM   395 C C   . GLY A 1 51 ? 2.119   11.635  -7.840  1.00 9.24  ? 51  GLY A C   1 
ATOM   396 O O   . GLY A 1 51 ? 1.143   12.179  -7.286  1.00 10.02 ? 51  GLY A O   1 
ATOM   397 N N   . GLU A 1 52 ? 2.260   11.430  -9.131  1.00 10.39 ? 52  GLU A N   1 
ATOM   398 C CA  . GLU A 1 52 ? 1.187   11.740  -10.078 1.00 11.29 ? 52  GLU A CA  1 
ATOM   399 C C   . GLU A 1 52 ? 0.107   10.690  -9.959  1.00 10.69 ? 52  GLU A C   1 
ATOM   400 O O   . GLU A 1 52 ? 0.422   9.507   -9.761  1.00 11.09 ? 52  GLU A O   1 
ATOM   401 C CB  . GLU A 1 52 ? 1.738   11.705  -11.504 1.00 16.65 ? 52  GLU A CB  1 
ATOM   402 C CG  . GLU A 1 52 ? 2.831   12.720  -11.785 1.00 19.05 ? 52  GLU A CG  1 
ATOM   403 C CD  . GLU A 1 52 ? 3.462   12.612  -13.169 1.00 37.76 ? 52  GLU A CD  1 
ATOM   404 O OE1 . GLU A 1 52 ? 3.308   11.562  -13.825 1.00 39.05 ? 52  GLU A OE1 1 
ATOM   405 O OE2 . GLU A 1 52 ? 4.116   13.581  -13.592 1.00 44.75 ? 52  GLU A OE2 1 
ATOM   406 N N   . SER A 1 53 ? -1.115  11.116  -10.188 1.00 13.78 ? 53  SER A N   1 
ATOM   407 C CA  . SER A 1 53 ? -2.229  10.169  -10.237 1.00 16.31 ? 53  SER A CA  1 
ATOM   408 C C   . SER A 1 53 ? -1.899  9.122   -11.294 1.00 14.34 ? 53  SER A C   1 
ATOM   409 O O   . SER A 1 53 ? -1.311  9.461   -12.306 1.00 16.62 ? 53  SER A O   1 
ATOM   410 C CB  . SER A 1 53 ? -3.551  10.857  -10.519 1.00 25.41 ? 53  SER A CB  1 
ATOM   411 O OG  . SER A 1 53 ? -3.896  11.707  -9.437  1.00 36.00 ? 53  SER A OG  1 
ATOM   412 N N   . ASN A 1 54 ? -2.198  7.884   -10.962 1.00 15.41 ? 54  ASN A N   1 
ATOM   413 C CA  . ASN A 1 54 ? -1.974  6.750   -11.890 1.00 16.26 ? 54  ASN A CA  1 
ATOM   414 C C   . ASN A 1 54 ? -0.485  6.411   -11.986 1.00 18.64 ? 54  ASN A C   1 
ATOM   415 O O   . ASN A 1 54 ? -0.208  5.447   -12.647 1.00 20.51 ? 54  ASN A O   1 
ATOM   416 C CB  . ASN A 1 54 ? -2.709  6.925   -13.235 1.00 20.10 ? 54  ASN A CB  1 
ATOM   417 C CG  . ASN A 1 54 ? -4.090  7.543   -13.099 1.00 30.13 ? 54  ASN A CG  1 
ATOM   418 O OD1 . ASN A 1 54 ? -4.978  6.986   -12.461 1.00 31.43 ? 54  ASN A OD1 1 
ATOM   419 N ND2 . ASN A 1 54 ? -4.284  8.716   -13.677 1.00 32.52 ? 54  ASN A ND2 1 
ATOM   420 N N   . GLY A 1 55 ? 0.397   7.039   -11.196 1.00 13.08 ? 55  GLY A N   1 
ATOM   421 C CA  . GLY A 1 55 ? 1.854   6.804   -11.228 1.00 12.60 ? 55  GLY A CA  1 
ATOM   422 C C   . GLY A 1 55 ? 2.483   6.351   -9.894  1.00 9.95  ? 55  GLY A C   1 
ATOM   423 O O   . GLY A 1 55 ? 1.759   6.190   -8.940  1.00 9.30  ? 55  GLY A O   1 
ATOM   424 N N   A SER A 1 56 ? 3.814   6.227   -9.863  0.22 9.38  ? 56  SER A N   1 
ATOM   425 N N   B SER A 1 56 ? 3.814   6.226   -9.865  0.78 9.38  ? 56  SER A N   1 
ATOM   426 C CA  A SER A 1 56 ? 4.521   5.779   -8.626  0.22 8.69  ? 56  SER A CA  1 
ATOM   427 C CA  B SER A 1 56 ? 4.525   5.780   -8.622  0.78 8.06  ? 56  SER A CA  1 
ATOM   428 C C   A SER A 1 56 ? 4.326   6.776   -7.484  0.22 8.35  ? 56  SER A C   1 
ATOM   429 C C   B SER A 1 56 ? 4.342   6.782   -7.480  0.78 8.26  ? 56  SER A C   1 
ATOM   430 O O   A SER A 1 56 ? 4.082   7.961   -7.752  0.22 7.46  ? 56  SER A O   1 
ATOM   431 O O   B SER A 1 56 ? 4.067   7.947   -7.739  0.78 9.37  ? 56  SER A O   1 
ATOM   432 C CB  A SER A 1 56 ? 5.992   5.574   -8.891  0.22 9.07  ? 56  SER A CB  1 
ATOM   433 C CB  B SER A 1 56 ? 5.993   5.585   -8.884  0.78 10.13 ? 56  SER A CB  1 
ATOM   434 O OG  A SER A 1 56 ? 6.674   6.815   -9.008  0.22 10.98 ? 56  SER A OG  1 
ATOM   435 O OG  B SER A 1 56 ? 6.185   4.626   -9.920  0.78 10.98 ? 56  SER A OG  1 
ATOM   436 N N   . GLY A 1 57 ? 4.364   6.284   -6.263  1.00 7.91  ? 57  GLY A N   1 
ATOM   437 C CA  . GLY A 1 57 ? 4.286   7.224   -5.124  1.00 8.18  ? 57  GLY A CA  1 
ATOM   438 C C   . GLY A 1 57 ? 4.108   6.547   -3.780  1.00 6.11  ? 57  GLY A C   1 
ATOM   439 O O   . GLY A 1 57 ? 4.115   5.311   -3.700  1.00 6.91  ? 57  GLY A O   1 
ATOM   440 N N   . MET A 1 58 ? 4.008   7.391   -2.765  1.00 5.95  ? 58  MET A N   1 
ATOM   441 C CA  . MET A 1 58 ? 3.743   6.907   -1.396  1.00 5.70  ? 58  MET A CA  1 
ATOM   442 C C   . MET A 1 58 ? 2.237   6.783   -1.184  1.00 5.00  ? 58  MET A C   1 
ATOM   443 O O   . MET A 1 58 ? 1.495   7.671   -1.594  1.00 6.13  ? 58  MET A O   1 
ATOM   444 C CB  . MET A 1 58 ? 4.221   7.938   -0.372  1.00 6.97  ? 58  MET A CB  1 
ATOM   445 C CG  . MET A 1 58 ? 5.728   8.172   -0.390  1.00 10.45 ? 58  MET A CG  1 
ATOM   446 S SD  . MET A 1 58 ? 6.726   6.727   0.019   1.00 12.09 ? 58  MET A SD  1 
ATOM   447 C CE  . MET A 1 58 ? 6.049   6.317   1.613   1.00 13.55 ? 58  MET A CE  1 
ATOM   448 N N   . PHE A 1 59 ? 1.875   5.735   -0.462  1.00 5.44  ? 59  PHE A N   1 
ATOM   449 C CA  . PHE A 1 59 ? 0.456   5.481   -0.123  1.00 5.06  ? 59  PHE A CA  1 
ATOM   450 C C   . PHE A 1 59 ? 0.339   5.187   1.374   1.00 5.21  ? 59  PHE A C   1 
ATOM   451 O O   . PHE A 1 59 ? 1.309   4.761   2.013   1.00 5.93  ? 59  PHE A O   1 
ATOM   452 C CB  . PHE A 1 59 ? -0.084  4.266   -0.869  1.00 6.31  ? 59  PHE A CB  1 
ATOM   453 C CG  . PHE A 1 59 ? -0.277  4.521   -2.344  1.00 5.52  ? 59  PHE A CG  1 
ATOM   454 C CD1 . PHE A 1 59 ? 0.792   4.494   -3.229  1.00 6.92  ? 59  PHE A CD1 1 
ATOM   455 C CD2 . PHE A 1 59 ? -1.532  4.829   -2.842  1.00 7.31  ? 59  PHE A CD2 1 
ATOM   456 C CE1 . PHE A 1 59 ? 0.604   4.749   -4.579  1.00 8.97  ? 59  PHE A CE1 1 
ATOM   457 C CE2 . PHE A 1 59 ? -1.716  5.089   -4.190  1.00 9.33  ? 59  PHE A CE2 1 
ATOM   458 C CZ  . PHE A 1 59 ? -0.649  5.041   -5.053  1.00 10.27 ? 59  PHE A CZ  1 
ATOM   459 N N   . GLN A 1 60 ? -0.846  5.447   1.901   1.00 5.35  ? 60  GLN A N   1 
ATOM   460 C CA  . GLN A 1 60 ? -1.158  5.208   3.333   1.00 4.90  ? 60  GLN A CA  1 
ATOM   461 C C   . GLN A 1 60 ? -2.467  4.421   3.427   1.00 5.41  ? 60  GLN A C   1 
ATOM   462 O O   . GLN A 1 60 ? -3.451  4.804   2.789   1.00 5.68  ? 60  GLN A O   1 
ATOM   463 C CB  . GLN A 1 60 ? -1.284  6.552   4.043   1.00 6.68  ? 60  GLN A CB  1 
ATOM   464 C CG  . GLN A 1 60 ? -1.904  6.465   5.437   1.00 6.88  ? 60  GLN A CG  1 
ATOM   465 C CD  . GLN A 1 60 ? -0.963  5.860   6.451   1.00 7.24  ? 60  GLN A CD  1 
ATOM   466 O OE1 . GLN A 1 60 ? 0.103   6.392   6.726   1.00 8.82  ? 60  GLN A OE1 1 
ATOM   467 N NE2 . GLN A 1 60 ? -1.343  4.721   7.002   1.00 8.01  ? 60  GLN A NE2 1 
ATOM   468 N N   . ALA A 1 61 ? -2.452  3.340   4.188   1.00 5.08  ? 61  ALA A N   1 
ATOM   469 C CA  . ALA A 1 61 ? -3.660  2.510   4.385   1.00 6.32  ? 61  ALA A CA  1 
ATOM   470 C C   . ALA A 1 61 ? -4.561  3.099   5.467   1.00 5.65  ? 61  ALA A C   1 
ATOM   471 O O   . ALA A 1 61 ? -4.068  3.798   6.366   1.00 6.03  ? 61  ALA A O   1 
ATOM   472 C CB  . ALA A 1 61 ? -3.239  1.116   4.794   1.00 6.91  ? 61  ALA A CB  1 
ATOM   473 N N   . TYR A 1 62 ? -5.833  2.766   5.364   1.00 6.42  ? 62  TYR A N   1 
ATOM   474 C CA  . TYR A 1 62 ? -6.831  3.186   6.373   1.00 6.41  ? 62  TYR A CA  1 
ATOM   475 C C   . TYR A 1 62 ? -7.924  2.128   6.404   1.00 6.50  ? 62  TYR A C   1 
ATOM   476 O O   . TYR A 1 62 ? -8.042  1.297   5.496   1.00 7.33  ? 62  TYR A O   1 
ATOM   477 C CB  . TYR A 1 62 ? -7.366  4.587   6.072   1.00 7.01  ? 62  TYR A CB  1 
ATOM   478 C CG  . TYR A 1 62 ? -8.158  4.693   4.797   1.00 7.47  ? 62  TYR A CG  1 
ATOM   479 C CD1 . TYR A 1 62 ? -7.522  4.972   3.600   1.00 8.86  ? 62  TYR A CD1 1 
ATOM   480 C CD2 . TYR A 1 62 ? -9.533  4.507   4.785   1.00 10.66 ? 62  TYR A CD2 1 
ATOM   481 C CE1 . TYR A 1 62 ? -8.230  5.079   2.418   1.00 10.39 ? 62  TYR A CE1 1 
ATOM   482 C CE2 . TYR A 1 62 ? -10.253 4.603   3.606   1.00 10.80 ? 62  TYR A CE2 1 
ATOM   483 C CZ  . TYR A 1 62 ? -9.598  4.888   2.420   1.00 11.40 ? 62  TYR A CZ  1 
ATOM   484 O OH  . TYR A 1 62 ? -10.287 4.998   1.248   1.00 14.88 ? 62  TYR A OH  1 
ATOM   485 N N   . HIS A 1 63 ? -8.662  2.171   7.498   1.00 6.53  ? 63  HIS A N   1 
ATOM   486 C CA  . HIS A 1 63 ? -9.755  1.195   7.664   1.00 8.10  ? 63  HIS A CA  1 
ATOM   487 C C   . HIS A 1 63 ? -10.784 1.653   8.689   1.00 8.28  ? 63  HIS A C   1 
ATOM   488 O O   . HIS A 1 63 ? -10.578 2.680   9.346   1.00 8.54  ? 63  HIS A O   1 
ATOM   489 C CB  . HIS A 1 63 ? -9.164  -0.157  8.124   1.00 10.84 ? 63  HIS A CB  1 
ATOM   490 C CG  . HIS A 1 63 ? -8.509  -0.249  9.469   1.00 12.62 ? 63  HIS A CG  1 
ATOM   491 N ND1 . HIS A 1 63 ? -8.156  0.826   10.261  1.00 20.04 ? 63  HIS A ND1 1 
ATOM   492 C CD2 . HIS A 1 63 ? -8.122  -1.341  10.157  1.00 15.30 ? 63  HIS A CD2 1 
ATOM   493 C CE1 . HIS A 1 63 ? -7.585  0.387   11.367  1.00 18.48 ? 63  HIS A CE1 1 
ATOM   494 N NE2 . HIS A 1 63 ? -7.550  -0.935  11.320  1.00 24.87 ? 63  HIS A NE2 1 
ATOM   495 N N   . HIS A 1 64 ? -11.862 0.880   8.780   1.00 10.01 ? 64  HIS A N   1 
ATOM   496 C CA  . HIS A 1 64 ? -12.852 1.104   9.856   1.00 10.66 ? 64  HIS A CA  1 
ATOM   497 C C   . HIS A 1 64 ? -12.231 0.637   11.170  1.00 11.61 ? 64  HIS A C   1 
ATOM   498 O O   . HIS A 1 64 ? -11.673 -0.470  11.214  1.00 15.90 ? 64  HIS A O   1 
ATOM   499 C CB  . HIS A 1 64 ? -14.081 0.284   9.480   1.00 12.94 ? 64  HIS A CB  1 
ATOM   500 C CG  . HIS A 1 64 ? -15.142 0.406   10.515  1.00 17.98 ? 64  HIS A CG  1 
ATOM   501 N ND1 . HIS A 1 64 ? -15.367 -0.577  11.449  1.00 26.77 ? 64  HIS A ND1 1 
ATOM   502 C CD2 . HIS A 1 64 ? -15.972 1.423   10.812  1.00 21.18 ? 64  HIS A CD2 1 
ATOM   503 C CE1 . HIS A 1 64 ? -16.327 -0.182  12.251  1.00 20.10 ? 64  HIS A CE1 1 
ATOM   504 N NE2 . HIS A 1 64 ? -16.720 1.034   11.883  1.00 20.99 ? 64  HIS A NE2 1 
ATOM   505 N N   . LEU A 1 65 ? -12.307 1.463   12.195  1.00 11.65 ? 65  LEU A N   1 
ATOM   506 C CA  . LEU A 1 65 ? -11.807 1.060   13.532  1.00 11.80 ? 65  LEU A CA  1 
ATOM   507 C C   . LEU A 1 65 ? -12.798 0.066   14.148  1.00 12.68 ? 65  LEU A C   1 
ATOM   508 O O   . LEU A 1 65 ? -13.975 0.394   14.331  1.00 12.59 ? 65  LEU A O   1 
ATOM   509 C CB  . LEU A 1 65 ? -11.626 2.306   14.394  1.00 10.98 ? 65  LEU A CB  1 
ATOM   510 C CG  . LEU A 1 65 ? -11.085 2.038   15.800  1.00 12.63 ? 65  LEU A CG  1 
ATOM   511 C CD1 . LEU A 1 65 ? -9.708  1.386   15.746  1.00 14.33 ? 65  LEU A CD1 1 
ATOM   512 C CD2 . LEU A 1 65 ? -11.026 3.326   16.601  1.00 13.63 ? 65  LEU A CD2 1 
ATOM   513 N N   . HIS A 1 66 ? -12.282 -1.110  14.493  1.00 13.99 ? 66  HIS A N   1 
ATOM   514 C CA  . HIS A 1 66 ? -13.138 -2.188  15.042  1.00 15.51 ? 66  HIS A CA  1 
ATOM   515 C C   . HIS A 1 66 ? -13.912 -1.732  16.288  1.00 15.20 ? 66  HIS A C   1 
ATOM   516 O O   . HIS A 1 66 ? -13.278 -1.191  17.214  1.00 17.65 ? 66  HIS A O   1 
ATOM   517 C CB  . HIS A 1 66 ? -12.280 -3.392  15.432  1.00 18.87 ? 66  HIS A CB  1 
ATOM   518 C CG  . HIS A 1 66 ? -13.077 -4.476  16.073  1.00 28.18 ? 66  HIS A CG  1 
ATOM   519 N ND1 . HIS A 1 66 ? -13.853 -5.337  15.339  1.00 35.22 ? 66  HIS A ND1 1 
ATOM   520 C CD2 . HIS A 1 66 ? -13.247 -4.817  17.368  1.00 34.09 ? 66  HIS A CD2 1 
ATOM   521 C CE1 . HIS A 1 66 ? -14.450 -6.181  16.148  1.00 35.53 ? 66  HIS A CE1 1 
ATOM   522 N NE2 . HIS A 1 66 ? -14.100 -5.883  17.394  1.00 38.30 ? 66  HIS A NE2 1 
ATOM   523 N N   . GLY A 1 67 ? -15.209 -2.030  16.307  1.00 15.93 ? 67  GLY A N   1 
ATOM   524 C CA  . GLY A 1 67 ? -16.029 -1.728  17.504  1.00 15.98 ? 67  GLY A CA  1 
ATOM   525 C C   . GLY A 1 67 ? -16.781 -0.407  17.405  1.00 14.58 ? 67  GLY A C   1 
ATOM   526 O O   . GLY A 1 67 ? -17.598 -0.117  18.263  1.00 14.79 ? 67  GLY A O   1 
ATOM   527 N N   . THR A 1 68 ? -16.434 0.404   16.419  1.00 13.48 ? 68  THR A N   1 
ATOM   528 C CA  . THR A 1 68 ? -17.046 1.754   16.307  1.00 12.70 ? 68  THR A CA  1 
ATOM   529 C C   . THR A 1 68 ? -18.146 1.756   15.267  1.00 13.83 ? 68  THR A C   1 
ATOM   530 O O   . THR A 1 68 ? -18.198 0.846   14.430  1.00 14.83 ? 68  THR A O   1 
ATOM   531 C CB  . THR A 1 68 ? -16.005 2.801   15.920  1.00 11.44 ? 68  THR A CB  1 
ATOM   532 O OG1 . THR A 1 68 ? -15.625 2.621   14.552  1.00 11.61 ? 68  THR A OG1 1 
ATOM   533 C CG2 . THR A 1 68 ? -14.791 2.777   16.823  1.00 11.40 ? 68  THR A CG2 1 
ATOM   534 N N   . ASN A 1 69 ? -19.053 2.717   15.387  1.00 14.10 ? 69  ASN A N   1 
ATOM   535 C CA  . ASN A 1 69 ? -20.115 2.787   14.370  1.00 15.74 ? 69  ASN A CA  1 
ATOM   536 C C   . ASN A 1 69 ? -19.496 3.180   13.026  1.00 15.55 ? 69  ASN A C   1 
ATOM   537 O O   . ASN A 1 69 ? -19.749 2.459   12.062  1.00 16.75 ? 69  ASN A O   1 
ATOM   538 C CB  . ASN A 1 69 ? -21.312 3.661   14.793  1.00 16.80 ? 69  ASN A CB  1 
ATOM   539 C CG  . ASN A 1 69 ? -21.004 5.065   15.274  1.00 15.74 ? 69  ASN A CG  1 
ATOM   540 O OD1 . ASN A 1 69 ? -19.858 5.499   15.336  1.00 15.04 ? 69  ASN A OD1 1 
ATOM   541 N ND2 . ASN A 1 69 ? -22.054 5.791   15.621  1.00 17.02 ? 69  ASN A ND2 1 
ATOM   542 N N   . ARG A 1 70 ? -18.752 4.263   12.966  1.00 14.35 ? 70  ARG A N   1 
ATOM   543 C CA  . ARG A 1 70 ? -18.347 4.784   11.630  1.00 14.61 ? 70  ARG A CA  1 
ATOM   544 C C   . ARG A 1 70 ? -16.915 5.334   11.621  1.00 13.19 ? 70  ARG A C   1 
ATOM   545 O O   . ARG A 1 70 ? -16.592 6.059   10.685  1.00 15.83 ? 70  ARG A O   1 
ATOM   546 C CB  . ARG A 1 70 ? -19.351 5.895   11.262  1.00 17.89 ? 70  ARG A CB  1 
ATOM   547 C CG  . ARG A 1 70 ? -20.720 5.410   10.800  1.00 26.14 ? 70  ARG A CG  1 
ATOM   548 C CD  . ARG A 1 70 ? -21.762 6.476   10.523  1.00 34.60 ? 70  ARG A CD  1 
ATOM   549 N NE  . ARG A 1 70 ? -23.053 6.057   11.058  1.00 44.04 ? 70  ARG A NE  1 
ATOM   550 C CZ  . ARG A 1 70 ? -23.469 6.333   12.285  1.00 48.04 ? 70  ARG A CZ  1 
ATOM   551 N NH1 . ARG A 1 70 ? -22.690 7.019   13.099  1.00 47.73 ? 70  ARG A NH1 1 
ATOM   552 N NH2 . ARG A 1 70 ? -24.650 5.919   12.705  1.00 54.79 ? 70  ARG A NH2 1 
ATOM   553 N N   . THR A 1 71 ? -16.100 5.003   12.615  1.00 11.97 ? 71  THR A N   1 
ATOM   554 C CA  . THR A 1 71 ? -14.765 5.630   12.696  1.00 11.17 ? 71  THR A CA  1 
ATOM   555 C C   . THR A 1 71 ? -13.791 5.031   11.676  1.00 11.09 ? 71  THR A C   1 
ATOM   556 O O   . THR A 1 71 ? -13.551 3.843   11.740  1.00 12.92 ? 71  THR A O   1 
ATOM   557 C CB  . THR A 1 71 ? -14.183 5.549   14.108  1.00 10.40 ? 71  THR A CB  1 
ATOM   558 O OG1 . THR A 1 71 ? -15.218 5.858   15.051  1.00 11.85 ? 71  THR A OG1 1 
ATOM   559 C CG2 . THR A 1 71 ? -13.006 6.478   14.307  1.00 10.90 ? 71  THR A CG2 1 
ATOM   560 N N   . GLU A 1 72 ? -13.207 5.903   10.858  1.00 11.53 ? 72  GLU A N   1 
ATOM   561 C CA  . GLU A 1 72 ? -12.140 5.478   9.926   1.00 10.19 ? 72  GLU A CA  1 
ATOM   562 C C   . GLU A 1 72 ? -10.815 6.055   10.422  1.00 8.84  ? 72  GLU A C   1 
ATOM   563 O O   . GLU A 1 72 ? -10.759 7.234   10.802  1.00 9.86  ? 72  GLU A O   1 
ATOM   564 C CB  . GLU A 1 72 ? -12.420 6.010   8.529   1.00 12.99 ? 72  GLU A CB  1 
ATOM   565 C CG  . GLU A 1 72 ? -13.633 5.354   7.889   1.00 14.79 ? 72  GLU A CG  1 
ATOM   566 C CD  . GLU A 1 72 ? -13.399 3.970   7.309   1.00 14.11 ? 72  GLU A CD  1 
ATOM   567 O OE1 . GLU A 1 72 ? -12.378 3.777   6.634   1.00 13.85 ? 72  GLU A OE1 1 
ATOM   568 O OE2 . GLU A 1 72 ? -14.257 3.103   7.496   1.00 21.50 ? 72  GLU A OE2 1 
ATOM   569 N N   A THR A 1 73 ? -9.779  5.215   10.425  0.48 7.90  ? 73  THR A N   1 
ATOM   570 N N   B THR A 1 73 ? -9.780  5.215   10.429  0.52 7.94  ? 73  THR A N   1 
ATOM   571 C CA  A THR A 1 73 ? -8.452  5.658   10.908  0.48 7.69  ? 73  THR A CA  1 
ATOM   572 C CA  B THR A 1 73 ? -8.451  5.653   10.916  0.52 7.77  ? 73  THR A CA  1 
ATOM   573 C C   A THR A 1 73 ? -7.357  5.080   10.021  0.48 6.64  ? 73  THR A C   1 
ATOM   574 C C   B THR A 1 73 ? -7.362  5.088   10.013  0.52 6.58  ? 73  THR A C   1 
ATOM   575 O O   A THR A 1 73 ? -7.588  4.061   9.366   0.48 7.37  ? 73  THR A O   1 
ATOM   576 O O   B THR A 1 73 ? -7.586  4.054   9.384   0.52 7.81  ? 73  THR A O   1 
ATOM   577 C CB  A THR A 1 73 ? -8.220  5.198   12.356  0.48 11.42 ? 73  THR A CB  1 
ATOM   578 C CB  B THR A 1 73 ? -8.169  5.141   12.342  0.52 9.53  ? 73  THR A CB  1 
ATOM   579 O OG1 A THR A 1 73 ? -7.019  5.803   12.832  0.48 13.49 ? 73  THR A OG1 1 
ATOM   580 O OG1 B THR A 1 73 ? -8.044  3.718   12.340  0.52 12.74 ? 73  THR A OG1 1 
ATOM   581 C CG2 A THR A 1 73 ? -8.137  3.695   12.509  0.48 12.25 ? 73  THR A CG2 1 
ATOM   582 C CG2 B THR A 1 73 ? -9.235  5.496   13.356  0.52 10.12 ? 73  THR A CG2 1 
ATOM   583 N N   . THR A 1 74 ? -6.258  5.756   9.951   1.00 7.04  ? 74  THR A N   1 
ATOM   584 C CA  . THR A 1 74 ? -5.083  5.186   9.247   1.00 7.54  ? 74  THR A CA  1 
ATOM   585 C C   . THR A 1 74 ? -4.563  3.961   9.987   1.00 8.13  ? 74  THR A C   1 
ATOM   586 O O   . THR A 1 74 ? -4.793  3.819   11.196  1.00 9.38  ? 74  THR A O   1 
ATOM   587 C CB  . THR A 1 74 ? -3.963  6.220   9.088   1.00 9.00  ? 74  THR A CB  1 
ATOM   588 O OG1 . THR A 1 74 ? -3.520  6.616   10.382  1.00 10.02 ? 74  THR A OG1 1 
ATOM   589 C CG2 . THR A 1 74 ? -4.416  7.432   8.304   1.00 9.81  ? 74  THR A CG2 1 
ATOM   590 N N   . VAL A 1 75 ? -3.887  3.108   9.251   1.00 6.70  ? 75  VAL A N   1 
ATOM   591 C CA  . VAL A 1 75 ? -3.280  1.905   9.877   1.00 8.37  ? 75  VAL A CA  1 
ATOM   592 C C   . VAL A 1 75 ? -1.925  1.745   9.208   1.00 7.74  ? 75  VAL A C   1 
ATOM   593 O O   . VAL A 1 75 ? -1.815  1.906   7.994   1.00 7.28  ? 75  VAL A O   1 
ATOM   594 C CB  . VAL A 1 75 ? -4.168  0.668   9.700   1.00 12.64 ? 75  VAL A CB  1 
ATOM   595 C CG1 . VAL A 1 75 ? -4.706  0.508   8.299   1.00 12.85 ? 75  VAL A CG1 1 
ATOM   596 C CG2 . VAL A 1 75 ? -3.494  -0.604  10.207  1.00 13.75 ? 75  VAL A CG2 1 
ATOM   597 N N   . GLY A 1 76 ? -0.939  1.503   10.027  1.00 7.90  ? 76  GLY A N   1 
ATOM   598 C CA  . GLY A 1 76 ? 0.427   1.354   9.522   1.00 8.68  ? 76  GLY A CA  1 
ATOM   599 C C   . GLY A 1 76 ? 1.025   2.679   9.106   1.00 7.72  ? 76  GLY A C   1 
ATOM   600 O O   . GLY A 1 76 ? 0.422   3.722   9.308   1.00 9.60  ? 76  GLY A O   1 
ATOM   601 N N   . TYR A 1 77 ? 2.219   2.595   8.547   1.00 8.46  ? 77  TYR A N   1 
ATOM   602 C CA  . TYR A 1 77 ? 2.945   3.772   8.060   1.00 8.25  ? 77  TYR A CA  1 
ATOM   603 C C   . TYR A 1 77 ? 2.824   3.832   6.535   1.00 6.56  ? 77  TYR A C   1 
ATOM   604 O O   . TYR A 1 77 ? 2.453   2.873   5.887   1.00 6.61  ? 77  TYR A O   1 
ATOM   605 C CB  . TYR A 1 77 ? 4.430   3.621   8.403   1.00 9.07  ? 77  TYR A CB  1 
ATOM   606 C CG  . TYR A 1 77 ? 4.763   3.855   9.855   1.00 12.76 ? 77  TYR A CG  1 
ATOM   607 C CD1 . TYR A 1 77 ? 4.839   5.142   10.359  1.00 15.67 ? 77  TYR A CD1 1 
ATOM   608 C CD2 . TYR A 1 77 ? 5.009   2.803   10.723  1.00 14.34 ? 77  TYR A CD2 1 
ATOM   609 C CE1 . TYR A 1 77 ? 5.159   5.378   11.686  1.00 18.56 ? 77  TYR A CE1 1 
ATOM   610 C CE2 . TYR A 1 77 ? 5.338   3.023   12.054  1.00 17.43 ? 77  TYR A CE2 1 
ATOM   611 C CZ  . TYR A 1 77 ? 5.403   4.316   12.536  1.00 16.40 ? 77  TYR A CZ  1 
ATOM   612 O OH  . TYR A 1 77 ? 5.713   4.554   13.844  1.00 23.50 ? 77  TYR A OH  1 
ATOM   613 N N   . PRO A 1 78 ? 3.200   4.988   5.932   1.00 7.15  ? 78  PRO A N   1 
ATOM   614 C CA  . PRO A 1 78 ? 3.241   5.059   4.476   1.00 7.31  ? 78  PRO A CA  1 
ATOM   615 C C   . PRO A 1 78 ? 4.232   4.060   3.872   1.00 6.67  ? 78  PRO A C   1 
ATOM   616 O O   . PRO A 1 78 ? 5.175   3.681   4.489   1.00 7.07  ? 78  PRO A O   1 
ATOM   617 C CB  . PRO A 1 78 ? 3.677   6.505   4.150   1.00 8.37  ? 78  PRO A CB  1 
ATOM   618 C CG  . PRO A 1 78 ? 3.283   7.298   5.368   1.00 10.30 ? 78  PRO A CG  1 
ATOM   619 C CD  . PRO A 1 78 ? 3.540   6.342   6.501   1.00 7.93  ? 78  PRO A CD  1 
ATOM   620 N N   . PHE A 1 79 ? 3.944   3.663   2.640   1.00 6.10  ? 79  PHE A N   1 
ATOM   621 C CA  . PHE A 1 79 ? 4.816   2.727   1.906   1.00 6.58  ? 79  PHE A CA  1 
ATOM   622 C C   . PHE A 1 79 ? 4.869   3.190   0.461   1.00 5.39  ? 79  PHE A C   1 
ATOM   623 O O   . PHE A 1 79 ? 3.939   3.851   0.004   1.00 5.82  ? 79  PHE A O   1 
ATOM   624 C CB  . PHE A 1 79 ? 4.301   1.296   2.064   1.00 7.39  ? 79  PHE A CB  1 
ATOM   625 C CG  . PHE A 1 79 ? 2.871   1.097   1.631   1.00 5.10  ? 79  PHE A CG  1 
ATOM   626 C CD1 . PHE A 1 79 ? 2.553   0.795   0.312   1.00 6.41  ? 79  PHE A CD1 1 
ATOM   627 C CD2 . PHE A 1 79 ? 1.836   1.231   2.544   1.00 6.20  ? 79  PHE A CD2 1 
ATOM   628 C CE1 . PHE A 1 79 ? 1.232   0.636   -0.079  1.00 6.40  ? 79  PHE A CE1 1 
ATOM   629 C CE2 . PHE A 1 79 ? 0.519   1.067   2.151   1.00 7.42  ? 79  PHE A CE2 1 
ATOM   630 C CZ  . PHE A 1 79 ? 0.219   0.768   0.842   1.00 6.40  ? 79  PHE A CZ  1 
ATOM   631 N N   . HIS A 1 80 ? 5.960   2.833   -0.203  1.00 5.54  ? 80  HIS A N   1 
ATOM   632 C CA  . HIS A 1 80 ? 6.168   3.251   -1.605  1.00 5.72  ? 80  HIS A CA  1 
ATOM   633 C C   . HIS A 1 80 ? 5.759   2.148   -2.575  1.00 5.16  ? 80  HIS A C   1 
ATOM   634 O O   . HIS A 1 80 ? 5.997   0.969   -2.307  1.00 5.60  ? 80  HIS A O   1 
ATOM   635 C CB  . HIS A 1 80 ? 7.623   3.673   -1.809  1.00 7.15  ? 80  HIS A CB  1 
ATOM   636 C CG  . HIS A 1 80 ? 7.789   4.497   -3.048  1.00 7.11  ? 80  HIS A CG  1 
ATOM   637 N ND1 . HIS A 1 80 ? 8.187   3.952   -4.245  1.00 9.95  ? 80  HIS A ND1 1 
ATOM   638 C CD2 . HIS A 1 80 ? 7.589   5.806   -3.293  1.00 9.10  ? 80  HIS A CD2 1 
ATOM   639 C CE1 . HIS A 1 80 ? 8.240   4.884   -5.166  1.00 10.61 ? 80  HIS A CE1 1 
ATOM   640 N NE2 . HIS A 1 80 ? 7.872   6.028   -4.612  1.00 10.12 ? 80  HIS A NE2 1 
ATOM   641 N N   . VAL A 1 81 ? 5.168   2.586   -3.682  1.00 5.35  ? 81  VAL A N   1 
ATOM   642 C CA  . VAL A 1 81 ? 4.692   1.668   -4.754  1.00 5.50  ? 81  VAL A CA  1 
ATOM   643 C C   . VAL A 1 81 ? 5.232   2.229   -6.066  1.00 5.83  ? 81  VAL A C   1 
ATOM   644 O O   . VAL A 1 81 ? 5.002   3.402   -6.359  1.00 7.07  ? 81  VAL A O   1 
ATOM   645 C CB  . VAL A 1 81 ? 3.159   1.606   -4.773  1.00 6.23  ? 81  VAL A CB  1 
ATOM   646 C CG1 . VAL A 1 81 ? 2.639   0.623   -5.815  1.00 7.67  ? 81  VAL A CG1 1 
ATOM   647 C CG2 . VAL A 1 81 ? 2.594   1.266   -3.408  1.00 7.53  ? 81  VAL A CG2 1 
ATOM   648 N N   . MET A 1 82 ? 5.961   1.413   -6.803  1.00 6.69  ? 82  MET A N   1 
ATOM   649 C CA  . MET A 1 82 ? 6.663   1.899   -7.999  1.00 8.67  ? 82  MET A CA  1 
ATOM   650 C C   . MET A 1 82 ? 6.431   0.943   -9.157  1.00 8.15  ? 82  MET A C   1 
ATOM   651 O O   . MET A 1 82 ? 6.534   -0.279  -9.014  1.00 6.91  ? 82  MET A O   1 
ATOM   652 C CB  . MET A 1 82 ? 8.168   1.924   -7.688  1.00 11.90 ? 82  MET A CB  1 
ATOM   653 C CG  . MET A 1 82 ? 8.942   2.688   -8.726  1.00 13.98 ? 82  MET A CG  1 
ATOM   654 S SD  . MET A 1 82 ? 10.687  2.692   -8.340  1.00 17.83 ? 82  MET A SD  1 
ATOM   655 C CE  . MET A 1 82 ? 11.067  0.976   -8.679  1.00 25.62 ? 82  MET A CE  1 
ATOM   656 N N   . GLU A 1 83 ? 6.155   1.534   -10.300 1.00 9.00  ? 83  GLU A N   1 
ATOM   657 C CA  . GLU A 1 83 ? 6.122   0.756   -11.549 1.00 10.11 ? 83  GLU A CA  1 
ATOM   658 C C   . GLU A 1 83 ? 7.450   0.001   -11.793 1.00 9.21  ? 83  GLU A C   1 
ATOM   659 O O   . GLU A 1 83 ? 8.509   0.589   -11.607 1.00 9.54  ? 83  GLU A O   1 
ATOM   660 C CB  . GLU A 1 83 ? 5.917   1.766   -12.688 1.00 12.91 ? 83  GLU A CB  1 
ATOM   661 C CG  . GLU A 1 83 ? 4.620   2.567   -12.629 1.00 13.35 ? 83  GLU A CG  1 
ATOM   662 C CD  . GLU A 1 83 ? 4.587   3.834   -13.484 1.00 14.83 ? 83  GLU A CD  1 
ATOM   663 O OE1 . GLU A 1 83 ? 5.641   4.233   -13.994 1.00 15.88 ? 83  GLU A OE1 1 
ATOM   664 O OE2 . GLU A 1 83 ? 3.507   4.432   -13.631 1.00 15.86 ? 83  GLU A OE2 1 
ATOM   665 N N   . LEU A 1 84 ? 7.333   -1.270  -12.086 1.00 8.60  ? 84  LEU A N   1 
ATOM   666 C CA  . LEU A 1 84 ? 8.547   -2.081  -12.383 1.00 8.51  ? 84  LEU A CA  1 
ATOM   667 C C   . LEU A 1 84 ? 8.315   -2.972  -13.600 1.00 9.67  ? 84  LEU A C   1 
ATOM   668 O O   . LEU A 1 84 ? 7.400   -3.759  -13.600 1.00 10.61 ? 84  LEU A O   1 
ATOM   669 C CB  . LEU A 1 84 ? 8.892   -2.969  -11.186 1.00 9.62  ? 84  LEU A CB  1 
ATOM   670 C CG  . LEU A 1 84 ? 10.151  -3.824  -11.348 1.00 10.07 ? 84  LEU A CG  1 
ATOM   671 C CD1 . LEU A 1 84 ? 11.403  -2.965  -11.419 1.00 11.79 ? 84  LEU A CD1 1 
ATOM   672 C CD2 . LEU A 1 84 ? 10.264  -4.838  -10.222 1.00 11.36 ? 84  LEU A CD2 1 
ATOM   673 N N   . LEU A 1 85 ? 9.194   -2.846  -14.596 1.00 9.89  ? 85  LEU A N   1 
ATOM   674 C CA  . LEU A 1 85 ? 9.142   -3.720  -15.793 1.00 11.12 ? 85  LEU A CA  1 
ATOM   675 C C   . LEU A 1 85 ? 9.983   -4.961  -15.533 1.00 12.96 ? 85  LEU A C   1 
ATOM   676 O O   . LEU A 1 85 ? 11.166  -4.815  -15.233 1.00 14.22 ? 85  LEU A O   1 
ATOM   677 C CB  . LEU A 1 85 ? 9.723   -2.974  -16.997 1.00 13.75 ? 85  LEU A CB  1 
ATOM   678 C CG  . LEU A 1 85 ? 8.793   -2.005  -17.708 1.00 19.81 ? 85  LEU A CG  1 
ATOM   679 C CD1 . LEU A 1 85 ? 9.528   -1.330  -18.861 1.00 26.81 ? 85  LEU A CD1 1 
ATOM   680 C CD2 . LEU A 1 85 ? 7.552   -2.730  -18.212 1.00 27.62 ? 85  LEU A CD2 1 
ATOM   681 N N   . GLU A 1 86 ? 9.372   -6.129  -15.635 1.00 12.50 ? 86  GLU A N   1 
ATOM   682 C CA  . GLU A 1 86 ? 10.105  -7.410  -15.555 1.00 14.51 ? 86  GLU A CA  1 
ATOM   683 C C   . GLU A 1 86 ? 10.460  -7.826  -16.985 1.00 21.41 ? 86  GLU A C   1 
ATOM   684 O O   . GLU A 1 86 ? 9.709   -7.529  -17.912 1.00 23.90 ? 86  GLU A O   1 
ATOM   685 C CB  . GLU A 1 86 ? 9.216   -8.490  -14.954 1.00 15.89 ? 86  GLU A CB  1 
ATOM   686 C CG  . GLU A 1 86 ? 8.835   -8.234  -13.509 1.00 19.51 ? 86  GLU A CG  1 
ATOM   687 C CD  . GLU A 1 86 ? 7.956   -9.336  -12.949 1.00 33.85 ? 86  GLU A CD  1 
ATOM   688 O OE1 . GLU A 1 86 ? 6.974   -9.702  -13.612 1.00 41.05 ? 86  GLU A OE1 1 
ATOM   689 O OE2 . GLU A 1 86 ? 8.259   -9.826  -11.863 1.00 41.07 ? 86  GLU A OE2 1 
ATOM   690 N N   . HIS A 1 87 ? 11.570  -8.507  -17.149 1.00 26.45 ? 87  HIS A N   1 
ATOM   691 C CA  . HIS A 1 87 ? 11.974  -8.971  -18.497 1.00 34.53 ? 87  HIS A CA  1 
ATOM   692 C C   . HIS A 1 87 ? 11.386  -10.378 -18.717 1.00 41.89 ? 87  HIS A C   1 
ATOM   693 O O   . HIS A 1 87 ? 11.533  -11.218 -17.815 1.00 41.89 ? 87  HIS A O   1 
ATOM   694 C CB  . HIS A 1 87 ? 13.490  -8.791  -18.628 1.00 40.73 ? 87  HIS A CB  1 
ATOM   695 C CG  . HIS A 1 87 ? 13.891  -7.378  -18.872 1.00 42.05 ? 87  HIS A CG  1 
ATOM   696 N ND1 . HIS A 1 87 ? 13.903  -6.427  -17.871 1.00 43.96 ? 87  HIS A ND1 1 
ATOM   697 C CD2 . HIS A 1 87 ? 14.269  -6.748  -20.003 1.00 44.29 ? 87  HIS A CD2 1 
ATOM   698 C CE1 . HIS A 1 87 ? 14.295  -5.276  -18.378 1.00 44.10 ? 87  HIS A CE1 1 
ATOM   699 N NE2 . HIS A 1 87 ? 14.528  -5.448  -19.685 1.00 43.28 ? 87  HIS A NE2 1 
HETATM 700 O O   . HOH B 2 .  ? 12.373  9.529   1.779   1.00 20.03 ? 101 HOH A O   1 
HETATM 701 O O   . HOH B 2 .  ? -0.642  4.746   -15.032 1.00 45.63 ? 102 HOH A O   1 
HETATM 702 O O   . HOH B 2 .  ? -4.990  13.864  -10.259 1.00 46.47 ? 103 HOH A O   1 
HETATM 703 O O   . HOH B 2 .  ? 4.797   13.737  -16.062 1.00 31.70 ? 104 HOH A O   1 
HETATM 704 O O   . HOH B 2 .  ? -7.792  -11.495 4.795   1.00 13.90 ? 105 HOH A O   1 
HETATM 705 O O   . HOH B 2 .  ? 0.502   8.633   -13.953 1.00 33.81 ? 106 HOH A O   1 
HETATM 706 O O   . HOH B 2 .  ? 0.456   9.134   6.567   1.00 10.45 ? 107 HOH A O   1 
HETATM 707 O O   . HOH B 2 .  ? 0.585   1.024   -13.998 1.00 10.13 ? 108 HOH A O   1 
HETATM 708 O O   . HOH B 2 .  ? -23.206 9.526   12.577  1.00 55.40 ? 109 HOH A O   1 
HETATM 709 O O   . HOH B 2 .  ? -10.259 -8.098  10.422  1.00 16.28 ? 110 HOH A O   1 
HETATM 710 O O   . HOH B 2 .  ? 1.395   3.175   -12.655 1.00 11.80 ? 111 HOH A O   1 
HETATM 711 O O   . HOH B 2 .  ? 7.998   3.499   -14.942 1.00 13.00 ? 112 HOH A O   1 
HETATM 712 O O   . HOH B 2 .  ? 5.118   -11.211 -12.287 1.00 24.27 ? 113 HOH A O   1 
HETATM 713 O O   . HOH B 2 .  ? 2.692   8.967   -13.673 1.00 17.84 ? 114 HOH A O   1 
HETATM 714 O O   . HOH B 2 .  ? -12.125 1.500   5.242   1.00 20.61 ? 115 HOH A O   1 
HETATM 715 O O   . HOH B 2 .  ? -4.403  2.474   13.488  1.00 20.68 ? 116 HOH A O   1 
HETATM 716 O O   . HOH B 2 .  ? -6.341  -6.853  -3.181  1.00 26.55 ? 117 HOH A O   1 
HETATM 717 O O   . HOH B 2 .  ? -3.667  -3.046  -16.834 1.00 14.25 ? 118 HOH A O   1 
HETATM 718 O O   . HOH B 2 .  ? 7.522   8.022   -6.383  1.00 18.69 ? 119 HOH A O   1 
HETATM 719 O O   . HOH B 2 .  ? -9.830  -1.730  13.552  1.00 29.05 ? 120 HOH A O   1 
HETATM 720 O O   . HOH B 2 .  ? -1.353  -8.923  -1.479  1.00 28.39 ? 121 HOH A O   1 
HETATM 721 O O   . HOH B 2 .  ? 4.494   9.688   -9.792  1.00 12.59 ? 122 HOH A O   1 
HETATM 722 O O   . HOH B 2 .  ? 12.504  -0.610  3.931   1.00 9.72  ? 123 HOH A O   1 
HETATM 723 O O   . HOH B 2 .  ? 11.829  3.008   -1.939  1.00 19.72 ? 124 HOH A O   1 
HETATM 724 O O   . HOH B 2 .  ? -2.362  -8.219  -6.239  1.00 18.43 ? 125 HOH A O   1 
HETATM 725 O O   . HOH B 2 .  ? 9.485   2.883   -12.697 1.00 13.31 ? 126 HOH A O   1 
HETATM 726 O O   . HOH B 2 .  ? 1.063   -10.622 4.944   1.00 27.18 ? 127 HOH A O   1 
HETATM 727 O O   . HOH B 2 .  ? 8.776   1.292   -4.138  1.00 11.52 ? 128 HOH A O   1 
HETATM 728 O O   . HOH B 2 .  ? 4.941   -9.734  -8.227  1.00 17.97 ? 129 HOH A O   1 
HETATM 729 O O   . HOH B 2 .  ? -6.538  1.377   -3.908  1.00 18.93 ? 130 HOH A O   1 
HETATM 730 O O   . HOH B 2 .  ? -5.805  -5.003  -5.155  1.00 14.63 ? 131 HOH A O   1 
HETATM 731 O O   . HOH B 2 .  ? 12.671  -6.118  7.425   1.00 17.49 ? 132 HOH A O   1 
HETATM 732 O O   . HOH B 2 .  ? -1.308  8.234   10.311  1.00 15.82 ? 133 HOH A O   1 
HETATM 733 O O   . HOH B 2 .  ? -13.006 4.766   1.542   1.00 21.92 ? 134 HOH A O   1 
HETATM 734 O O   . HOH B 2 .  ? 6.950   4.825   6.245   1.00 9.95  ? 135 HOH A O   1 
HETATM 735 O O   . HOH B 2 .  ? 2.964   -1.712  10.018  1.00 15.48 ? 136 HOH A O   1 
HETATM 736 O O   . HOH B 2 .  ? -18.632 -2.024  19.976  1.00 15.49 ? 137 HOH A O   1 
HETATM 737 O O   . HOH B 2 .  ? 16.372  -5.279  -0.645  1.00 12.22 ? 138 HOH A O   1 
HETATM 738 O O   . HOH B 2 .  ? 3.618   -3.633  -17.344 1.00 15.62 ? 139 HOH A O   1 
HETATM 739 O O   . HOH B 2 .  ? -5.309  -7.972  4.256   1.00 9.90  ? 140 HOH A O   1 
HETATM 740 O O   . HOH B 2 .  ? -8.412  -7.489  2.856   1.00 15.77 ? 141 HOH A O   1 
HETATM 741 O O   . HOH B 2 .  ? -3.149  12.861  0.382   1.00 8.99  ? 142 HOH A O   1 
HETATM 742 O O   . HOH B 2 .  ? 5.133   -4.263  -15.150 1.00 11.51 ? 143 HOH A O   1 
HETATM 743 O O   . HOH B 2 .  ? 4.427   9.889   2.652   1.00 14.15 ? 144 HOH A O   1 
HETATM 744 O O   . HOH B 2 .  ? -20.219 -0.271  11.594  1.00 15.20 ? 145 HOH A O   1 
HETATM 745 O O   . HOH B 2 .  ? 0.978   6.939   9.342   1.00 15.41 ? 146 HOH A O   1 
HETATM 746 O O   . HOH B 2 .  ? 0.492   15.352  -1.085  1.00 35.43 ? 147 HOH A O   1 
HETATM 747 O O   . HOH B 2 .  ? 2.668   13.908  1.338   1.00 18.62 ? 148 HOH A O   1 
HETATM 748 O O   . HOH B 2 .  ? 11.131  -8.413  1.381   1.00 12.35 ? 149 HOH A O   1 
HETATM 749 O O   . HOH B 2 .  ? -3.229  -8.714  10.104  1.00 24.39 ? 150 HOH A O   1 
HETATM 750 O O   . HOH B 2 .  ? -12.342 -1.017  6.683   1.00 16.81 ? 151 HOH A O   1 
HETATM 751 O O   . HOH B 2 .  ? -0.241  2.055   5.553   1.00 6.26  ? 152 HOH A O   1 
HETATM 752 O O   . HOH B 2 .  ? -1.041  11.845  -13.835 1.00 26.38 ? 153 HOH A O   1 
HETATM 753 O O   . HOH B 2 .  ? 4.392   -1.142  -13.515 1.00 12.90 ? 154 HOH A O   1 
HETATM 754 O O   . HOH B 2 .  ? 3.221   -10.015 -3.189  1.00 25.87 ? 155 HOH A O   1 
HETATM 755 O O   . HOH B 2 .  ? -1.589  13.002  -7.516  1.00 21.05 ? 156 HOH A O   1 
HETATM 756 O O   . HOH B 2 .  ? -2.385  -10.565 4.033   1.00 23.10 ? 157 HOH A O   1 
HETATM 757 O O   . HOH B 2 .  ? -1.520  4.674   11.190  1.00 13.85 ? 158 HOH A O   1 
HETATM 758 O O   . HOH B 2 .  ? 12.068  2.420   12.616  1.00 33.03 ? 159 HOH A O   1 
HETATM 759 O O   . HOH B 2 .  ? 5.850   -8.824  -16.128 1.00 38.13 ? 160 HOH A O   1 
HETATM 760 O O   . HOH B 2 .  ? 6.548   -6.349  -16.284 1.00 17.75 ? 161 HOH A O   1 
HETATM 761 O O   . HOH B 2 .  ? 14.379  -7.249  -0.229  1.00 11.17 ? 162 HOH A O   1 
HETATM 762 O O   . HOH B 2 .  ? -11.443 -2.908  9.644   1.00 22.75 ? 163 HOH A O   1 
HETATM 763 O O   . HOH B 2 .  ? -5.719  12.451  -7.294  1.00 31.64 ? 164 HOH A O   1 
HETATM 764 O O   . HOH B 2 .  ? -8.937  -3.907  9.153   1.00 14.37 ? 165 HOH A O   1 
HETATM 765 O O   . HOH B 2 .  ? 0.506   13.276  -4.646  1.00 13.94 ? 166 HOH A O   1 
HETATM 766 O O   . HOH B 2 .  ? 9.032   -6.091  4.924   1.00 16.79 ? 167 HOH A O   1 
HETATM 767 O O   . HOH B 2 .  ? -1.684  13.775  -11.320 1.00 32.31 ? 168 HOH A O   1 
HETATM 768 O O   . HOH B 2 .  ? -1.875  12.915  -3.231  1.00 17.24 ? 169 HOH A O   1 
HETATM 769 O O   . HOH B 2 .  ? -2.699  10.442  -15.532 1.00 21.97 ? 170 HOH A O   1 
HETATM 770 O O   . HOH B 2 .  ? 3.002   -8.140  -14.692 1.00 18.51 ? 171 HOH A O   1 
HETATM 771 O O   . HOH B 2 .  ? 12.895  3.606   10.489  1.00 24.25 ? 172 HOH A O   1 
HETATM 772 O O   . HOH B 2 .  ? -1.435  -12.364 8.312   1.00 23.60 ? 173 HOH A O   1 
HETATM 773 O O   . HOH B 2 .  ? -2.177  2.930   -12.808 1.00 11.83 ? 174 HOH A O   1 
HETATM 774 O O   . HOH B 2 .  ? 16.684  3.278   -0.819  1.00 29.11 ? 175 HOH A O   1 
HETATM 775 O O   . HOH B 2 .  ? 3.000   -4.233  9.540   1.00 28.66 ? 176 HOH A O   1 
HETATM 776 O O   . HOH B 2 .  ? 18.646  -0.249  6.666   1.00 28.40 ? 177 HOH A O   1 
HETATM 777 O O   . HOH B 2 .  ? 18.004  -0.182  0.445   1.00 34.50 ? 178 HOH A O   1 
HETATM 778 O O   . HOH B 2 .  ? -12.562 9.415   11.999  1.00 13.89 ? 179 HOH A O   1 
HETATM 779 O O   . HOH B 2 .  ? -4.246  -14.112 2.177   1.00 34.07 ? 180 HOH A O   1 
HETATM 780 O O   . HOH B 2 .  ? 12.788  -13.488 -19.509 1.00 37.48 ? 181 HOH A O   1 
HETATM 781 O O   . HOH B 2 .  ? -18.202 4.514   17.772  1.00 15.07 ? 182 HOH A O   1 
HETATM 782 O O   . HOH B 2 .  ? 8.879   5.381   -11.282 1.00 34.76 ? 183 HOH A O   1 
HETATM 783 O O   . HOH B 2 .  ? 10.973  -11.050 -12.799 1.00 26.94 ? 184 HOH A O   1 
HETATM 784 O O   . HOH B 2 .  ? -8.216  -5.007  2.522   1.00 35.65 ? 185 HOH A O   1 
HETATM 785 O O   . HOH B 2 .  ? 11.548  1.116   -3.892  1.00 18.57 ? 186 HOH A O   1 
HETATM 786 O O   . HOH B 2 .  ? -7.946  1.344   -2.067  1.00 24.82 ? 187 HOH A O   1 
HETATM 787 O O   . HOH B 2 .  ? 13.922  2.279   2.999   1.00 32.62 ? 188 HOH A O   1 
HETATM 788 O O   . HOH B 2 .  ? -26.929 6.921   14.675  1.00 31.74 ? 189 HOH A O   1 
HETATM 789 O O   . HOH B 2 .  ? -7.682  -4.995  11.469  1.00 25.15 ? 190 HOH A O   1 
HETATM 790 O O   . HOH B 2 .  ? -6.656  11.488  -11.134 1.00 23.03 ? 191 HOH A O   1 
HETATM 791 O O   . HOH B 2 .  ? 9.689   5.916   -8.183  1.00 35.97 ? 192 HOH A O   1 
HETATM 792 O O   . HOH B 2 .  ? -25.164 4.439   15.583  1.00 3.15  ? 193 HOH A O   1 
HETATM 793 O O   . HOH B 2 .  ? 8.374   7.166   4.741   1.00 24.69 ? 194 HOH A O   1 
HETATM 794 O O   . HOH B 2 .  ? 6.308   -1.154  -15.451 1.00 13.53 ? 195 HOH A O   1 
HETATM 795 O O   . HOH B 2 .  ? -24.602 6.774   17.637  1.00 15.55 ? 196 HOH A O   1 
HETATM 796 O O   . HOH B 2 .  ? 11.276  8.209   11.650  1.00 22.92 ? 197 HOH A O   1 
HETATM 797 O O   . HOH B 2 .  ? -8.307  -9.876  1.782   1.00 42.11 ? 198 HOH A O   1 
HETATM 798 O O   . HOH B 2 .  ? -22.141 6.702   18.944  1.00 16.16 ? 199 HOH A O   1 
HETATM 799 O O   . HOH B 2 .  ? 1.580   5.642   11.983  1.00 33.32 ? 200 HOH A O   1 
HETATM 800 O O   . HOH B 2 .  ? -4.365  3.613   -11.112 1.00 29.48 ? 201 HOH A O   1 
HETATM 801 O O   . HOH B 2 .  ? -18.577 -2.169  11.752  1.00 24.10 ? 202 HOH A O   1 
HETATM 802 O O   . HOH B 2 .  ? -16.999 -2.080  8.495   1.00 37.07 ? 203 HOH A O   1 
HETATM 803 O O   . HOH B 2 .  ? -5.406  -4.130  10.381  1.00 26.39 ? 204 HOH A O   1 
HETATM 804 O O   . HOH B 2 .  ? -3.705  -11.372 2.166   1.00 32.68 ? 205 HOH A O   1 
HETATM 805 O O   . HOH B 2 .  ? -5.934  -10.175 3.035   1.00 19.59 ? 206 HOH A O   1 
HETATM 806 O O   . HOH B 2 .  ? 5.453   10.138  5.215   1.00 34.02 ? 207 HOH A O   1 
HETATM 807 O O   . HOH B 2 .  ? -14.158 -3.259  8.524   1.00 38.49 ? 208 HOH A O   1 
HETATM 808 O O   . HOH B 2 .  ? -8.012  -2.727  -5.167  1.00 26.62 ? 209 HOH A O   1 
HETATM 809 O O   . HOH B 2 .  ? 8.444   -5.071  -21.167 1.00 48.94 ? 210 HOH A O   1 
HETATM 810 O O   . HOH B 2 .  ? -3.339  12.810  -5.325  1.00 18.16 ? 211 HOH A O   1 
HETATM 811 O O   . HOH B 2 .  ? 2.219   -10.262 8.181   1.00 33.29 ? 212 HOH A O   1 
HETATM 812 O O   . HOH B 2 .  ? 6.833   -11.738 -2.410  1.00 28.73 ? 213 HOH A O   1 
HETATM 813 O O   . HOH B 2 .  ? 6.428   -5.316  5.770   1.00 20.40 ? 214 HOH A O   1 
HETATM 814 O O   . HOH B 2 .  ? 5.247   -9.869  7.027   1.00 36.48 ? 215 HOH A O   1 
HETATM 815 O O   . HOH B 2 .  ? 6.528   -10.053 1.760   1.00 35.01 ? 216 HOH A O   1 
HETATM 816 O O   . HOH B 2 .  ? -9.026  -3.054  -8.237  1.00 31.20 ? 217 HOH A O   1 
# 
loop_
_atom_site_anisotrop.id 
_atom_site_anisotrop.type_symbol 
_atom_site_anisotrop.pdbx_label_atom_id 
_atom_site_anisotrop.pdbx_label_alt_id 
_atom_site_anisotrop.pdbx_label_comp_id 
_atom_site_anisotrop.pdbx_label_asym_id 
_atom_site_anisotrop.pdbx_label_seq_id 
_atom_site_anisotrop.pdbx_PDB_ins_code 
_atom_site_anisotrop.U[1][1] 
_atom_site_anisotrop.U[2][2] 
_atom_site_anisotrop.U[3][3] 
_atom_site_anisotrop.U[1][2] 
_atom_site_anisotrop.U[1][3] 
_atom_site_anisotrop.U[2][3] 
_atom_site_anisotrop.pdbx_auth_seq_id 
_atom_site_anisotrop.pdbx_auth_comp_id 
_atom_site_anisotrop.pdbx_auth_asym_id 
_atom_site_anisotrop.pdbx_auth_atom_id 
1   N N   . MET A 1  ? 0.2067 0.2574 0.1504 0.0008  -0.0576 -0.0387 1  MET A N   
2   C CA  . MET A 1  ? 0.1563 0.1984 0.1130 0.0012  -0.0504 -0.0365 1  MET A CA  
3   C C   . MET A 1  ? 0.1650 0.2072 0.1107 0.0084  -0.0388 -0.0272 1  MET A C   
4   O O   . MET A 1  ? 0.2012 0.2496 0.1291 0.0112  -0.0341 -0.0317 1  MET A O   
5   C CB  . MET A 1  ? 0.1857 0.2031 0.1443 -0.0044 -0.0514 -0.0495 1  MET A CB  
6   C CG  . MET A 1  ? 0.1403 0.1400 0.1116 -0.0096 -0.0442 -0.0406 1  MET A CG  
7   S SD  . MET A 1  ? 0.1281 0.1481 0.1246 -0.0240 -0.0422 -0.0322 1  MET A SD  
8   C CE  . MET A 1  ? 0.1535 0.1779 0.1552 -0.0427 -0.0546 -0.0457 1  MET A CE  
9   N N   . ASN A 2  ? 0.1244 0.1621 0.0841 0.0084  -0.0320 -0.0149 2  ASN A N   
10  C CA  . ASN A 2  ? 0.1232 0.1618 0.0774 0.0107  -0.0215 -0.0070 2  ASN A CA  
11  C C   . ASN A 2  ? 0.0978 0.1249 0.0657 0.0122  -0.0151 -0.0100 2  ASN A C   
12  O O   . ASN A 2  ? 0.1166 0.1315 0.0950 0.0086  -0.0180 -0.0116 2  ASN A O   
13  C CB  . ASN A 2  ? 0.1290 0.1662 0.0832 0.0094  -0.0233 0.0102  2  ASN A CB  
14  C CG  . ASN A 2  ? 0.1428 0.1827 0.0792 0.0096  -0.0352 0.0171  2  ASN A CG  
15  O OD1 . ASN A 2  ? 0.1765 0.2209 0.0924 0.0063  -0.0341 0.0133  2  ASN A OD1 
16  N ND2 . ASN A 2  ? 0.1557 0.1874 0.1035 0.0146  -0.0466 0.0239  2  ASN A ND2 
17  N N   . THR A 3  ? 0.0970 0.1315 0.0631 0.0151  -0.0070 -0.0101 3  THR A N   
18  C CA  . THR A 3  ? 0.0984 0.1244 0.0759 0.0187  -0.0043 -0.0122 3  THR A CA  
19  C C   . THR A 3  ? 0.0752 0.1054 0.0602 0.0138  0.0015  -0.0001 3  THR A C   
20  O O   . THR A 3  ? 0.0833 0.1242 0.0619 0.0079  0.0054  0.0075  3  THR A O   
21  C CB  . THR A 3  ? 0.1057 0.1431 0.0822 0.0295  -0.0030 -0.0282 3  THR A CB  
22  O OG1 . THR A 3  ? 0.1482 0.1746 0.1164 0.0359  -0.0114 -0.0430 3  THR A OG1 
23  C CG2 . THR A 3  ? 0.1270 0.1544 0.1145 0.0369  -0.0060 -0.0305 3  THR A CG2 
24  N N   . TYR A 4  ? 0.0827 0.1011 0.0766 0.0139  0.0010  0.0018  4  TYR A N   
25  C CA  . TYR A 4  ? 0.0576 0.0767 0.0586 0.0100  0.0044  0.0089  4  TYR A CA  
26  C C   . TYR A 4  ? 0.0698 0.0882 0.0757 0.0133  0.0042  0.0047  4  TYR A C   
27  O O   . TYR A 4  ? 0.0785 0.0829 0.0799 0.0169  -0.0011 0.0018  4  TYR A O   
28  C CB  . TYR A 4  ? 0.0758 0.0865 0.0823 0.0079  0.0022  0.0129  4  TYR A CB  
29  C CG  . TYR A 4  ? 0.0728 0.0853 0.0770 0.0087  -0.0029 0.0161  4  TYR A CG  
30  C CD1 . TYR A 4  ? 0.0746 0.0916 0.0784 0.0088  -0.0070 0.0112  4  TYR A CD1 
31  C CD2 . TYR A 4  ? 0.0809 0.0870 0.0809 0.0083  -0.0068 0.0248  4  TYR A CD2 
32  C CE1 . TYR A 4  ? 0.0676 0.0900 0.0698 0.0111  -0.0150 0.0128  4  TYR A CE1 
33  C CE2 . TYR A 4  ? 0.0805 0.0842 0.0740 0.0115  -0.0165 0.0295  4  TYR A CE2 
34  C CZ  . TYR A 4  ? 0.0822 0.0980 0.0782 0.0142  -0.0206 0.0226  4  TYR A CZ  
35  O OH  . TYR A 4  ? 0.1020 0.1198 0.0927 0.0189  -0.0335 0.0255  4  TYR A OH  
36  N N   . LEU A 5  ? 0.0508 0.0821 0.0635 0.0100  0.0076  0.0052  5  LEU A N   
37  C CA  . LEU A 5  ? 0.0465 0.0832 0.0658 0.0139  0.0047  -0.0001 5  LEU A CA  
38  C C   . LEU A 5  ? 0.0523 0.0764 0.0710 0.0088  0.0036  0.0037  5  LEU A C   
39  O O   . LEU A 5  ? 0.0681 0.0892 0.0900 0.0015  0.0064  0.0072  5  LEU A O   
40  C CB  . LEU A 5  ? 0.0596 0.1278 0.0905 0.0099  0.0095  -0.0053 5  LEU A CB  
41  C CG  . LEU A 5  ? 0.0882 0.1699 0.1308 0.0147  0.0038  -0.0136 5  LEU A CG  
42  C CD1 . LEU A 5  ? 0.0987 0.1711 0.1364 0.0313  -0.0065 -0.0220 5  LEU A CD1 
43  C CD2 . LEU A 5  ? 0.1807 0.2876 0.2320 0.0030  0.0097  -0.0165 5  LEU A CD2 
44  N N   . ILE A 6  ? 0.0594 0.0728 0.0703 0.0128  -0.0019 0.0025  6  ILE A N   
45  C CA  . ILE A 6  ? 0.0590 0.0656 0.0640 0.0079  -0.0017 0.0031  6  ILE A CA  
46  C C   . ILE A 6  ? 0.0645 0.0782 0.0695 0.0095  -0.0082 -0.0014 6  ILE A C   
47  O O   . ILE A 6  ? 0.0768 0.0900 0.0775 0.0178  -0.0178 -0.0026 6  ILE A O   
48  C CB  . ILE A 6  ? 0.0858 0.0782 0.0736 0.0043  -0.0023 0.0072  6  ILE A CB  
49  C CG1 . ILE A 6  ? 0.0855 0.0757 0.0762 0.0018  0.0014  0.0093  6  ILE A CG1 
50  C CG2 . ILE A 6  ? 0.0948 0.0918 0.0755 -0.0027 0.0023  0.0045  6  ILE A CG2 
51  C CD1 . ILE A 6  ? 0.0772 0.0790 0.0830 0.0021  0.0066  0.0069  6  ILE A CD1 
52  N N   . ASP A 7  ? 0.0572 0.0753 0.0672 0.0035  -0.0062 -0.0059 7  ASP A N   
53  C CA  . ASP A 7  ? 0.0729 0.0985 0.0805 0.0031  -0.0139 -0.0123 7  ASP A CA  
54  C C   . ASP A 7  ? 0.0767 0.0942 0.0671 -0.0006 -0.0120 -0.0158 7  ASP A C   
55  O O   . ASP A 7  ? 0.0770 0.0926 0.0741 -0.0038 -0.0068 -0.0230 7  ASP A O   
56  C CB  . ASP A 7  ? 0.0715 0.1120 0.0991 -0.0046 -0.0140 -0.0186 7  ASP A CB  
57  C CG  . ASP A 7  ? 0.0759 0.1308 0.1053 -0.0056 -0.0242 -0.0279 7  ASP A CG  
58  O OD1 . ASP A 7  ? 0.0808 0.1300 0.0908 0.0005  -0.0318 -0.0286 7  ASP A OD1 
59  O OD2 . ASP A 7  ? 0.1172 0.1909 0.1660 -0.0153 -0.0254 -0.0340 7  ASP A OD2 
60  N N   . PRO A 8  ? 0.0813 0.0707 0.0759 0.0046  0.0006  -0.0134 8  PRO A N   
61  C CA  . PRO A 8  ? 0.0798 0.0704 0.0768 0.0149  -0.0056 -0.0080 8  PRO A CA  
62  C C   . PRO A 8  ? 0.0735 0.0675 0.0714 0.0167  -0.0089 -0.0112 8  PRO A C   
63  O O   . PRO A 8  ? 0.0818 0.0745 0.0787 0.0200  -0.0094 -0.0115 8  PRO A O   
64  C CB  . PRO A 8  ? 0.0867 0.0812 0.0943 0.0236  0.0003  -0.0050 8  PRO A CB  
65  C CG  . PRO A 8  ? 0.0825 0.0747 0.1021 0.0165  0.0116  -0.0111 8  PRO A CG  
66  C CD  . PRO A 8  ? 0.0786 0.0713 0.0908 0.0052  0.0116  -0.0186 8  PRO A CD  
67  N N   . ARG A 9  ? 0.0734 0.0720 0.0776 0.0115  -0.0070 -0.0186 9  ARG A N   
68  C CA  . ARG A 9  ? 0.0957 0.1015 0.1088 0.0084  -0.0066 -0.0301 9  ARG A CA  
69  C C   . ARG A 9  ? 0.0906 0.1150 0.0976 0.0139  -0.0139 -0.0350 9  ARG A C   
70  O O   . ARG A 9  ? 0.0827 0.1236 0.0873 0.0217  -0.0218 -0.0287 9  ARG A O   
71  C CB  . ARG A 9  ? 0.1060 0.0921 0.1227 0.0034  0.0015  -0.0276 9  ARG A CB  
72  C CG  . ARG A 9  ? 0.1503 0.1198 0.1601 -0.0021 0.0074  -0.0162 9  ARG A CG  
73  C CD  . ARG A 9  ? 0.2845 0.2504 0.3070 -0.0114 0.0209  -0.0278 9  ARG A CD  
74  N NE  . ARG A 9  ? 0.3947 0.3509 0.4404 -0.0148 0.0335  -0.0346 9  ARG A NE  
75  C CZ  . ARG A 9  ? 0.4632 0.4124 0.5285 -0.0239 0.0517  -0.0446 9  ARG A CZ  
76  N NH1 . ARG A 9  ? 0.5104 0.4612 0.5727 -0.0301 0.0582  -0.0484 9  ARG A NH1 
77  N NH2 . ARG A 9  ? 0.5261 0.4752 0.6166 -0.0258 0.0652  -0.0493 9  ARG A NH2 
78  N N   . LYS A 10 ? 0.0823 0.1045 0.0873 0.0093  -0.0091 -0.0447 10 LYS A N   
79  C CA  . LYS A 10 ? 0.1082 0.1515 0.0957 0.0092  -0.0137 -0.0537 10 LYS A CA  
80  C C   . LYS A 10 ? 0.1089 0.1487 0.0739 0.0204  -0.0164 -0.0345 10 LYS A C   
81  O O   . LYS A 10 ? 0.1410 0.2007 0.0819 0.0236  -0.0230 -0.0318 10 LYS A O   
82  C CB  . LYS A 10 ? 0.1195 0.1562 0.1131 -0.0024 0.0008  -0.0725 10 LYS A CB  
83  C CG  . LYS A 10 ? 0.1604 0.2033 0.1829 -0.0144 0.0092  -0.0877 10 LYS A CG  
84  C CD  . LYS A 10 ? 0.2385 0.2762 0.2770 -0.0257 0.0276  -0.1008 10 LYS A CD  
85  C CE  . LYS A 10 ? 0.3448 0.3901 0.4209 -0.0375 0.0423  -0.1159 10 LYS A CE  
86  N NZ  . LYS A 10 ? 0.3952 0.4386 0.4977 -0.0502 0.0650  -0.1299 10 LYS A NZ  
87  N N   . ASN A 11 ? 0.1006 0.1177 0.0730 0.0254  -0.0105 -0.0211 11 ASN A N   
88  C CA  . ASN A 11 ? 0.1158 0.1260 0.0776 0.0346  -0.0060 -0.0058 11 ASN A CA  
89  C C   . ASN A 11 ? 0.1312 0.1558 0.0906 0.0453  -0.0129 0.0096  11 ASN A C   
90  O O   . ASN A 11 ? 0.1592 0.1811 0.1044 0.0544  -0.0078 0.0259  11 ASN A O   
91  C CB  . ASN A 11 ? 0.1078 0.0991 0.0878 0.0347  0.0010  -0.0016 11 ASN A CB  
92  C CG  . ASN A 11 ? 0.1029 0.0838 0.0958 0.0295  0.0056  -0.0090 11 ASN A CG  
93  O OD1 . ASN A 11 ? 0.1168 0.0906 0.1093 0.0292  0.0167  -0.0129 11 ASN A OD1 
94  N ND2 . ASN A 11 ? 0.0973 0.0762 0.1046 0.0257  -0.0007 -0.0090 11 ASN A ND2 
95  N N   . ASN A 12 ? 0.1143 0.1522 0.0931 0.0451  -0.0213 0.0068  12 ASN A N   
96  C CA  . ASN A 12 ? 0.1199 0.1717 0.1124 0.0533  -0.0263 0.0211  12 ASN A CA  
97  C C   . ASN A 12 ? 0.1131 0.1960 0.1105 0.0499  -0.0427 0.0122  12 ASN A C   
98  O O   . ASN A 12 ? 0.1171 0.2131 0.1432 0.0540  -0.0491 0.0180  12 ASN A O   
99  C CB  . ASN A 12 ? 0.1242 0.1619 0.1503 0.0536  -0.0151 0.0237  12 ASN A CB  
100 C CG  . ASN A 12 ? 0.1045 0.1454 0.1479 0.0456  -0.0139 0.0064  12 ASN A CG  
101 O OD1 . ASN A 12 ? 0.0960 0.1485 0.1356 0.0384  -0.0221 -0.0070 12 ASN A OD1 
102 N ND2 . ASN A 12 ? 0.0923 0.1180 0.1541 0.0399  0.0018  0.0023  12 ASN A ND2 
103 N N   . ASP A 13 ? 0.1440 0.2497 0.0977 0.0133  -0.0252 -0.0553 13 ASP A N   
104 C CA  . ASP A 13 ? 0.1632 0.2640 0.1258 0.0206  -0.0353 -0.0681 13 ASP A CA  
105 C C   . ASP A 13 ? 0.1377 0.2125 0.1221 0.0220  -0.0422 -0.0693 13 ASP A C   
106 O O   . ASP A 13 ? 0.1463 0.2141 0.1369 0.0223  -0.0512 -0.0702 13 ASP A O   
107 C CB  . ASP A 13 ? 0.2471 0.3543 0.1883 0.0149  -0.0420 -0.0594 13 ASP A CB  
108 C CG  . ASP A 13 ? 0.4583 0.6001 0.3813 0.0119  -0.0363 -0.0594 13 ASP A CG  
109 O OD1 . ASP A 13 ? 0.5365 0.7023 0.4693 0.0227  -0.0352 -0.0799 13 ASP A OD1 
110 O OD2 . ASP A 13 ? 0.5634 0.7112 0.4663 -0.0010 -0.0350 -0.0389 13 ASP A OD2 
111 N N   . ASN A 14 ? 0.1184 0.1830 0.1160 0.0210  -0.0379 -0.0681 14 ASN A N   
112 C CA  . ASN A 14 ? 0.1249 0.1732 0.1458 0.0173  -0.0429 -0.0655 14 ASN A CA  
113 C C   . ASN A 14 ? 0.1033 0.1530 0.1271 0.0142  -0.0460 -0.0571 14 ASN A C   
114 O O   . ASN A 14 ? 0.1260 0.1751 0.1695 0.0118  -0.0519 -0.0571 14 ASN A O   
115 C CB  . ASN A 14 ? 0.1502 0.1877 0.1915 0.0197  -0.0539 -0.0745 14 ASN A CB  
116 C CG  . ASN A 14 ? 0.2223 0.2526 0.2721 0.0251  -0.0564 -0.0817 14 ASN A CG  
117 O OD1 . ASN A 14 ? 0.2467 0.2668 0.3044 0.0191  -0.0544 -0.0735 14 ASN A OD1 
118 N ND2 . ASN A 14 ? 0.1906 0.2301 0.2415 0.0376  -0.0625 -0.0975 14 ASN A ND2 
119 N N   . SER A 15 ? 0.1019 0.1526 0.1076 0.0142  -0.0428 -0.0474 15 SER A N   
120 C CA  . SER A 15 ? 0.1105 0.1582 0.1212 0.0165  -0.0496 -0.0412 15 SER A CA  
121 C C   . SER A 15 ? 0.1009 0.1530 0.1350 0.0170  -0.0433 -0.0403 15 SER A C   
122 O O   . SER A 15 ? 0.1412 0.2028 0.1903 0.0224  -0.0496 -0.0434 15 SER A O   
123 C CB  . SER A 15 ? 0.1409 0.1790 0.1280 0.0151  -0.0546 -0.0289 15 SER A CB  
124 O OG  . SER A 15 ? 0.1231 0.1549 0.1066 0.0120  -0.0446 -0.0220 15 SER A OG  
125 N N   . GLY A 16 ? 0.0950 0.1469 0.1326 0.0123  -0.0320 -0.0372 16 GLY A N   
126 C CA  . GLY A 16 ? 0.1014 0.1663 0.1541 0.0111  -0.0245 -0.0347 16 GLY A CA  
127 C C   . GLY A 16 ? 0.0915 0.1492 0.1332 0.0174  -0.0216 -0.0328 16 GLY A C   
128 O O   . GLY A 16 ? 0.1021 0.1755 0.1530 0.0190  -0.0151 -0.0346 16 GLY A O   
129 N N   . GLU A 17 ? 0.0839 0.1214 0.1057 0.0192  -0.0284 -0.0286 17 GLU A N   
130 C CA  . GLU A 17 ? 0.0941 0.1170 0.1066 0.0216  -0.0311 -0.0241 17 GLU A CA  
131 C C   . GLU A 17 ? 0.0802 0.1049 0.0895 0.0157  -0.0171 -0.0205 17 GLU A C   
132 O O   . GLU A 17 ? 0.1030 0.1286 0.1056 0.0090  -0.0105 -0.0175 17 GLU A O   
133 C CB  . GLU A 17 ? 0.1247 0.1274 0.1161 0.0165  -0.0444 -0.0122 17 GLU A CB  
134 C CG  . GLU A 17 ? 0.1491 0.1404 0.1420 0.0228  -0.0664 -0.0122 17 GLU A CG  
135 C CD  . GLU A 17 ? 0.1501 0.1223 0.1543 0.0335  -0.0810 -0.0181 17 GLU A CD  
136 O OE1 . GLU A 17 ? 0.1530 0.1249 0.1628 0.0378  -0.0766 -0.0239 17 GLU A OE1 
137 O OE2 . GLU A 17 ? 0.1816 0.1387 0.1887 0.0374  -0.0958 -0.0198 17 GLU A OE2 
138 N N   . ARG A 18 ? 0.0690 0.0966 0.0840 0.0207  -0.0151 -0.0243 18 ARG A N   
139 C CA  . ARG A 18 ? 0.0686 0.0981 0.0805 0.0158  -0.0043 -0.0207 18 ARG A CA  
140 C C   . ARG A 18 ? 0.0719 0.0879 0.0785 0.0212  -0.0116 -0.0224 18 ARG A C   
141 O O   . ARG A 18 ? 0.0854 0.0918 0.0957 0.0312  -0.0270 -0.0297 18 ARG A O   
142 C CB  . ARG A 18 ? 0.0731 0.1292 0.0981 0.0133  0.0053  -0.0229 18 ARG A CB  
143 C CG  . ARG A 18 ? 0.0774 0.1406 0.1120 0.0044  0.0065  -0.0185 18 ARG A CG  
144 C CD  . ARG A 18 ? 0.1207 0.2152 0.1692 -0.0033 0.0114  -0.0149 18 ARG A CD  
145 N NE  . ARG A 18 ? 0.1474 0.2415 0.2074 -0.0178 0.0075  -0.0048 18 ARG A NE  
146 C CZ  . ARG A 18 ? 0.2157 0.3173 0.2899 -0.0220 0.0007  -0.0058 18 ARG A CZ  
147 N NH1 . ARG A 18 ? 0.2222 0.3344 0.2992 -0.0115 -0.0009 -0.0163 18 ARG A NH1 
148 N NH2 . ARG A 18 ? 0.2344 0.3262 0.3200 -0.0357 -0.0087 0.0037  18 ARG A NH2 
149 N N   . PHE A 19 ? 0.0653 0.0776 0.0658 0.0159  -0.0049 -0.0175 19 PHE A N   
150 C CA  . PHE A 19 ? 0.0903 0.0883 0.0875 0.0200  -0.0141 -0.0201 19 PHE A CA  
151 C C   . PHE A 19 ? 0.0769 0.0844 0.0718 0.0164  -0.0030 -0.0187 19 PHE A C   
152 O O   . PHE A 19 ? 0.0836 0.1021 0.0792 0.0092  0.0086  -0.0127 19 PHE A O   
153 C CB  . PHE A 19 ? 0.1146 0.0858 0.1017 0.0110  -0.0280 -0.0069 19 PHE A CB  
154 C CG  . PHE A 19 ? 0.1053 0.0848 0.0833 -0.0035 -0.0166 0.0063  19 PHE A CG  
155 C CD1 . PHE A 19 ? 0.1109 0.0920 0.0872 -0.0099 -0.0119 0.0107  19 PHE A CD1 
156 C CD2 . PHE A 19 ? 0.1353 0.1267 0.1080 -0.0088 -0.0123 0.0105  19 PHE A CD2 
157 C CE1 . PHE A 19 ? 0.1258 0.1252 0.0982 -0.0199 -0.0023 0.0174  19 PHE A CE1 
158 C CE2 . PHE A 19 ? 0.1307 0.1414 0.0974 -0.0176 -0.0028 0.0149  19 PHE A CE2 
159 C CZ  . PHE A 19 ? 0.1380 0.1549 0.1061 -0.0225 0.0023  0.0175  19 PHE A CZ  
160 N N   . THR A 20 ? 0.0784 0.0781 0.0717 0.0217  -0.0108 -0.0248 20 THR A N   
161 C CA  . THR A 20 ? 0.0819 0.0892 0.0711 0.0179  -0.0027 -0.0226 20 THR A CA  
162 C C   . THR A 20 ? 0.0915 0.0770 0.0761 0.0099  -0.0098 -0.0139 20 THR A C   
163 O O   . THR A 20 ? 0.1165 0.0798 0.1006 0.0072  -0.0254 -0.0100 20 THR A O   
164 C CB  . THR A 20 ? 0.0887 0.1180 0.0791 0.0294  -0.0040 -0.0387 20 THR A CB  
165 O OG1 . THR A 20 ? 0.1187 0.1315 0.1142 0.0408  -0.0237 -0.0508 20 THR A OG1 
166 C CG2 . THR A 20 ? 0.0873 0.1482 0.0851 0.0274  0.0036  -0.0377 20 THR A CG2 
167 N N   . VAL A 21 ? 0.0898 0.0829 0.0725 0.0041  -0.0010 -0.0087 21 VAL A N   
168 C CA  . VAL A 21 ? 0.0908 0.0732 0.0726 -0.0026 -0.0071 -0.0031 21 VAL A CA  
169 C C   . VAL A 21 ? 0.0917 0.0823 0.0710 0.0023  -0.0055 -0.0096 21 VAL A C   
170 O O   . VAL A 21 ? 0.1043 0.1132 0.0811 0.0051  0.0033  -0.0113 21 VAL A O   
171 C CB  . VAL A 21 ? 0.1061 0.0980 0.0904 -0.0137 0.0007  0.0076  21 VAL A CB  
172 C CG1 . VAL A 21 ? 0.1346 0.1292 0.1169 -0.0196 0.0005  0.0138  21 VAL A CG1 
173 C CG2 . VAL A 21 ? 0.1150 0.1202 0.1035 -0.0106 0.0109  0.0054  21 VAL A CG2 
174 N N   . ASP A 22 ? 0.1030 0.0817 0.0823 0.0004  -0.0164 -0.0106 22 ASP A N   
175 C CA  . ASP A 22 ? 0.1145 0.1015 0.0895 0.0041  -0.0169 -0.0160 22 ASP A CA  
176 C C   . ASP A 22 ? 0.0973 0.0845 0.0775 -0.0062 -0.0148 -0.0050 22 ASP A C   
177 O O   . ASP A 22 ? 0.1206 0.1014 0.1082 -0.0160 -0.0197 0.0025  22 ASP A O   
178 C CB  . ASP A 22 ? 0.1411 0.1159 0.1148 0.0138  -0.0353 -0.0320 22 ASP A CB  
179 C CG  . ASP A 22 ? 0.1730 0.1654 0.1450 0.0305  -0.0359 -0.0508 22 ASP A CG  
180 O OD1 . ASP A 22 ? 0.1887 0.1993 0.1608 0.0315  -0.0238 -0.0492 22 ASP A OD1 
181 O OD2 . ASP A 22 ? 0.2331 0.2277 0.2108 0.0416  -0.0468 -0.0629 22 ASP A OD2 
182 N N   . ALA A 23 ? 0.0939 0.0932 0.0718 -0.0055 -0.0095 -0.0029 23 ALA A N   
183 C CA  . ALA A 23 ? 0.0921 0.0946 0.0793 -0.0110 -0.0104 0.0031  23 ALA A CA  
184 C C   . ALA A 23 ? 0.0965 0.1042 0.0772 -0.0084 -0.0135 0.0044  23 ALA A C   
185 O O   . ALA A 23 ? 0.0957 0.1116 0.0632 -0.0063 -0.0113 0.0046  23 ALA A O   
186 C CB  . ALA A 23 ? 0.0947 0.1058 0.0930 -0.0131 -0.0030 0.0067  23 ALA A CB  
187 N N   . VAL A 24 ? 0.0920 0.1010 0.0819 -0.0103 -0.0195 0.0066  24 VAL A N   
188 C CA  . VAL A 24 ? 0.1143 0.1252 0.0961 -0.0092 -0.0271 0.0104  24 VAL A CA  
189 C C   . VAL A 24 ? 0.1033 0.1125 0.0880 -0.0107 -0.0295 0.0211  24 VAL A C   
190 O O   . VAL A 24 ? 0.1357 0.1461 0.1082 -0.0145 -0.0375 0.0311  24 VAL A O   
191 C CB  . VAL A 24 ? 0.1097 0.1211 0.1021 -0.0097 -0.0374 0.0078  24 VAL A CB  
192 C CG1 . VAL A 24 ? 0.1356 0.1424 0.1253 -0.0112 -0.0429 -0.0002 24 VAL A CG1 
193 C CG2 . VAL A 24 ? 0.1099 0.1302 0.1276 -0.0097 -0.0369 0.0065  24 VAL A CG2 
194 N N   . ASP A 25 ? 0.0939 0.0997 0.0943 -0.0088 -0.0267 0.0196  25 ASP A N   
195 C CA  . ASP A 25 ? 0.1028 0.0984 0.1091 -0.0099 -0.0358 0.0282  25 ASP A CA  
196 C C   . ASP A 25 ? 0.0798 0.0751 0.0970 -0.0066 -0.0289 0.0212  25 ASP A C   
197 O O   . ASP A 25 ? 0.0814 0.0873 0.0994 -0.0048 -0.0168 0.0122  25 ASP A O   
198 C CB  . ASP A 25 ? 0.1259 0.1119 0.1490 -0.0046 -0.0553 0.0279  25 ASP A CB  
199 C CG  . ASP A 25 ? 0.1304 0.1307 0.1787 0.0068  -0.0546 0.0086  25 ASP A CG  
200 O OD1 . ASP A 25 ? 0.1241 0.1396 0.1791 0.0092  -0.0417 -0.0018 25 ASP A OD1 
201 O OD2 . ASP A 25 ? 0.1638 0.1664 0.2263 0.0129  -0.0684 0.0039  25 ASP A OD2 
202 N N   . ILE A 26 ? 0.0870 0.1546 0.0887 -0.0019 -0.0170 0.0095  26 ILE A N   
203 C CA  . ILE A 26 ? 0.0879 0.1388 0.1001 0.0035  -0.0098 0.0059  26 ILE A CA  
204 C C   . ILE A 26 ? 0.0847 0.1284 0.1098 0.0057  -0.0090 0.0056  26 ILE A C   
205 O O   . ILE A 26 ? 0.0875 0.1158 0.1123 0.0056  -0.0058 -0.0018 26 ILE A O   
206 C CB  . ILE A 26 ? 0.1188 0.1699 0.1371 0.0053  -0.0074 0.0179  26 ILE A CB  
207 C CG1 . ILE A 26 ? 0.1296 0.1708 0.1510 0.0014  -0.0055 0.0171  26 ILE A CG1 
208 C CG2 . ILE A 26 ? 0.1408 0.1828 0.1656 0.0092  -0.0088 0.0293  26 ILE A CG2 
209 C CD1 . ILE A 26 ? 0.1469 0.2045 0.1736 -0.0044 -0.0063 0.0347  26 ILE A CD1 
210 N N   . THR A 27 ? 0.0878 0.1490 0.1243 0.0103  -0.0102 0.0173  27 THR A N   
211 C CA  . THR A 27 ? 0.0981 0.1589 0.1444 0.0195  -0.0039 0.0209  27 THR A CA  
212 C C   . THR A 27 ? 0.0781 0.1494 0.1278 0.0067  -0.0093 0.0152  27 THR A C   
213 O O   . THR A 27 ? 0.0739 0.1358 0.1253 0.0110  -0.0034 0.0114  27 THR A O   
214 C CB  . THR A 27 ? 0.1805 0.2655 0.2404 0.0352  0.0018  0.0429  27 THR A CB  
215 O OG1 . THR A 27 ? 0.1786 0.2991 0.2449 0.0198  -0.0084 0.0537  27 THR A OG1 
216 C CG2 . THR A 27 ? 0.2162 0.2729 0.2649 0.0501  0.0090  0.0486  27 THR A CG2 
217 N N   . ALA A 28 ? 0.0682 0.1509 0.1107 -0.0114 -0.0219 0.0145  28 ALA A N   
218 C CA  . ALA A 28 ? 0.0689 0.1417 0.1023 -0.0288 -0.0299 0.0078  28 ALA A CA  
219 C C   . ALA A 28 ? 0.0677 0.1017 0.0859 -0.0226 -0.0216 -0.0105 28 ALA A C   
220 O O   . ALA A 28 ? 0.0810 0.1059 0.1024 -0.0255 -0.0204 -0.0125 28 ALA A O   
221 C CB  . ALA A 28 ? 0.1033 0.1656 0.1099 -0.0483 -0.0430 0.0065  28 ALA A CB  
222 N N   . ALA A 29 ? 0.0691 0.0891 0.0748 -0.0133 -0.0157 -0.0178 29 ALA A N   
223 C CA  . ALA A 29 ? 0.0794 0.0805 0.0786 -0.0045 -0.0069 -0.0249 29 ALA A CA  
224 C C   . ALA A 29 ? 0.0809 0.0864 0.0985 -0.0011 -0.0031 -0.0214 29 ALA A C   
225 O O   . ALA A 29 ? 0.0754 0.0725 0.0931 -0.0001 -0.0001 -0.0233 29 ALA A O   
226 C CB  . ALA A 29 ? 0.0844 0.0902 0.0764 0.0050  -0.0006 -0.0222 29 ALA A CB  
227 N N   . ALA A 30 ? 0.0713 0.0828 0.0967 0.0019  -0.0025 -0.0157 30 ALA A N   
228 C CA  . ALA A 30 ? 0.0754 0.0744 0.0987 0.0041  0.0004  -0.0156 30 ALA A CA  
229 C C   . ALA A 30 ? 0.0733 0.0772 0.1011 0.0061  0.0034  -0.0158 30 ALA A C   
230 O O   . ALA A 30 ? 0.0781 0.0731 0.1001 0.0050  0.0049  -0.0180 30 ALA A O   
231 C CB  . ALA A 30 ? 0.0815 0.0642 0.0947 0.0102  0.0021  -0.0114 30 ALA A CB  
232 N N   . LYS A 31 ? 0.0550 0.0799 0.0946 0.0062  0.0025  -0.0085 31 LYS A N   
233 C CA  . LYS A 31 ? 0.0535 0.0950 0.1034 0.0043  0.0039  -0.0010 31 LYS A CA  
234 C C   . LYS A 31 ? 0.0633 0.0913 0.1097 -0.0088 -0.0015 -0.0072 31 LYS A C   
235 O O   . LYS A 31 ? 0.0736 0.1022 0.1225 -0.0080 0.0019  -0.0045 31 LYS A O   
236 C CB  . LYS A 31 ? 0.0598 0.1406 0.1290 -0.0001 -0.0004 0.0175  31 LYS A CB  
237 C CG  . LYS A 31 ? 0.0895 0.1903 0.1676 -0.0050 0.0000  0.0313  31 LYS A CG  
238 C CD  . LYS A 31 ? 0.1822 0.3142 0.2677 -0.0110 -0.0057 0.0539  31 LYS A CD  
239 C CE  . LYS A 31 ? 0.2154 0.3690 0.3079 -0.0175 -0.0072 0.0727  31 LYS A CE  
240 N NZ  . LYS A 31 ? 0.2891 0.4803 0.3895 -0.0288 -0.0163 0.1021  31 LYS A NZ  
241 N N   A SER A 32 ? 0.0759 0.0864 0.1104 -0.0173 -0.0081 -0.0144 32 SER A N   
242 N N   B SER A 32 ? 0.0755 0.0860 0.1101 -0.0173 -0.0082 -0.0143 32 SER A N   
243 C CA  A SER A 32 ? 0.0901 0.0718 0.1105 -0.0215 -0.0088 -0.0198 32 SER A CA  
244 C CA  B SER A 32 ? 0.0902 0.0721 0.1105 -0.0215 -0.0089 -0.0198 32 SER A CA  
245 C C   A SER A 32 ? 0.0950 0.0745 0.1190 -0.0088 0.0001  -0.0202 32 SER A C   
246 C C   B SER A 32 ? 0.0946 0.0740 0.1185 -0.0088 0.0001  -0.0202 32 SER A C   
247 O O   A SER A 32 ? 0.1026 0.0745 0.1277 -0.0087 0.0020  -0.0161 32 SER A O   
248 O O   B SER A 32 ? 0.1113 0.0830 0.1363 -0.0088 0.0020  -0.0161 32 SER A O   
249 C CB  A SER A 32 ? 0.1245 0.0763 0.1163 -0.0228 -0.0116 -0.0288 32 SER A CB  
250 C CB  B SER A 32 ? 0.1284 0.0810 0.1204 -0.0228 -0.0117 -0.0288 32 SER A CB  
251 O OG  A SER A 32 ? 0.1243 0.0810 0.1092 -0.0388 -0.0229 -0.0250 32 SER A OG  
252 O OG  B SER A 32 ? 0.1631 0.0856 0.1386 -0.0174 -0.0074 -0.0311 32 SER A OG  
253 N N   . ALA A 33 ? 0.0903 0.0794 0.1164 -0.0018 0.0030  -0.0204 33 ALA A N   
254 C CA  . ALA A 33 ? 0.0841 0.0816 0.1146 0.0012  0.0054  -0.0140 33 ALA A CA  
255 C C   . ALA A 33 ? 0.0707 0.0719 0.1017 -0.0034 0.0040  -0.0118 33 ALA A C   
256 O O   . ALA A 33 ? 0.0714 0.0787 0.1051 -0.0042 0.0040  -0.0044 33 ALA A O   
257 C CB  . ALA A 33 ? 0.0871 0.0938 0.1174 -0.0006 0.0029  -0.0104 33 ALA A CB  
258 N N   . ALA A 34 ? 0.0780 0.0767 0.1031 -0.0025 0.0049  -0.0153 34 ALA A N   
259 C CA  . ALA A 34 ? 0.0800 0.0775 0.0942 -0.0004 0.0084  -0.0135 34 ALA A CA  
260 C C   . ALA A 34 ? 0.0659 0.0778 0.0942 -0.0024 0.0099  -0.0057 34 ALA A C   
261 O O   . ALA A 34 ? 0.0779 0.0932 0.0995 -0.0036 0.0108  -0.0011 34 ALA A O   
262 C CB  . ALA A 34 ? 0.0978 0.0908 0.1012 0.0120  0.0163  -0.0142 34 ALA A CB  
263 N N   . GLN A 35 ? 0.0786 0.0955 0.1213 -0.0070 0.0076  -0.0024 35 GLN A N   
264 C CA  . GLN A 35 ? 0.0666 0.0865 0.1180 -0.0150 0.0056  0.0077  35 GLN A CA  
265 C C   . GLN A 35 ? 0.0825 0.0859 0.1300 -0.0131 0.0061  0.0089  35 GLN A C   
266 O O   . GLN A 35 ? 0.0837 0.0925 0.1357 -0.0149 0.0071  0.0195  35 GLN A O   
267 C CB  . GLN A 35 ? 0.0883 0.1027 0.1432 -0.0297 -0.0033 0.0110  35 GLN A CB  
268 C CG  . GLN A 35 ? 0.0779 0.1295 0.1474 -0.0320 -0.0043 0.0226  35 GLN A CG  
269 C CD  . GLN A 35 ? 0.1271 0.1717 0.1883 -0.0480 -0.0172 0.0250  35 GLN A CD  
270 O OE1 . GLN A 35 ? 0.1549 0.1657 0.1960 -0.0534 -0.0225 0.0115  35 GLN A OE1 
271 N NE2 . GLN A 35 ? 0.1660 0.2425 0.2374 -0.0538 -0.0217 0.0450  35 GLN A NE2 
272 N N   . GLN A 36 ? 0.0866 0.0757 0.1278 -0.0062 0.0073  0.0030  36 GLN A N   
273 C CA  . GLN A 36 ? 0.1063 0.0905 0.1481 0.0039  0.0122  0.0123  36 GLN A CA  
274 C C   . GLN A 36 ? 0.0880 0.1036 0.1377 0.0024  0.0104  0.0233  36 GLN A C   
275 O O   . GLN A 36 ? 0.1116 0.1364 0.1681 0.0061  0.0123  0.0385  36 GLN A O   
276 C CB  . GLN A 36 ? 0.1264 0.0997 0.1604 0.0177  0.0183  0.0098  36 GLN A CB  
277 C CG  . GLN A 36 ? 0.2641 0.1900 0.2720 0.0201  0.0200  -0.0016 36 GLN A CG  
278 C CD  . GLN A 36 ? 0.4123 0.3045 0.4049 0.0190  0.0188  0.0023  36 GLN A CD  
279 O OE1 . GLN A 36 ? 0.4318 0.3240 0.4250 0.0352  0.0278  0.0137  36 GLN A OE1 
280 N NE2 . GLN A 36 ? 0.4557 0.3273 0.4398 -0.0019 0.0067  -0.0029 36 GLN A NE2 
281 N N   . ILE A 37 ? 0.0642 0.0900 0.1066 -0.0051 0.0051  0.0172  37 ILE A N   
282 C CA  . ILE A 37 ? 0.0752 0.1175 0.1085 -0.0155 -0.0026 0.0254  37 ILE A CA  
283 C C   . ILE A 37 ? 0.0801 0.1224 0.1004 -0.0186 -0.0019 0.0260  37 ILE A C   
284 O O   . ILE A 37 ? 0.0939 0.1535 0.1107 -0.0251 -0.0069 0.0395  37 ILE A O   
285 C CB  . ILE A 37 ? 0.0728 0.1031 0.0856 -0.0263 -0.0103 0.0162  37 ILE A CB  
286 C CG1 . ILE A 37 ? 0.0811 0.1272 0.1111 -0.0256 -0.0120 0.0248  37 ILE A CG1 
287 C CG2 . ILE A 37 ? 0.1268 0.1520 0.1082 -0.0451 -0.0228 0.0196  37 ILE A CG2 
288 C CD1 . ILE A 37 ? 0.0956 0.1250 0.1086 -0.0373 -0.0198 0.0178  37 ILE A CD1 
289 N N   . LEU A 38 ? 0.0788 0.1105 0.0939 -0.0131 0.0050  0.0168  38 LEU A N   
290 C CA  . LEU A 38 ? 0.0877 0.1246 0.0859 -0.0109 0.0101  0.0197  38 LEU A CA  
291 C C   . LEU A 38 ? 0.0756 0.1314 0.0979 -0.0099 0.0142  0.0350  38 LEU A C   
292 O O   . LEU A 38 ? 0.1347 0.2053 0.1474 -0.0080 0.0189  0.0440  38 LEU A O   
293 C CB  . LEU A 38 ? 0.1007 0.1240 0.0780 0.0008  0.0193  0.0091  38 LEU A CB  
294 C CG  . LEU A 38 ? 0.1388 0.1262 0.0803 -0.0009 0.0151  -0.0058 38 LEU A CG  
295 C CD1 . LEU A 38 ? 0.1917 0.1625 0.1172 0.0193  0.0288  -0.0120 38 LEU A CD1 
296 C CD2 . LEU A 38 ? 0.2101 0.1739 0.1032 -0.0134 0.0065  -0.0091 38 LEU A CD2 
297 N N   . GLY A 39 ? 0.1083 0.0772 0.1415 0.0013  0.0260  0.0033  39 GLY A N   
298 C CA  . GLY A 39 ? 0.1269 0.0852 0.1601 -0.0046 0.0189  0.0060  39 GLY A CA  
299 C C   . GLY A 39 ? 0.1286 0.0881 0.1714 -0.0159 0.0051  0.0136  39 GLY A C   
300 O O   . GLY A 39 ? 0.1076 0.0800 0.1592 -0.0179 0.0034  0.0170  39 GLY A O   
301 N N   . GLU A 40 ? 0.1506 0.0980 0.1947 -0.0242 -0.0063 0.0193  40 GLU A N   
302 C CA  . GLU A 40 ? 0.1574 0.1008 0.2116 -0.0389 -0.0263 0.0316  40 GLU A CA  
303 C C   . GLU A 40 ? 0.1338 0.1186 0.2272 -0.0429 -0.0232 0.0501  40 GLU A C   
304 O O   . GLU A 40 ? 0.1527 0.1450 0.2553 -0.0500 -0.0372 0.0615  40 GLU A O   
305 C CB  . GLU A 40 ? 0.2258 0.1452 0.2708 -0.0470 -0.0417 0.0353  40 GLU A CB  
306 C CG  . GLU A 40 ? 0.2772 0.1465 0.2735 -0.0414 -0.0503 0.0209  40 GLU A CG  
307 C CD  . GLU A 40 ? 0.3190 0.1686 0.3012 -0.0458 -0.0646 0.0231  40 GLU A CD  
308 O OE1 . GLU A 40 ? 0.3149 0.1896 0.3267 -0.0520 -0.0639 0.0336  40 GLU A OE1 
309 O OE2 . GLU A 40 ? 0.4682 0.2772 0.4076 -0.0413 -0.0765 0.0153  40 GLU A OE2 
310 N N   . GLU A 41 ? 0.1259 0.1372 0.2326 -0.0317 -0.0042 0.0518  41 GLU A N   
311 C CA  . GLU A 41 ? 0.1225 0.1659 0.2484 -0.0241 0.0020  0.0666  41 GLU A CA  
312 C C   . GLU A 41 ? 0.1202 0.1726 0.2446 -0.0184 0.0076  0.0657  41 GLU A C   
313 O O   . GLU A 41 ? 0.1082 0.1790 0.2416 -0.0108 0.0108  0.0791  41 GLU A O   
314 C CB  . GLU A 41 ? 0.2345 0.2874 0.3586 -0.0103 0.0168  0.0669  41 GLU A CB  
315 N N   . PHE A 42 ? 0.0813 0.1173 0.1896 -0.0196 0.0088  0.0504  42 PHE A N   
316 C CA  . PHE A 42 ? 0.0824 0.1254 0.1871 -0.0141 0.0130  0.0481  42 PHE A CA  
317 C C   . PHE A 42 ? 0.0802 0.1256 0.1961 -0.0260 -0.0020 0.0581  42 PHE A C   
318 O O   . PHE A 42 ? 0.0949 0.1141 0.1979 -0.0373 -0.0184 0.0529  42 PHE A O   
319 C CB  . PHE A 42 ? 0.0882 0.1122 0.1674 -0.0088 0.0170  0.0285  42 PHE A CB  
320 C CG  . PHE A 42 ? 0.0699 0.0973 0.1444 -0.0061 0.0177  0.0256  42 PHE A CG  
321 C CD1 . PHE A 42 ? 0.0774 0.1187 0.1533 0.0042  0.0267  0.0299  42 PHE A CD1 
322 C CD2 . PHE A 42 ? 0.0789 0.0907 0.1416 -0.0118 0.0088  0.0188  42 PHE A CD2 
323 C CE1 . PHE A 42 ? 0.0901 0.1327 0.1603 0.0066  0.0265  0.0271  42 PHE A CE1 
324 C CE2 . PHE A 42 ? 0.0982 0.1141 0.1575 -0.0096 0.0095  0.0164  42 PHE A CE2 
325 C CZ  . PHE A 42 ? 0.0923 0.1252 0.1576 -0.0015 0.0180  0.0206  42 PHE A CZ  
326 N N   . GLU A 43 ? 0.0738 0.1409 0.2009 -0.0192 0.0020  0.0706  43 GLU A N   
327 C CA  . GLU A 43 ? 0.0805 0.1505 0.2151 -0.0274 -0.0108 0.0794  43 GLU A CA  
328 C C   . GLU A 43 ? 0.0806 0.1623 0.2105 -0.0151 0.0022  0.0776  43 GLU A C   
329 O O   . GLU A 43 ? 0.1270 0.2193 0.2538 0.0003  0.0152  0.0846  43 GLU A O   
330 C CB  . GLU A 43 ? 0.1237 0.2072 0.2787 -0.0315 -0.0224 0.1035  43 GLU A CB  
331 C CG  . GLU A 43 ? 0.1541 0.2425 0.3184 -0.0382 -0.0355 0.1171  43 GLU A CG  
332 C CD  . GLU A 43 ? 0.2231 0.2815 0.3688 -0.0528 -0.0538 0.1025  43 GLU A CD  
333 O OE1 . GLU A 43 ? 0.1950 0.2239 0.3228 -0.0617 -0.0672 0.0924  43 GLU A OE1 
334 O OE2 . GLU A 43 ? 0.4003 0.4593 0.5429 -0.0532 -0.0548 0.1008  43 GLU A OE2 
335 N N   . GLY A 44 ? 0.0684 0.1417 0.1919 -0.0209 -0.0026 0.0678  44 GLY A N   
336 C CA  . GLY A 44 ? 0.0749 0.1563 0.1910 -0.0094 0.0081  0.0642  44 GLY A CA  
337 C C   . GLY A 44 ? 0.1017 0.1649 0.2022 -0.0160 0.0000  0.0491  44 GLY A C   
338 O O   . GLY A 44 ? 0.1481 0.1917 0.2421 -0.0287 -0.0158 0.0460  44 GLY A O   
339 N N   . LEU A 45 ? 0.0687 0.1310 0.1550 -0.0056 0.0094  0.0393  45 LEU A N   
340 C CA  . LEU A 45 ? 0.0771 0.1246 0.1478 -0.0088 0.0040  0.0268  45 LEU A CA  
341 C C   . LEU A 45 ? 0.0719 0.1099 0.1241 0.0004  0.0126  0.0133  45 LEU A C   
342 O O   . LEU A 45 ? 0.0706 0.1077 0.1191 0.0068  0.0190  0.0122  45 LEU A O   
343 C CB  . LEU A 45 ? 0.1102 0.1728 0.1920 -0.0097 0.0014  0.0365  45 LEU A CB  
344 C CG  . LEU A 45 ? 0.2435 0.3194 0.3511 -0.0222 -0.0115 0.0568  45 LEU A CG  
345 C CD1 . LEU A 45 ? 0.3069 0.4004 0.4258 -0.0197 -0.0109 0.0690  45 LEU A CD1 
346 C CD2 . LEU A 45 ? 0.3222 0.3677 0.4164 -0.0376 -0.0319 0.0502  45 LEU A CD2 
347 N N   . VAL A 46 ? 0.0675 0.0976 0.1086 0.0002  0.0104  0.0053  46 VAL A N   
348 C CA  . VAL A 46 ? 0.0699 0.0939 0.0995 0.0059  0.0148  -0.0019 46 VAL A CA  
349 C C   . VAL A 46 ? 0.0608 0.0875 0.0862 0.0080  0.0137  -0.0034 46 VAL A C   
350 O O   . VAL A 46 ? 0.0797 0.1103 0.1086 0.0044  0.0099  -0.0016 46 VAL A O   
351 C CB  . VAL A 46 ? 0.0893 0.1007 0.1101 0.0054  0.0150  -0.0073 46 VAL A CB  
352 C CG1 . VAL A 46 ? 0.1048 0.1109 0.1269 0.0048  0.0164  -0.0064 46 VAL A CG1 
353 C CG2 . VAL A 46 ? 0.1286 0.1278 0.1382 0.0035  0.0100  -0.0106 46 VAL A CG2 
354 N N   . TYR A 47 ? 0.0642 0.0867 0.0818 0.0124  0.0143  -0.0050 47 TYR A N   
355 C CA  . TYR A 47 ? 0.0756 0.0973 0.0876 0.0133  0.0113  -0.0065 47 TYR A CA  
356 C C   . TYR A 47 ? 0.0639 0.0810 0.0745 0.0117  0.0082  -0.0059 47 TYR A C   
357 O O   . TYR A 47 ? 0.0708 0.0853 0.0842 0.0110  0.0078  -0.0027 47 TYR A O   
358 C CB  . TYR A 47 ? 0.1001 0.1183 0.1015 0.0211  0.0112  -0.0040 47 TYR A CB  
359 C CG  . TYR A 47 ? 0.0990 0.0993 0.0829 0.0273  0.0082  -0.0032 47 TYR A CG  
360 C CD1 . TYR A 47 ? 0.1090 0.0919 0.0796 0.0255  -0.0028 -0.0037 47 TYR A CD1 
361 C CD2 . TYR A 47 ? 0.1232 0.1207 0.1022 0.0350  0.0137  0.0003  47 TYR A CD2 
362 C CE1 . TYR A 47 ? 0.1518 0.1089 0.1002 0.0295  -0.0115 -0.0021 47 TYR A CE1 
363 C CE2 . TYR A 47 ? 0.1421 0.1151 0.0971 0.0420  0.0089  0.0004  47 TYR A CE2 
364 C CZ  . TYR A 47 ? 0.1524 0.1019 0.0896 0.0388  -0.0054 -0.0014 47 TYR A CZ  
365 O OH  . TYR A 47 ? 0.2068 0.1227 0.1138 0.0445  -0.0156 -0.0006 47 TYR A OH  
366 N N   . ARG A 48 ? 0.0652 0.0845 0.0751 0.0109  0.0058  -0.0057 48 ARG A N   
367 C CA  . ARG A 48 ? 0.0647 0.0870 0.0805 0.0094  0.0032  0.0011  48 ARG A CA  
368 C C   . ARG A 48 ? 0.0647 0.0778 0.0764 0.0064  -0.0091 0.0069  48 ARG A C   
369 O O   . ARG A 48 ? 0.0907 0.0929 0.0881 0.0081  -0.0147 0.0028  48 ARG A O   
370 C CB  . ARG A 48 ? 0.0755 0.1036 0.0915 0.0110  0.0061  0.0007  48 ARG A CB  
371 C CG  . ARG A 48 ? 0.0614 0.0988 0.0880 0.0116  0.0054  0.0133  48 ARG A CG  
372 C CD  . ARG A 48 ? 0.0703 0.1120 0.0931 0.0161  0.0101  0.0129  48 ARG A CD  
373 N NE  . ARG A 48 ? 0.0736 0.1071 0.0823 0.0243  0.0197  0.0074  48 ARG A NE  
374 C CZ  . ARG A 48 ? 0.0759 0.1099 0.0811 0.0355  0.0301  0.0161  48 ARG A CZ  
375 N NH1 . ARG A 48 ? 0.0761 0.1281 0.1012 0.0384  0.0339  0.0344  48 ARG A NH1 
376 N NH2 . ARG A 48 ? 0.1148 0.1284 0.0942 0.0450  0.0357  0.0089  48 ARG A NH2 
377 N N   . GLU A 49 ? 0.0591 0.0583 0.0884 0.0113  -0.0036 0.0045  49 GLU A N   
378 C CA  . GLU A 49 ? 0.0748 0.0664 0.0933 0.0013  0.0052  -0.0081 49 GLU A CA  
379 C C   . GLU A 49 ? 0.0977 0.0674 0.1078 -0.0061 0.0078  -0.0076 49 GLU A C   
380 O O   . GLU A 49 ? 0.1230 0.0733 0.1307 -0.0134 0.0149  -0.0173 49 GLU A O   
381 C CB  . GLU A 49 ? 0.0833 0.1105 0.1008 -0.0095 0.0055  -0.0125 49 GLU A CB  
382 C CG  . GLU A 49 ? 0.0933 0.1441 0.1164 -0.0025 0.0075  -0.0112 49 GLU A CG  
383 C CD  . GLU A 49 ? 0.0711 0.1630 0.0859 -0.0127 0.0082  -0.0133 49 GLU A CD  
384 O OE1 . GLU A 49 ? 0.0998 0.2094 0.1127 -0.0246 0.0025  -0.0100 49 GLU A OE1 
385 O OE2 . GLU A 49 ? 0.0887 0.2000 0.0996 -0.0083 0.0148  -0.0164 49 GLU A OE2 
386 N N   . THR A 50 ? 0.0837 0.0555 0.0915 -0.0045 0.0045  0.0027  50 THR A N   
387 C CA  . THR A 50 ? 0.0989 0.0544 0.0987 -0.0099 0.0103  0.0077  50 THR A CA  
388 C C   . THR A 50 ? 0.1025 0.0516 0.0902 0.0005  0.0075  0.0175  50 THR A C   
389 O O   . THR A 50 ? 0.0992 0.0582 0.0889 0.0083  -0.0005 0.0166  50 THR A O   
390 C CB  . THR A 50 ? 0.0874 0.0640 0.0949 -0.0237 0.0141  0.0074  50 THR A CB  
391 O OG1 . THR A 50 ? 0.0932 0.0913 0.1073 -0.0180 0.0115  0.0138  50 THR A OG1 
392 C CG2 . THR A 50 ? 0.1192 0.1141 0.1339 -0.0371 0.0121  -0.0047 50 THR A CG2 
393 N N   . GLY A 51 ? 0.1293 0.0631 0.1048 -0.0010 0.0144  0.0264  51 GLY A N   
394 C CA  . GLY A 51 ? 0.1464 0.0796 0.1008 0.0070  0.0140  0.0341  51 GLY A CA  
395 C C   . GLY A 51 ? 0.1610 0.0853 0.1049 0.0159  0.0047  0.0411  51 GLY A C   
396 O O   . GLY A 51 ? 0.1657 0.0876 0.1276 0.0175  -0.0014 0.0400  51 GLY A O   
397 N N   . GLU A 52 ? 0.1828 0.1105 0.1014 0.0203  0.0041  0.0477  52 GLU A N   
398 C CA  . GLU A 52 ? 0.1962 0.1267 0.1061 0.0256  -0.0074 0.0563  52 GLU A CA  
399 C C   . GLU A 52 ? 0.1844 0.1246 0.0972 0.0308  -0.0225 0.0447  52 GLU A C   
400 O O   . GLU A 52 ? 0.1907 0.1327 0.0979 0.0322  -0.0249 0.0304  52 GLU A O   
401 C CB  . GLU A 52 ? 0.2727 0.2096 0.1505 0.0258  -0.0030 0.0664  52 GLU A CB  
402 C CG  . GLU A 52 ? 0.3037 0.2345 0.1857 0.0186  0.0124  0.0804  52 GLU A CG  
403 C CD  . GLU A 52 ? 0.5477 0.4895 0.3977 0.0183  0.0183  0.0912  52 GLU A CD  
404 O OE1 . GLU A 52 ? 0.5687 0.5245 0.3903 0.0224  0.0158  0.0798  52 GLU A OE1 
405 O OE2 . GLU A 52 ? 0.6373 0.5728 0.4904 0.0136  0.0258  0.1090  52 GLU A OE2 
406 N N   . SER A 53 ? 0.2160 0.1640 0.1436 0.0331  -0.0325 0.0527  53 SER A N   
407 C CA  . SER A 53 ? 0.2411 0.2024 0.1761 0.0354  -0.0458 0.0437  53 SER A CA  
408 C C   . SER A 53 ? 0.2272 0.1908 0.1269 0.0355  -0.0548 0.0319  53 SER A C   
409 O O   . SER A 53 ? 0.2663 0.2320 0.1330 0.0353  -0.0513 0.0381  53 SER A O   
410 C CB  . SER A 53 ? 0.3463 0.3215 0.2976 0.0405  -0.0516 0.0592  53 SER A CB  
411 O OG  . SER A 53 ? 0.4735 0.4428 0.4515 0.0451  -0.0376 0.0614  53 SER A OG  
412 N N   . ASN A 54 ? 0.2368 0.2017 0.1470 0.0346  -0.0636 0.0137  54 ASN A N   
413 C CA  . ASN A 54 ? 0.2558 0.2212 0.1407 0.0340  -0.0710 -0.0065 54 ASN A CA  
414 C C   . ASN A 54 ? 0.2969 0.2537 0.1575 0.0363  -0.0543 -0.0168 54 ASN A C   
415 O O   . ASN A 54 ? 0.3262 0.2850 0.1678 0.0354  -0.0514 -0.0364 54 ASN A O   
416 C CB  . ASN A 54 ? 0.3087 0.2899 0.1651 0.0310  -0.0819 -0.0033 54 ASN A CB  
417 C CG  . ASN A 54 ? 0.4224 0.4189 0.3036 0.0306  -0.0941 0.0147  54 ASN A CG  
418 O OD1 . ASN A 54 ? 0.4265 0.4252 0.3426 0.0295  -0.1006 0.0104  54 ASN A OD1 
419 N ND2 . ASN A 54 ? 0.4526 0.4630 0.3201 0.0321  -0.0946 0.0380  54 ASN A ND2 
420 N N   . GLY A 55 ? 0.2254 0.1761 0.0953 0.0370  -0.0387 -0.0047 55 GLY A N   
421 C CA  . GLY A 55 ? 0.2204 0.1721 0.0861 0.0360  -0.0163 -0.0091 55 GLY A CA  
422 C C   . GLY A 55 ? 0.1709 0.1260 0.0811 0.0324  -0.0076 -0.0104 55 GLY A C   
423 O O   . GLY A 55 ? 0.1522 0.1092 0.0921 0.0309  -0.0178 -0.0088 55 GLY A O   
424 N N   A SER A 56 ? 0.1596 0.1213 0.0757 0.0315  0.0114  -0.0102 56 SER A N   
425 N N   B SER A 56 ? 0.1595 0.1212 0.0757 0.0315  0.0113  -0.0102 56 SER A N   
426 C CA  A SER A 56 ? 0.1329 0.1060 0.0915 0.0278  0.0176  -0.0068 56 SER A CA  
427 C CA  B SER A 56 ? 0.1247 0.0978 0.0836 0.0279  0.0174  -0.0070 56 SER A CA  
428 C C   A SER A 56 ? 0.1226 0.0989 0.0955 0.0200  0.0128  0.0063  56 SER A C   
429 C C   B SER A 56 ? 0.1214 0.0979 0.0945 0.0199  0.0130  0.0063  56 SER A C   
430 O O   A SER A 56 ? 0.1210 0.0868 0.0756 0.0174  0.0126  0.0141  56 SER A O   
431 O O   B SER A 56 ? 0.1448 0.1114 0.1000 0.0171  0.0133  0.0144  56 SER A O   
432 C CB  A SER A 56 ? 0.1314 0.1162 0.0971 0.0282  0.0387  -0.0043 56 SER A CB  
433 C CB  B SER A 56 ? 0.1448 0.1292 0.1110 0.0286  0.0383  -0.0053 56 SER A CB  
434 O OG  A SER A 56 ? 0.1587 0.1460 0.1123 0.0213  0.0479  0.0109  56 SER A OG  
435 O OG  B SER A 56 ? 0.1619 0.1418 0.1134 0.0377  0.0465  -0.0228 56 SER A OG  
436 N N   . GLY A 57 ? 0.0932 0.1147 0.0927 0.0218  0.0283  0.0118  57 GLY A N   
437 C CA  . GLY A 57 ? 0.0975 0.1062 0.1072 0.0154  0.0273  0.0138  57 GLY A CA  
438 C C   . GLY A 57 ? 0.0692 0.0786 0.0845 0.0141  0.0185  0.0057  57 GLY A C   
439 O O   . GLY A 57 ? 0.0797 0.0900 0.0929 0.0219  0.0174  0.0032  57 GLY A O   
440 N N   . MET A 58 ? 0.0656 0.0727 0.0879 0.0041  0.0186  0.0017  58 MET A N   
441 C CA  . MET A 58 ? 0.0577 0.0758 0.0832 0.0034  0.0103  -0.0036 58 MET A CA  
442 C C   . MET A 58 ? 0.0596 0.0550 0.0756 0.0086  0.0061  -0.0025 58 MET A C   
443 O O   . MET A 58 ? 0.0807 0.0595 0.0926 0.0093  0.0113  0.0011  58 MET A O   
444 C CB  . MET A 58 ? 0.0643 0.1016 0.0989 -0.0167 0.0146  -0.0170 58 MET A CB  
445 C CG  . MET A 58 ? 0.0887 0.1719 0.1363 -0.0306 0.0191  -0.0244 58 MET A CG  
446 S SD  . MET A 58 ? 0.0863 0.2330 0.1401 -0.0081 0.0083  -0.0092 58 MET A SD  
447 C CE  . MET A 58 ? 0.1049 0.2616 0.1481 -0.0004 -0.0006 -0.0059 58 MET A CE  
448 N N   . PHE A 59 ? 0.0644 0.0634 0.0788 0.0148  0.0010  -0.0019 59 PHE A N   
449 C CA  . PHE A 59 ? 0.0659 0.0521 0.0741 0.0155  -0.0020 -0.0036 59 PHE A CA  
450 C C   . PHE A 59 ? 0.0635 0.0602 0.0746 0.0166  -0.0050 -0.0024 59 PHE A C   
451 O O   . PHE A 59 ? 0.0623 0.0843 0.0787 0.0226  -0.0044 0.0039  59 PHE A O   
452 C CB  . PHE A 59 ? 0.0872 0.0640 0.0887 0.0161  0.0031  -0.0076 59 PHE A CB  
453 C CG  . PHE A 59 ? 0.0760 0.0635 0.0705 0.0130  0.0039  -0.0114 59 PHE A CG  
454 C CD1 . PHE A 59 ? 0.0928 0.0830 0.0869 0.0153  0.0089  -0.0103 59 PHE A CD1 
455 C CD2 . PHE A 59 ? 0.0932 0.1031 0.0812 0.0103  0.0001  -0.0133 59 PHE A CD2 
456 C CE1 . PHE A 59 ? 0.1149 0.1261 0.1000 0.0141  0.0102  -0.0115 59 PHE A CE1 
457 C CE2 . PHE A 59 ? 0.1104 0.1538 0.0905 0.0115  0.0005  -0.0119 59 PHE A CE2 
458 C CZ  . PHE A 59 ? 0.1236 0.1656 0.1010 0.0129  0.0057  -0.0112 59 PHE A CZ  
459 N N   . GLN A 60 ? 0.0687 0.0581 0.0764 0.0140  -0.0075 -0.0054 60 GLN A N   
460 C CA  . GLN A 60 ? 0.0587 0.0613 0.0663 0.0150  -0.0096 -0.0042 60 GLN A CA  
461 C C   . GLN A 60 ? 0.0713 0.0591 0.0751 0.0161  -0.0069 -0.0024 60 GLN A C   
462 O O   . GLN A 60 ? 0.0766 0.0606 0.0786 0.0117  -0.0083 -0.0079 60 GLN A O   
463 C CB  . GLN A 60 ? 0.0782 0.0888 0.0865 0.0046  -0.0095 -0.0162 60 GLN A CB  
464 C CG  . GLN A 60 ? 0.0758 0.1046 0.0810 0.0034  -0.0115 -0.0191 60 GLN A CG  
465 C CD  . GLN A 60 ? 0.0630 0.1437 0.0685 0.0068  -0.0152 -0.0130 60 GLN A CD  
466 O OE1 . GLN A 60 ? 0.0727 0.1824 0.0801 -0.0033 -0.0120 -0.0214 60 GLN A OE1 
467 N NE2 . GLN A 60 ? 0.0733 0.1557 0.0753 0.0212  -0.0122 0.0059  60 GLN A NE2 
468 N N   . ALA A 61 ? 0.0675 0.0544 0.0710 0.0232  0.0006  0.0078  61 ALA A N   
469 C CA  . ALA A 61 ? 0.0899 0.0589 0.0913 0.0180  0.0103  0.0066  61 ALA A CA  
470 C C   . ALA A 61 ? 0.0760 0.0625 0.0763 0.0160  0.0031  0.0057  61 ALA A C   
471 O O   . ALA A 61 ? 0.0730 0.0843 0.0720 0.0205  -0.0042 0.0078  61 ALA A O   
472 C CB  . ALA A 61 ? 0.1035 0.0542 0.1049 0.0263  0.0317  0.0208  61 ALA A CB  
473 N N   . TYR A 62 ? 0.0872 0.0690 0.0878 0.0057  0.0073  -0.0013 62 TYR A N   
474 C CA  . TYR A 62 ? 0.0816 0.0801 0.0819 0.0053  0.0043  -0.0011 62 TYR A CA  
475 C C   . TYR A 62 ? 0.0841 0.0757 0.0869 -0.0083 0.0186  -0.0047 62 TYR A C   
476 O O   . TYR A 62 ? 0.0992 0.0758 0.1037 -0.0235 0.0311  -0.0159 62 TYR A O   
477 C CB  . TYR A 62 ? 0.0832 0.0982 0.0850 0.0071  -0.0060 -0.0087 62 TYR A CB  
478 C CG  . TYR A 62 ? 0.0825 0.1136 0.0879 0.0031  -0.0073 -0.0134 62 TYR A CG  
479 C CD1 . TYR A 62 ? 0.1007 0.1308 0.1051 0.0054  -0.0098 -0.0135 62 TYR A CD1 
480 C CD2 . TYR A 62 ? 0.1105 0.1744 0.1202 -0.0030 -0.0060 -0.0170 62 TYR A CD2 
481 C CE1 . TYR A 62 ? 0.1074 0.1748 0.1128 0.0039  -0.0117 -0.0152 62 TYR A CE1 
482 C CE2 . TYR A 62 ? 0.0969 0.2042 0.1093 -0.0064 -0.0081 -0.0204 62 TYR A CE2 
483 C CZ  . TYR A 62 ? 0.1061 0.2127 0.1145 -0.0018 -0.0096 -0.0181 62 TYR A CZ  
484 O OH  . TYR A 62 ? 0.1365 0.2867 0.1420 -0.0020 -0.0061 -0.0172 62 TYR A OH  
485 N N   . HIS A 63 ? 0.0805 0.0847 0.0830 -0.0073 0.0206  0.0002  63 HIS A N   
486 C CA  . HIS A 63 ? 0.1007 0.0997 0.1072 -0.0243 0.0385  -0.0042 63 HIS A CA  
487 C C   . HIS A 63 ? 0.0930 0.1213 0.1004 -0.0220 0.0340  -0.0012 63 HIS A C   
488 O O   . HIS A 63 ? 0.0918 0.1379 0.0947 -0.0065 0.0204  0.0032  63 HIS A O   
489 C CB  . HIS A 63 ? 0.1515 0.1040 0.1561 -0.0219 0.0686  0.0111  63 HIS A CB  
490 C CG  . HIS A 63 ? 0.1742 0.1331 0.1724 0.0054  0.0718  0.0422  63 HIS A CG  
491 N ND1 . HIS A 63 ? 0.2556 0.2575 0.2482 0.0209  0.0466  0.0466  63 HIS A ND1 
492 C CD2 . HIS A 63 ? 0.2134 0.1557 0.2123 0.0214  0.0898  0.0607  63 HIS A CD2 
493 C CE1 . HIS A 63 ? 0.2302 0.2528 0.2188 0.0409  0.0521  0.0700  63 HIS A CE1 
494 N NE2 . HIS A 63 ? 0.3209 0.3079 0.3161 0.0453  0.0765  0.0808  63 HIS A NE2 
495 N N   . HIS A 64 ? 0.1109 0.1448 0.1245 -0.0419 0.0497  -0.0086 64 HIS A N   
496 C CA  . HIS A 64 ? 0.1097 0.1704 0.1250 -0.0407 0.0508  -0.0037 64 HIS A CA  
497 C C   . HIS A 64 ? 0.1320 0.1712 0.1378 -0.0241 0.0635  0.0215  64 HIS A C   
498 O O   . HIS A 64 ? 0.2006 0.1994 0.2043 -0.0224 0.0851  0.0351  64 HIS A O   
499 C CB  . HIS A 64 ? 0.1308 0.2056 0.1552 -0.0669 0.0616  -0.0200 64 HIS A CB  
500 C CG  . HIS A 64 ? 0.1851 0.2857 0.2126 -0.0654 0.0636  -0.0143 64 HIS A CG  
501 N ND1 . HIS A 64 ? 0.3053 0.3795 0.3322 -0.0697 0.0858  -0.0018 64 HIS A ND1 
502 C CD2 . HIS A 64 ? 0.2090 0.3566 0.2393 -0.0556 0.0479  -0.0162 64 HIS A CD2 
503 C CE1 . HIS A 64 ? 0.2084 0.3167 0.2387 -0.0672 0.0829  0.0006  64 HIS A CE1 
504 N NE2 . HIS A 64 ? 0.2048 0.3560 0.2367 -0.0584 0.0596  -0.0095 64 HIS A NE2 
505 N N   . LEU A 65 ? 0.1307 0.1834 0.1285 0.0065  0.0290  -0.0119 65 LEU A N   
506 C CA  . LEU A 65 ? 0.1436 0.1756 0.1292 0.0193  0.0349  -0.0067 65 LEU A CA  
507 C C   . LEU A 65 ? 0.1695 0.1655 0.1468 0.0156  0.0482  -0.0079 65 LEU A C   
508 O O   . LEU A 65 ? 0.1632 0.1626 0.1525 0.0022  0.0504  -0.0097 65 LEU A O   
509 C CB  . LEU A 65 ? 0.1281 0.1726 0.1164 0.0203  0.0310  0.0007  65 LEU A CB  
510 C CG  . LEU A 65 ? 0.1559 0.1923 0.1316 0.0344  0.0349  0.0055  65 LEU A CG  
511 C CD1 . LEU A 65 ? 0.1774 0.2280 0.1392 0.0544  0.0332  0.0015  65 LEU A CD1 
512 C CD2 . LEU A 65 ? 0.1619 0.2141 0.1418 0.0278  0.0334  0.0086  65 LEU A CD2 
513 N N   . HIS A 66 ? 0.2069 0.1661 0.1586 0.0281  0.0595  -0.0086 66 HIS A N   
514 C CA  . HIS A 66 ? 0.2508 0.1581 0.1803 0.0204  0.0797  -0.0117 66 HIS A CA  
515 C C   . HIS A 66 ? 0.2498 0.1479 0.1798 0.0154  0.0834  -0.0052 66 HIS A C   
516 O O   . HIS A 66 ? 0.2796 0.1850 0.2059 0.0326  0.0763  0.0061  66 HIS A O   
517 C CB  . HIS A 66 ? 0.3260 0.1793 0.2119 0.0448  0.0939  -0.0081 66 HIS A CB  
518 C CG  . HIS A 66 ? 0.4816 0.2610 0.3278 0.0375  0.1210  -0.0092 66 HIS A CG  
519 N ND1 . HIS A 66 ? 0.5887 0.3299 0.4198 0.0097  0.1436  -0.0255 66 HIS A ND1 
520 C CD2 . HIS A 66 ? 0.5826 0.3170 0.3958 0.0505  0.1324  0.0022  66 HIS A CD2 
521 C CE1 . HIS A 66 ? 0.6254 0.3063 0.4183 0.0016  0.1662  -0.0216 66 HIS A CE1 
522 N NE2 . HIS A 66 ? 0.6663 0.3421 0.4470 0.0271  0.1587  -0.0036 66 HIS A NE2 
523 N N   . GLY A 67 ? 0.2602 0.1495 0.1955 -0.0104 0.0956  -0.0159 67 GLY A N   
524 C CA  . GLY A 67 ? 0.2637 0.1443 0.1991 -0.0187 0.1023  -0.0135 67 GLY A CA  
525 C C   . GLY A 67 ? 0.2139 0.1515 0.1886 -0.0261 0.0872  -0.0147 67 GLY A C   
526 O O   . GLY A 67 ? 0.2142 0.1533 0.1945 -0.0354 0.0929  -0.0166 67 GLY A O   
527 N N   . THR A 68 ? 0.1789 0.1581 0.1750 -0.0199 0.0698  -0.0133 68 THR A N   
528 C CA  . THR A 68 ? 0.1472 0.1675 0.1679 -0.0185 0.0576  -0.0112 68 THR A CA  
529 C C   . THR A 68 ? 0.1410 0.2034 0.1812 -0.0302 0.0556  -0.0264 68 THR A C   
530 O O   . THR A 68 ? 0.1531 0.2195 0.1909 -0.0423 0.0606  -0.0389 68 THR A O   
531 C CB  . THR A 68 ? 0.1274 0.1595 0.1479 -0.0040 0.0440  0.0001  68 THR A CB  
532 O OG1 . THR A 68 ? 0.1241 0.1714 0.1456 -0.0046 0.0377  -0.0045 68 THR A OG1 
533 C CG2 . THR A 68 ? 0.1392 0.1509 0.1431 0.0059  0.0453  0.0087  68 THR A CG2 
534 N N   . ASN A 69 ? 0.1265 0.2252 0.1840 -0.0249 0.0490  -0.0271 69 ASN A N   
535 C CA  . ASN A 69 ? 0.1221 0.2782 0.1976 -0.0287 0.0441  -0.0426 69 ASN A CA  
536 C C   . ASN A 69 ? 0.1146 0.2893 0.1869 -0.0149 0.0299  -0.0366 69 ASN A C   
537 O O   . ASN A 69 ? 0.1176 0.3233 0.1956 -0.0259 0.0294  -0.0513 69 ASN A O   
538 C CB  . ASN A 69 ? 0.1160 0.3136 0.2086 -0.0196 0.0414  -0.0470 69 ASN A CB  
539 C CG  . ASN A 69 ? 0.1116 0.2911 0.1954 0.0081  0.0325  -0.0254 69 ASN A CG  
540 O OD1 . ASN A 69 ? 0.1230 0.2600 0.1885 0.0141  0.0307  -0.0094 69 ASN A OD1 
541 N ND2 . ASN A 69 ? 0.1131 0.3260 0.2075 0.0233  0.0304  -0.0281 69 ASN A ND2 
542 N N   . ARG A 70 ? 0.1112 0.2639 0.1699 0.0044  0.0215  -0.0173 70 ARG A N   
543 C CA  . ARG A 70 ? 0.1142 0.2788 0.1619 0.0161  0.0110  -0.0114 70 ARG A CA  
544 C C   . ARG A 70 ? 0.1179 0.2402 0.1432 0.0188  0.0110  0.0024  70 ARG A C   
545 O O   . ARG A 70 ? 0.1575 0.2787 0.1653 0.0275  0.0058  0.0091  70 ARG A O   
546 C CB  . ARG A 70 ? 0.1467 0.3426 0.1906 0.0414  0.0026  -0.0061 70 ARG A CB  
547 C CG  . ARG A 70 ? 0.2204 0.4835 0.2893 0.0418  0.0004  -0.0248 70 ARG A CG  
548 C CD  . ARG A 70 ? 0.3158 0.6225 0.3765 0.0779  -0.0112 -0.0195 70 ARG A CD  
549 N NE  . ARG A 70 ? 0.4140 0.7703 0.4891 0.0769  -0.0116 -0.0380 70 ARG A NE  
550 C CZ  . ARG A 70 ? 0.4606 0.8140 0.5507 0.0673  -0.0036 -0.0446 70 ARG A CZ  
551 N NH1 . ARG A 70 ? 0.4714 0.7773 0.5648 0.0620  0.0062  -0.0331 70 ARG A NH1 
552 N NH2 . ARG A 70 ? 0.5272 0.9288 0.6256 0.0640  -0.0047 -0.0641 70 ARG A NH2 
553 N N   . THR A 71 ? 0.1132 0.2058 0.1359 0.0111  0.0179  0.0048  71 THR A N   
554 C CA  . THR A 71 ? 0.1169 0.1866 0.1210 0.0112  0.0193  0.0121  71 THR A CA  
555 C C   . THR A 71 ? 0.1155 0.1915 0.1145 0.0053  0.0163  0.0065  71 THR A C   
556 O O   . THR A 71 ? 0.1356 0.2131 0.1422 0.0017  0.0181  -0.0011 71 THR A O   
557 C CB  . THR A 71 ? 0.1133 0.1657 0.1163 0.0083  0.0261  0.0140  71 THR A CB  
558 O OG1 . THR A 71 ? 0.1306 0.1783 0.1413 0.0109  0.0299  0.0168  71 THR A OG1 
559 C CG2 . THR A 71 ? 0.1286 0.1726 0.1131 0.0041  0.0297  0.0163  71 THR A CG2 
560 N N   . GLU A 72 ? 0.0940 0.1533 0.1906 0.0297  0.0455  0.0093  72 GLU A N   
561 C CA  . GLU A 72 ? 0.0849 0.1354 0.1669 0.0220  0.0296  0.0030  72 GLU A CA  
562 C C   . GLU A 72 ? 0.0913 0.1088 0.1358 0.0247  0.0307  0.0019  72 GLU A C   
563 O O   . GLU A 72 ? 0.1138 0.1176 0.1432 0.0334  0.0385  0.0024  72 GLU A O   
564 C CB  . GLU A 72 ? 0.1084 0.1844 0.2009 0.0275  0.0145  0.0019  72 GLU A CB  
565 C CG  . GLU A 72 ? 0.1021 0.2259 0.2339 0.0209  0.0080  -0.0021 72 GLU A CG  
566 C CD  . GLU A 72 ? 0.0893 0.2175 0.2293 -0.0008 0.0000  -0.0168 72 GLU A CD  
567 O OE1 . GLU A 72 ? 0.1005 0.2094 0.2161 -0.0035 -0.0087 -0.0216 72 GLU A OE1 
568 O OE2 . GLU A 72 ? 0.1651 0.3142 0.3375 -0.0162 0.0059  -0.0246 72 GLU A OE2 
569 N N   A THR A 73 ? 0.0871 0.0938 0.1193 0.0165  0.0245  -0.0009 73 THR A N   
570 N N   B THR A 73 ? 0.0879 0.0942 0.1198 0.0165  0.0256  -0.0005 73 THR A N   
571 C CA  A THR A 73 ? 0.0999 0.0892 0.1031 0.0169  0.0235  -0.0031 73 THR A CA  
572 C CA  B THR A 73 ? 0.1012 0.0901 0.1038 0.0167  0.0240  -0.0028 73 THR A CA  
573 C C   A THR A 73 ? 0.0890 0.0753 0.0877 0.0119  0.0126  -0.0052 73 THR A C   
574 C C   B THR A 73 ? 0.0884 0.0747 0.0871 0.0119  0.0127  -0.0053 73 THR A C   
575 O O   A THR A 73 ? 0.0926 0.0825 0.1050 0.0071  0.0101  -0.0051 73 THR A O   
576 O O   B THR A 73 ? 0.0978 0.0881 0.1106 0.0072  0.0099  -0.0053 73 THR A O   
577 C CB  A THR A 73 ? 0.1534 0.1391 0.1415 0.0180  0.0335  0.0008  73 THR A CB  
578 C CB  B THR A 73 ? 0.1299 0.1156 0.1167 0.0176  0.0331  0.0016  73 THR A CB  
579 O OG1 A THR A 73 ? 0.1900 0.1716 0.1510 0.0171  0.0301  -0.0055 73 THR A OG1 
580 O OG1 B THR A 73 ? 0.1677 0.1533 0.1629 0.0154  0.0349  0.0091  73 THR A OG1 
581 C CG2 A THR A 73 ? 0.1611 0.1472 0.1569 0.0159  0.0365  0.0092  73 THR A CG2 
582 C CG2 B THR A 73 ? 0.1359 0.1228 0.1257 0.0226  0.0481  0.0049  73 THR A CG2 
583 N N   . THR A 74 ? 0.1024 0.0814 0.0835 0.0113  0.0088  -0.0093 74 THR A N   
584 C CA  . THR A 74 ? 0.1101 0.0881 0.0882 0.0084  0.0013  -0.0098 74 THR A CA  
585 C C   . THR A 74 ? 0.1169 0.0990 0.0930 0.0100  0.0040  -0.0024 74 THR A C   
586 O O   . THR A 74 ? 0.1336 0.1204 0.1024 0.0138  0.0105  0.0028  74 THR A O   
587 C CB  . THR A 74 ? 0.1338 0.1081 0.1000 0.0054  -0.0007 -0.0163 74 THR A CB  
588 O OG1 . THR A 74 ? 0.1487 0.1300 0.1021 0.0023  0.0021  -0.0215 74 THR A OG1 
589 C CG2 . THR A 74 ? 0.1483 0.1099 0.1147 0.0078  0.0033  -0.0188 74 THR A CG2 
590 N N   . VAL A 75 ? 0.0988 0.0772 0.0787 0.0100  0.0023  0.0000  75 VAL A N   
591 C CA  . VAL A 75 ? 0.1203 0.0993 0.0983 0.0170  0.0091  0.0117  75 VAL A CA  
592 C C   . VAL A 75 ? 0.1118 0.0941 0.0882 0.0198  0.0048  0.0126  75 VAL A C   
593 O O   . VAL A 75 ? 0.1076 0.0809 0.0880 0.0146  0.0015  0.0048  75 VAL A O   
594 C CB  . VAL A 75 ? 0.1755 0.1372 0.1675 0.0155  0.0227  0.0162  75 VAL A CB  
595 C CG1 . VAL A 75 ? 0.1767 0.1301 0.1812 0.0043  0.0192  0.0026  75 VAL A CG1 
596 C CG2 . VAL A 75 ? 0.1936 0.1462 0.1825 0.0275  0.0368  0.0330  75 VAL A CG2 
597 N N   . GLY A 76 ? 0.1095 0.1107 0.0798 0.0298  0.0050  0.0232  76 GLY A N   
598 C CA  . GLY A 76 ? 0.1140 0.1280 0.0880 0.0344  0.0018  0.0261  76 GLY A CA  
599 C C   . GLY A 76 ? 0.0971 0.1250 0.0712 0.0229  -0.0089 0.0113  76 GLY A C   
600 O O   . GLY A 76 ? 0.1240 0.1484 0.0925 0.0131  -0.0122 -0.0003 76 GLY A O   
601 N N   . TYR A 77 ? 0.0995 0.1404 0.0818 0.0251  -0.0099 0.0128  77 TYR A N   
602 C CA  . TYR A 77 ? 0.0915 0.1429 0.0791 0.0129  -0.0143 -0.0002 77 TYR A CA  
603 C C   . TYR A 77 ? 0.0802 0.1004 0.0685 0.0102  -0.0084 -0.0036 77 TYR A C   
604 O O   . TYR A 77 ? 0.0884 0.0881 0.0747 0.0170  -0.0031 0.0018  77 TYR A O   
605 C CB  . TYR A 77 ? 0.0828 0.1784 0.0836 0.0167  -0.0182 0.0038  77 TYR A CB  
606 C CG  . TYR A 77 ? 0.1174 0.2532 0.1141 0.0161  -0.0261 0.0022  77 TYR A CG  
607 C CD1 . TYR A 77 ? 0.1530 0.2949 0.1475 -0.0026 -0.0286 -0.0176 77 TYR A CD1 
608 C CD2 . TYR A 77 ? 0.1329 0.2845 0.1273 0.0334  -0.0231 0.0196  77 TYR A CD2 
609 C CE1 . TYR A 77 ? 0.1820 0.3519 0.1712 -0.0039 -0.0320 -0.0211 77 TYR A CE1 
610 C CE2 . TYR A 77 ? 0.1635 0.3470 0.1516 0.0334  -0.0273 0.0175  77 TYR A CE2 
611 C CZ  . TYR A 77 ? 0.1477 0.3425 0.1329 0.0143  -0.0333 -0.0039 77 TYR A CZ  
612 O OH  . TYR A 77 ? 0.2287 0.4576 0.2064 0.0140  -0.0378 -0.0081 77 TYR A OH  
613 N N   . PRO A 78 ? 0.0886 0.1046 0.0785 -0.0001 -0.0066 -0.0134 78 PRO A N   
614 C CA  . PRO A 78 ? 0.1004 0.0916 0.0859 0.0016  0.0003  -0.0129 78 PRO A CA  
615 C C   . PRO A 78 ? 0.0883 0.0843 0.0810 0.0099  0.0057  -0.0056 78 PRO A C   
616 O O   . PRO A 78 ? 0.0784 0.1042 0.0860 0.0136  0.0052  -0.0002 78 PRO A O   
617 C CB  . PRO A 78 ? 0.1144 0.1012 0.1023 -0.0092 0.0071  -0.0209 78 PRO A CB  
618 C CG  . PRO A 78 ? 0.1354 0.1319 0.1240 -0.0187 0.0038  -0.0301 78 PRO A CG  
619 C CD  . PRO A 78 ? 0.0935 0.1217 0.0860 -0.0141 -0.0067 -0.0262 78 PRO A CD  
620 N N   . PHE A 79 ? 0.0637 0.0903 0.0778 -0.0185 -0.0087 0.0058  79 PHE A N   
621 C CA  . PHE A 79 ? 0.0682 0.1024 0.0792 -0.0089 -0.0083 0.0105  79 PHE A CA  
622 C C   . PHE A 79 ? 0.0608 0.0749 0.0691 -0.0145 -0.0054 0.0098  79 PHE A C   
623 O O   . PHE A 79 ? 0.0751 0.0668 0.0793 -0.0175 -0.0036 0.0107  79 PHE A O   
624 C CB  . PHE A 79 ? 0.0861 0.1041 0.0906 0.0066  -0.0060 0.0209  79 PHE A CB  
625 C CG  . PHE A 79 ? 0.0677 0.0544 0.0718 0.0013  -0.0054 0.0187  79 PHE A CG  
626 C CD1 . PHE A 79 ? 0.0885 0.0633 0.0917 -0.0012 -0.0043 0.0141  79 PHE A CD1 
627 C CD2 . PHE A 79 ? 0.0838 0.0627 0.0892 -0.0007 -0.0058 0.0179  79 PHE A CD2 
628 C CE1 . PHE A 79 ? 0.0904 0.0569 0.0958 -0.0059 -0.0039 0.0051  79 PHE A CE1 
629 C CE2 . PHE A 79 ? 0.1041 0.0664 0.1113 -0.0064 -0.0050 0.0109  79 PHE A CE2 
630 C CZ  . PHE A 79 ? 0.0914 0.0525 0.0993 -0.0091 -0.0040 0.0027  79 PHE A CZ  
631 N N   . HIS A 80 ? 0.0587 0.0848 0.0670 -0.0117 -0.0037 0.0098  80 HIS A N   
632 C CA  . HIS A 80 ? 0.0677 0.0778 0.0717 -0.0141 0.0007  0.0105  80 HIS A CA  
633 C C   . HIS A 80 ? 0.0661 0.0651 0.0646 -0.0037 -0.0031 0.0157  80 HIS A C   
634 O O   . HIS A 80 ? 0.0703 0.0732 0.0694 0.0035  -0.0032 0.0181  80 HIS A O   
635 C CB  . HIS A 80 ? 0.0770 0.1084 0.0864 -0.0216 0.0077  0.0029  80 HIS A CB  
636 C CG  . HIS A 80 ? 0.0862 0.0941 0.0897 -0.0254 0.0195  0.0040  80 HIS A CG  
637 N ND1 . HIS A 80 ? 0.1252 0.1298 0.1230 -0.0168 0.0179  0.0099  80 HIS A ND1 
638 C CD2 . HIS A 80 ? 0.1212 0.1038 0.1208 -0.0335 0.0380  0.0021  80 HIS A CD2 
639 C CE1 . HIS A 80 ? 0.1436 0.1258 0.1335 -0.0175 0.0327  0.0127  80 HIS A CE1 
640 N NE2 . HIS A 80 ? 0.1435 0.1080 0.1329 -0.0263 0.0478  0.0095  80 HIS A NE2 
641 N N   . VAL A 81 ? 0.0746 0.0623 0.0664 -0.0009 -0.0019 0.0167  81 VAL A N   
642 C CA  . VAL A 81 ? 0.0763 0.0669 0.0656 0.0060  -0.0044 0.0138  81 VAL A CA  
643 C C   . VAL A 81 ? 0.0826 0.0751 0.0637 0.0124  -0.0007 0.0177  81 VAL A C   
644 O O   . VAL A 81 ? 0.1043 0.0886 0.0756 0.0181  0.0063  0.0242  81 VAL A O   
645 C CB  . VAL A 81 ? 0.0841 0.0797 0.0729 0.0083  -0.0076 0.0067  81 VAL A CB  
646 C CG1 . VAL A 81 ? 0.0954 0.1088 0.0871 0.0100  -0.0074 -0.0069 81 VAL A CG1 
647 C CG2 . VAL A 81 ? 0.1009 0.0884 0.0967 0.0015  -0.0080 0.0044  81 VAL A CG2 
648 N N   . MET A 82 ? 0.0909 0.0900 0.0735 0.0141  -0.0011 0.0157  82 MET A N   
649 C CA  . MET A 82 ? 0.1179 0.1186 0.0930 0.0203  0.0035  0.0204  82 MET A CA  
650 C C   . MET A 82 ? 0.1059 0.1235 0.0802 0.0271  0.0002  0.0133  82 MET A C   
651 O O   . MET A 82 ? 0.0867 0.1059 0.0698 0.0213  -0.0002 0.0047  82 MET A O   
652 C CB  . MET A 82 ? 0.1577 0.1569 0.1377 0.0125  0.0081  0.0222  82 MET A CB  
653 C CG  . MET A 82 ? 0.1881 0.1822 0.1608 0.0156  0.0179  0.0266  82 MET A CG  
654 S SD  . MET A 82 ? 0.2289 0.2361 0.2125 0.0022  0.0238  0.0202  82 MET A SD  
655 C CE  . MET A 82 ? 0.3209 0.3454 0.3073 0.0111  0.0120  0.0210  82 MET A CE  
656 N N   . GLU A 83 ? 0.1164 0.1470 0.0787 0.0413  0.0020  0.0166  83 GLU A N   
657 C CA  . GLU A 83 ? 0.1217 0.1791 0.0834 0.0483  -0.0005 0.0074  83 GLU A CA  
658 C C   . GLU A 83 ? 0.1119 0.1578 0.0801 0.0400  0.0016  0.0076  83 GLU A C   
659 O O   . GLU A 83 ? 0.1230 0.1514 0.0882 0.0384  0.0063  0.0192  83 GLU A O   
660 C CB  . GLU A 83 ? 0.1579 0.2328 0.1000 0.0730  0.0042  0.0180  83 GLU A CB  
661 C CG  . GLU A 83 ? 0.1606 0.2462 0.1005 0.0856  0.0072  0.0196  83 GLU A CG  
662 C CD  . GLU A 83 ? 0.1839 0.2665 0.1129 0.1105  0.0227  0.0338  83 GLU A CD  
663 O OE1 . GLU A 83 ? 0.2070 0.2657 0.1305 0.1131  0.0331  0.0441  83 GLU A OE1 
664 O OE2 . GLU A 83 ? 0.1930 0.2921 0.1176 0.1235  0.0242  0.0347  83 GLU A OE2 
665 N N   . LEU A 84 ? 0.0974 0.1541 0.0752 0.0336  0.0019  -0.0077 84 LEU A N   
666 C CA  . LEU A 84 ? 0.0987 0.1448 0.0798 0.0304  0.0065  -0.0061 84 LEU A CA  
667 C C   . LEU A 84 ? 0.1042 0.1737 0.0894 0.0301  0.0097  -0.0241 84 LEU A C   
668 O O   . LEU A 84 ? 0.1082 0.1914 0.1037 0.0208  0.0155  -0.0467 84 LEU A O   
669 C CB  . LEU A 84 ? 0.1185 0.1408 0.1063 0.0236  0.0136  -0.0038 84 LEU A CB  
670 C CG  . LEU A 84 ? 0.1275 0.1403 0.1147 0.0272  0.0215  0.0017  84 LEU A CG  
671 C CD1 . LEU A 84 ? 0.1482 0.1696 0.1304 0.0319  0.0153  0.0146  84 LEU A CD1 
672 C CD2 . LEU A 84 ? 0.1511 0.1418 0.1385 0.0306  0.0352  0.0071  84 LEU A CD2 
673 N N   . LEU A 85 ? 0.1066 0.1837 0.0857 0.0377  0.0087  -0.0182 85 LEU A N   
674 C CA  . LEU A 85 ? 0.1121 0.2142 0.0961 0.0363  0.0125  -0.0369 85 LEU A CA  
675 C C   . LEU A 85 ? 0.1423 0.2158 0.1342 0.0263  0.0256  -0.0400 85 LEU A C   
676 O O   . LEU A 85 ? 0.1674 0.2190 0.1537 0.0313  0.0257  -0.0210 85 LEU A O   
677 C CB  . LEU A 85 ? 0.1424 0.2664 0.1136 0.0529  0.0075  -0.0275 85 LEU A CB  
678 C CG  . LEU A 85 ? 0.2122 0.3673 0.1731 0.0716  0.0006  -0.0216 85 LEU A CG  
679 C CD1 . LEU A 85 ? 0.3028 0.4618 0.2541 0.0898  0.0014  -0.0051 85 LEU A CD1 
680 C CD2 . LEU A 85 ? 0.2898 0.4919 0.2679 0.0661  -0.0061 -0.0467 85 LEU A CD2 
681 N N   . GLU A 86 ? 0.1318 0.2073 0.1359 0.0130  0.0408  -0.0659 86 GLU A N   
682 C CA  . GLU A 86 ? 0.1672 0.2094 0.1749 0.0075  0.0624  -0.0687 86 GLU A CA  
683 C C   . GLU A 86 ? 0.2461 0.3111 0.2563 0.0058  0.0623  -0.0807 86 GLU A C   
684 O O   . GLU A 86 ? 0.2614 0.3703 0.2764 0.0034  0.0491  -0.0946 86 GLU A O   
685 C CB  . GLU A 86 ? 0.1904 0.2050 0.2085 -0.0088 0.0818  -0.0818 86 GLU A CB  
686 C CG  . GLU A 86 ? 0.2457 0.2352 0.2605 -0.0060 0.0849  -0.0694 86 GLU A CG  
687 C CD  . GLU A 86 ? 0.4324 0.3958 0.4581 -0.0236 0.1051  -0.0800 86 GLU A CD  
688 O OE1 . GLU A 86 ? 0.5099 0.4964 0.5534 -0.0442 0.1100  -0.1065 86 GLU A OE1 
689 O OE2 . GLU A 86 ? 0.5392 0.4640 0.5571 -0.0169 0.1180  -0.0611 86 GLU A OE2 
690 N N   . HIS A 87 ? 0.3205 0.3577 0.3268 0.0098  0.0757  -0.0715 87 HIS A N   
691 C CA  . HIS A 87 ? 0.4167 0.4700 0.4254 0.0074  0.0764  -0.0816 87 HIS A CA  
692 C C   . HIS A 87 ? 0.5119 0.5458 0.5339 -0.0122 0.0972  -0.1012 87 HIS A C   
693 O O   . HIS A 87 ? 0.5263 0.5163 0.5492 -0.0175 0.1171  -0.0956 87 HIS A O   
694 C CB  . HIS A 87 ? 0.5035 0.5433 0.5009 0.0232  0.0771  -0.0595 87 HIS A CB  
695 C CG  . HIS A 87 ? 0.5153 0.5792 0.5030 0.0357  0.0508  -0.0397 87 HIS A CG  
696 N ND1 . HIS A 87 ? 0.5441 0.6003 0.5260 0.0411  0.0395  -0.0203 87 HIS A ND1 
697 C CD2 . HIS A 87 ? 0.5364 0.6278 0.5187 0.0434  0.0396  -0.0374 87 HIS A CD2 
698 C CE1 . HIS A 87 ? 0.5434 0.6150 0.5173 0.0489  0.0270  -0.0087 87 HIS A CE1 
699 N NE2 . HIS A 87 ? 0.5269 0.6183 0.4994 0.0526  0.0270  -0.0162 87 HIS A NE2 
# 
loop_
_pdbx_poly_seq_scheme.asym_id 
_pdbx_poly_seq_scheme.entity_id 
_pdbx_poly_seq_scheme.seq_id 
_pdbx_poly_seq_scheme.mon_id 
_pdbx_poly_seq_scheme.ndb_seq_num 
_pdbx_poly_seq_scheme.pdb_seq_num 
_pdbx_poly_seq_scheme.auth_seq_num 
_pdbx_poly_seq_scheme.pdb_mon_id 
_pdbx_poly_seq_scheme.auth_mon_id 
_pdbx_poly_seq_scheme.pdb_strand_id 
_pdbx_poly_seq_scheme.pdb_ins_code 
_pdbx_poly_seq_scheme.hetero 
A 1 1  MET 1  1  1  MET MET A . n 
A 1 2  ASN 2  2  2  ASN ASN A . n 
A 1 3  THR 3  3  3  THR THR A . n 
A 1 4  TYR 4  4  4  TYR TYR A . n 
A 1 5  LEU 5  5  5  LEU LEU A . n 
A 1 6  ILE 6  6  6  ILE ILE A . n 
A 1 7  ASP 7  7  7  ASP ASP A . n 
A 1 8  PRO 8  8  8  PRO PRO A . n 
A 1 9  ARG 9  9  9  ARG ARG A . n 
A 1 10 LYS 10 10 10 LYS LYS A . n 
A 1 11 ASN 11 11 11 ASN ASN A . n 
A 1 12 ASN 12 12 12 ASN ASN A . n 
A 1 13 ASP 13 13 13 ASP ASP A . n 
A 1 14 ASN 14 14 14 ASN ASN A . n 
A 1 15 SER 15 15 15 SER SER A . n 
A 1 16 GLY 16 16 16 GLY GLY A . n 
A 1 17 GLU 17 17 17 GLU GLU A . n 
A 1 18 ARG 18 18 18 ARG ARG A . n 
A 1 19 PHE 19 19 19 PHE PHE A . n 
A 1 20 THR 20 20 20 THR THR A . n 
A 1 21 VAL 21 21 21 VAL VAL A . n 
A 1 22 ASP 22 22 22 ASP ASP A . n 
A 1 23 ALA 23 23 23 ALA ALA A . n 
A 1 24 VAL 24 24 24 VAL VAL A . n 
A 1 25 ASP 25 25 25 ASP ASP A . n 
A 1 26 ILE 26 26 26 ILE ILE A . n 
A 1 27 THR 27 27 27 THR THR A . n 
A 1 28 ALA 28 28 28 ALA ALA A . n 
A 1 29 ALA 29 29 29 ALA ALA A . n 
A 1 30 ALA 30 30 30 ALA ALA A . n 
A 1 31 LYS 31 31 31 LYS LYS A . n 
A 1 32 SER 32 32 32 SER SER A . n 
A 1 33 ALA 33 33 33 ALA ALA A . n 
A 1 34 ALA 34 34 34 ALA ALA A . n 
A 1 35 GLN 35 35 35 GLN GLN A . n 
A 1 36 GLN 36 36 36 GLN GLN A . n 
A 1 37 ILE 37 37 37 ILE ILE A . n 
A 1 38 LEU 38 38 38 LEU LEU A . n 
A 1 39 GLY 39 39 39 GLY GLY A . n 
A 1 40 GLU 40 40 40 GLU GLU A . n 
A 1 41 GLU 41 41 41 GLU GLU A . n 
A 1 42 PHE 42 42 42 PHE PHE A . n 
A 1 43 GLU 43 43 43 GLU GLU A . n 
A 1 44 GLY 44 44 44 GLY GLY A . n 
A 1 45 LEU 45 45 45 LEU LEU A . n 
A 1 46 VAL 46 46 46 VAL VAL A . n 
A 1 47 TYR 47 47 47 TYR TYR A . n 
A 1 48 ARG 48 48 48 ARG ARG A . n 
A 1 49 GLU 49 49 49 GLU GLU A . n 
A 1 50 THR 50 50 50 THR THR A . n 
A 1 51 GLY 51 51 51 GLY GLY A . n 
A 1 52 GLU 52 52 52 GLU GLU A . n 
A 1 53 SER 53 53 53 SER SER A . n 
A 1 54 ASN 54 54 54 ASN ASN A . n 
A 1 55 GLY 55 55 55 GLY GLY A . n 
A 1 56 SER 56 56 56 SER SER A . n 
A 1 57 GLY 57 57 57 GLY GLY A . n 
A 1 58 MET 58 58 58 MET MET A . n 
A 1 59 PHE 59 59 59 PHE PHE A . n 
A 1 60 GLN 60 60 60 GLN GLN A . n 
A 1 61 ALA 61 61 61 ALA ALA A . n 
A 1 62 TYR 62 62 62 TYR TYR A . n 
A 1 63 HIS 63 63 63 HIS HIS A . n 
A 1 64 HIS 64 64 64 HIS HIS A . n 
A 1 65 LEU 65 65 65 LEU LEU A . n 
A 1 66 HIS 66 66 66 HIS HIS A . n 
A 1 67 GLY 67 67 67 GLY GLY A . n 
A 1 68 THR 68 68 68 THR THR A . n 
A 1 69 ASN 69 69 69 ASN ASN A . n 
A 1 70 ARG 70 70 70 ARG ARG A . n 
A 1 71 THR 71 71 71 THR THR A . n 
A 1 72 GLU 72 72 72 GLU GLU A . n 
A 1 73 THR 73 73 73 THR THR A . n 
A 1 74 THR 74 74 74 THR THR A . n 
A 1 75 VAL 75 75 75 VAL VAL A . n 
A 1 76 GLY 76 76 76 GLY GLY A . n 
A 1 77 TYR 77 77 77 TYR TYR A . n 
A 1 78 PRO 78 78 78 PRO PRO A . n 
A 1 79 PHE 79 79 79 PHE PHE A . n 
A 1 80 HIS 80 80 80 HIS HIS A . n 
A 1 81 VAL 81 81 81 VAL VAL A . n 
A 1 82 MET 82 82 82 MET MET A . n 
A 1 83 GLU 83 83 83 GLU GLU A . n 
A 1 84 LEU 84 84 84 LEU LEU A . n 
A 1 85 LEU 85 85 85 LEU LEU A . n 
A 1 86 GLU 86 86 86 GLU GLU A . n 
A 1 87 HIS 87 87 87 HIS HIS A . n 
A 1 88 HIS 88 88 ?  ?   ?   A . n 
A 1 89 HIS 89 89 ?  ?   ?   A . n 
A 1 90 HIS 90 90 ?  ?   ?   A . n 
A 1 91 HIS 91 91 ?  ?   ?   A . n 
A 1 92 HIS 92 92 ?  ?   ?   A . n 
# 
loop_
_pdbx_contact_author.id 
_pdbx_contact_author.email 
_pdbx_contact_author.name_first 
_pdbx_contact_author.name_last 
_pdbx_contact_author.name_mi 
_pdbx_contact_author.role 
_pdbx_contact_author.identifier_ORCID 
2 bae@snu.ac.kr        Euiyoung Bae      ? 'principal investigator/group leader' 0000-0001-7865-0167 
3 jskoo7777@snu.ac.kr  Koo      Jasung   ? 'principal investigator/group leader' 0000-0003-0318-5672 
4 orochi2002@snu.ac.kr Ka       Donghyun ? 'principal investigator/group leader' 0000-0003-4403-1055 
# 
loop_
_pdbx_nonpoly_scheme.asym_id 
_pdbx_nonpoly_scheme.entity_id 
_pdbx_nonpoly_scheme.mon_id 
_pdbx_nonpoly_scheme.ndb_seq_num 
_pdbx_nonpoly_scheme.pdb_seq_num 
_pdbx_nonpoly_scheme.auth_seq_num 
_pdbx_nonpoly_scheme.pdb_mon_id 
_pdbx_nonpoly_scheme.auth_mon_id 
_pdbx_nonpoly_scheme.pdb_strand_id 
_pdbx_nonpoly_scheme.pdb_ins_code 
B 2 HOH 1   101 39  HOH HOH A . 
B 2 HOH 2   102 79  HOH HOH A . 
B 2 HOH 3   103 92  HOH HOH A . 
B 2 HOH 4   104 73  HOH HOH A . 
B 2 HOH 5   105 12  HOH HOH A . 
B 2 HOH 6   106 72  HOH HOH A . 
B 2 HOH 7   107 10  HOH HOH A . 
B 2 HOH 8   108 5   HOH HOH A . 
B 2 HOH 9   109 100 HOH HOH A . 
B 2 HOH 10  110 36  HOH HOH A . 
B 2 HOH 11  111 21  HOH HOH A . 
B 2 HOH 12  112 13  HOH HOH A . 
B 2 HOH 13  113 50  HOH HOH A . 
B 2 HOH 14  114 69  HOH HOH A . 
B 2 HOH 15  115 59  HOH HOH A . 
B 2 HOH 16  116 37  HOH HOH A . 
B 2 HOH 17  117 38  HOH HOH A . 
B 2 HOH 18  118 31  HOH HOH A . 
B 2 HOH 19  119 55  HOH HOH A . 
B 2 HOH 20  120 97  HOH HOH A . 
B 2 HOH 21  121 62  HOH HOH A . 
B 2 HOH 22  122 11  HOH HOH A . 
B 2 HOH 23  123 9   HOH HOH A . 
B 2 HOH 24  124 58  HOH HOH A . 
B 2 HOH 25  125 95  HOH HOH A . 
B 2 HOH 26  126 15  HOH HOH A . 
B 2 HOH 27  127 110 HOH HOH A . 
B 2 HOH 28  128 94  HOH HOH A . 
B 2 HOH 29  129 42  HOH HOH A . 
B 2 HOH 30  130 101 HOH HOH A . 
B 2 HOH 31  131 24  HOH HOH A . 
B 2 HOH 32  132 32  HOH HOH A . 
B 2 HOH 33  133 44  HOH HOH A . 
B 2 HOH 34  134 105 HOH HOH A . 
B 2 HOH 35  135 3   HOH HOH A . 
B 2 HOH 36  136 14  HOH HOH A . 
B 2 HOH 37  137 29  HOH HOH A . 
B 2 HOH 38  138 16  HOH HOH A . 
B 2 HOH 39  139 30  HOH HOH A . 
B 2 HOH 40  140 4   HOH HOH A . 
B 2 HOH 41  141 25  HOH HOH A . 
B 2 HOH 42  142 2   HOH HOH A . 
B 2 HOH 43  143 6   HOH HOH A . 
B 2 HOH 44  144 26  HOH HOH A . 
B 2 HOH 45  145 22  HOH HOH A . 
B 2 HOH 46  146 27  HOH HOH A . 
B 2 HOH 47  147 115 HOH HOH A . 
B 2 HOH 48  148 103 HOH HOH A . 
B 2 HOH 49  149 17  HOH HOH A . 
B 2 HOH 50  150 28  HOH HOH A . 
B 2 HOH 51  151 35  HOH HOH A . 
B 2 HOH 52  152 1   HOH HOH A . 
B 2 HOH 53  153 43  HOH HOH A . 
B 2 HOH 54  154 57  HOH HOH A . 
B 2 HOH 55  155 86  HOH HOH A . 
B 2 HOH 56  156 46  HOH HOH A . 
B 2 HOH 57  157 40  HOH HOH A . 
B 2 HOH 58  158 20  HOH HOH A . 
B 2 HOH 59  159 63  HOH HOH A . 
B 2 HOH 60  160 80  HOH HOH A . 
B 2 HOH 61  161 64  HOH HOH A . 
B 2 HOH 62  162 7   HOH HOH A . 
B 2 HOH 63  163 81  HOH HOH A . 
B 2 HOH 64  164 45  HOH HOH A . 
B 2 HOH 65  165 93  HOH HOH A . 
B 2 HOH 66  166 74  HOH HOH A . 
B 2 HOH 67  167 33  HOH HOH A . 
B 2 HOH 68  168 83  HOH HOH A . 
B 2 HOH 69  169 75  HOH HOH A . 
B 2 HOH 70  170 61  HOH HOH A . 
B 2 HOH 71  171 41  HOH HOH A . 
B 2 HOH 72  172 56  HOH HOH A . 
B 2 HOH 73  173 70  HOH HOH A . 
B 2 HOH 74  174 8   HOH HOH A . 
B 2 HOH 75  175 85  HOH HOH A . 
B 2 HOH 76  176 113 HOH HOH A . 
B 2 HOH 77  177 54  HOH HOH A . 
B 2 HOH 78  178 116 HOH HOH A . 
B 2 HOH 79  179 48  HOH HOH A . 
B 2 HOH 80  180 90  HOH HOH A . 
B 2 HOH 81  181 117 HOH HOH A . 
B 2 HOH 82  182 19  HOH HOH A . 
B 2 HOH 83  183 82  HOH HOH A . 
B 2 HOH 84  184 106 HOH HOH A . 
B 2 HOH 85  185 78  HOH HOH A . 
B 2 HOH 86  186 76  HOH HOH A . 
B 2 HOH 87  187 104 HOH HOH A . 
B 2 HOH 88  188 98  HOH HOH A . 
B 2 HOH 89  189 52  HOH HOH A . 
B 2 HOH 90  190 51  HOH HOH A . 
B 2 HOH 91  191 66  HOH HOH A . 
B 2 HOH 92  192 96  HOH HOH A . 
B 2 HOH 93  193 89  HOH HOH A . 
B 2 HOH 94  194 87  HOH HOH A . 
B 2 HOH 95  195 18  HOH HOH A . 
B 2 HOH 96  196 53  HOH HOH A . 
B 2 HOH 97  197 49  HOH HOH A . 
B 2 HOH 98  198 68  HOH HOH A . 
B 2 HOH 99  199 23  HOH HOH A . 
B 2 HOH 100 200 109 HOH HOH A . 
B 2 HOH 101 201 67  HOH HOH A . 
B 2 HOH 102 202 60  HOH HOH A . 
B 2 HOH 103 203 84  HOH HOH A . 
B 2 HOH 104 204 77  HOH HOH A . 
B 2 HOH 105 205 112 HOH HOH A . 
B 2 HOH 106 206 71  HOH HOH A . 
B 2 HOH 107 207 47  HOH HOH A . 
B 2 HOH 108 208 65  HOH HOH A . 
B 2 HOH 109 209 107 HOH HOH A . 
B 2 HOH 110 210 99  HOH HOH A . 
B 2 HOH 111 211 102 HOH HOH A . 
B 2 HOH 112 212 111 HOH HOH A . 
B 2 HOH 113 213 88  HOH HOH A . 
B 2 HOH 114 214 34  HOH HOH A . 
B 2 HOH 115 215 114 HOH HOH A . 
B 2 HOH 116 216 108 HOH HOH A . 
B 2 HOH 117 217 91  HOH HOH A . 
# 
_pdbx_struct_assembly.id                   1 
_pdbx_struct_assembly.details              author_and_software_defined_assembly 
_pdbx_struct_assembly.method_details       PISA 
_pdbx_struct_assembly.oligomeric_details   monomeric 
_pdbx_struct_assembly.oligomeric_count     1 
# 
_pdbx_struct_assembly_gen.assembly_id       1 
_pdbx_struct_assembly_gen.oper_expression   1 
_pdbx_struct_assembly_gen.asym_id_list      A,B 
# 
loop_
_pdbx_struct_assembly_prop.biol_id 
_pdbx_struct_assembly_prop.type 
_pdbx_struct_assembly_prop.value 
_pdbx_struct_assembly_prop.details 
1 'ABSA (A^2)' 0    ? 
1 MORE         0    ? 
1 'SSA (A^2)'  5690 ? 
# 
_pdbx_struct_oper_list.id                   1 
_pdbx_struct_oper_list.type                 'identity operation' 
_pdbx_struct_oper_list.name                 1_555 
_pdbx_struct_oper_list.symmetry_operation   x,y,z 
_pdbx_struct_oper_list.matrix[1][1]         1.0000000000 
_pdbx_struct_oper_list.matrix[1][2]         0.0000000000 
_pdbx_struct_oper_list.matrix[1][3]         0.0000000000 
_pdbx_struct_oper_list.vector[1]            0.0000000000 
_pdbx_struct_oper_list.matrix[2][1]         0.0000000000 
_pdbx_struct_oper_list.matrix[2][2]         1.0000000000 
_pdbx_struct_oper_list.matrix[2][3]         0.0000000000 
_pdbx_struct_oper_list.vector[2]            0.0000000000 
_pdbx_struct_oper_list.matrix[3][1]         0.0000000000 
_pdbx_struct_oper_list.matrix[3][2]         0.0000000000 
_pdbx_struct_oper_list.matrix[3][3]         1.0000000000 
_pdbx_struct_oper_list.vector[3]            0.0000000000 
# 
_pdbx_audit_revision_history.ordinal             1 
_pdbx_audit_revision_history.data_content_type   'Structure model' 
_pdbx_audit_revision_history.major_revision      1 
_pdbx_audit_revision_history.minor_revision      0 
_pdbx_audit_revision_history.revision_date       2023-09-20 
# 
_pdbx_audit_revision_details.ordinal             1 
_pdbx_audit_revision_details.revision_ordinal    1 
_pdbx_audit_revision_details.data_content_type   'Structure model' 
_pdbx_audit_revision_details.provider            repository 
_pdbx_audit_revision_details.type                'Initial release' 
_pdbx_audit_revision_details.description         ? 
_pdbx_audit_revision_details.details             ? 
# 
loop_
_pdbx_refine_tls.id 
_pdbx_refine_tls.pdbx_refine_id 
_pdbx_refine_tls.details 
_pdbx_refine_tls.method 
_pdbx_refine_tls.origin_x 
_pdbx_refine_tls.origin_y 
_pdbx_refine_tls.origin_z 
_pdbx_refine_tls.T[1][1] 
_pdbx_refine_tls.T[1][1]_esd 
_pdbx_refine_tls.T[1][2] 
_pdbx_refine_tls.T[1][2]_esd 
_pdbx_refine_tls.T[1][3] 
_pdbx_refine_tls.T[1][3]_esd 
_pdbx_refine_tls.T[2][2] 
_pdbx_refine_tls.T[2][2]_esd 
_pdbx_refine_tls.T[2][3] 
_pdbx_refine_tls.T[2][3]_esd 
_pdbx_refine_tls.T[3][3] 
_pdbx_refine_tls.T[3][3]_esd 
_pdbx_refine_tls.L[1][1] 
_pdbx_refine_tls.L[1][1]_esd 
_pdbx_refine_tls.L[1][2] 
_pdbx_refine_tls.L[1][2]_esd 
_pdbx_refine_tls.L[1][3] 
_pdbx_refine_tls.L[1][3]_esd 
_pdbx_refine_tls.L[2][2] 
_pdbx_refine_tls.L[2][2]_esd 
_pdbx_refine_tls.L[2][3] 
_pdbx_refine_tls.L[2][3]_esd 
_pdbx_refine_tls.L[3][3] 
_pdbx_refine_tls.L[3][3]_esd 
_pdbx_refine_tls.S[1][1] 
_pdbx_refine_tls.S[1][1]_esd 
_pdbx_refine_tls.S[1][2] 
_pdbx_refine_tls.S[1][2]_esd 
_pdbx_refine_tls.S[1][3] 
_pdbx_refine_tls.S[1][3]_esd 
_pdbx_refine_tls.S[2][1] 
_pdbx_refine_tls.S[2][1]_esd 
_pdbx_refine_tls.S[2][2] 
_pdbx_refine_tls.S[2][2]_esd 
_pdbx_refine_tls.S[2][3] 
_pdbx_refine_tls.S[2][3]_esd 
_pdbx_refine_tls.S[3][1] 
_pdbx_refine_tls.S[3][1]_esd 
_pdbx_refine_tls.S[3][2] 
_pdbx_refine_tls.S[3][2]_esd 
_pdbx_refine_tls.S[3][3] 
_pdbx_refine_tls.S[3][3]_esd 
1  'X-RAY DIFFRACTION' ? refined 4.3948   -3.5216 -8.6195 0.0417 ? 0.0107  ? 0.0022  ? 0.0544 ? 0.0076  ? 0.0426 ? 4.8087 ? 0.9173  ? 2.3243  ? 3.5589 ? 2.0711  ? 6.5078 ? 0.0529  ? 0.2877  ? -0.0188 ? -0.1138 ? 0.0245  ? 0.0077  ? 0.1126  ? 0.1522  ? -0.0735 ? 
2  'X-RAY DIFFRACTION' ? refined 8.6580   1.0136  6.1512  0.0705 ? 0.0196  ? -0.0144 ? 0.0886 ? -0.0246 ? 0.0683 ? 8.6003 ? 1.6567  ? -3.8700 ? 6.8020 ? 1.3681  ? 2.4421 ? 0.0060  ? -0.5092 ? 0.1910  ? 0.1971  ? 0.1465  ? -0.1666 ? -0.0565 ? 0.3706  ? -0.0843 ? 
3  'X-RAY DIFFRACTION' ? refined 7.0962   -4.0929 -2.1669 0.0420 ? -0.0004 ? 0.0133  ? 0.0576 ? -0.0047 ? 0.0363 ? 6.6580 ? 0.5298  ? 4.5342  ? 2.0451 ? 0.8103  ? 4.7668 ? 0.1003  ? -0.0369 ? -0.0245 ? 0.0754  ? 0.0304  ? -0.1055 ? 0.1713  ? 0.0812  ? -0.1232 ? 
4  'X-RAY DIFFRACTION' ? refined -1.7816  -3.6192 -1.1734 0.0364 ? -0.0049 ? 0.0017  ? 0.0393 ? -0.0173 ? 0.0707 ? 3.7648 ? 0.0561  ? 0.0498  ? 4.3984 ? -5.5248 ? 9.6566 ? 0.0047  ? -0.0063 ? -0.1364 ? -0.0643 ? 0.0889  ? 0.1470  ? 0.1281  ? -0.2505 ? -0.0816 ? 
5  'X-RAY DIFFRACTION' ? refined -5.7706  -0.8699 2.9791  0.0624 ? -0.0039 ? 0.0128  ? 0.0848 ? 0.0116  ? 0.1149 ? 0.6810 ? -1.4977 ? 1.4315  ? 3.8254 ? -3.5721 ? 3.3595 ? 0.0095  ? -0.0599 ? -0.2110 ? -0.1825 ? 0.2297  ? 0.3265  ? 0.1929  ? -0.2673 ? -0.1897 ? 
6  'X-RAY DIFFRACTION' ? refined 1.5461   9.2652  -7.6876 0.1217 ? 0.0239  ? -0.0105 ? 0.0655 ? 0.0227  ? 0.0667 ? 7.5586 ? 0.2053  ? -0.7643 ? 4.2150 ? -1.5033 ? 2.8879 ? 0.1396  ? 0.4840  ? 0.1503  ? -0.5939 ? -0.0527 ? 0.0738  ? -0.2477 ? 0.0863  ? -0.0383 ? 
7  'X-RAY DIFFRACTION' ? refined -4.2510  3.8245  3.9316  0.0503 ? 0.0107  ? -0.0036 ? 0.0330 ? -0.0051 ? 0.0515 ? 9.6649 ? -0.0324 ? -7.1441 ? 1.3585 ? -0.2681 ? 9.4083 ? -0.2193 ? -0.1425 ? -0.2816 ? -0.0028 ? -0.0154 ? -0.0214 ? 0.2810  ? -0.0564 ? 0.2069  ? 
8  'X-RAY DIFFRACTION' ? refined -16.4187 2.1452  14.4110 0.1299 ? -0.0131 ? 0.0423  ? 0.1835 ? -0.0128 ? 0.1578 ? 2.5344 ? -0.0678 ? -3.2654 ? 1.4346 ? 2.7285  ? 9.0320 ? -0.1866 ? 0.4002  ? -0.2676 ? 0.1267  ? -0.1053 ? 0.2873  ? 0.3933  ? -0.4561 ? 0.2174  ? 
9  'X-RAY DIFFRACTION' ? refined -3.5434  4.2768  9.3565  0.0789 ? 0.0084  ? -0.0021 ? 0.0615 ? -0.0060 ? 0.0504 ? 5.3592 ? -0.9118 ? -3.8287 ? 3.4861 ? -0.0794 ? 5.1607 ? -0.0710 ? -0.3424 ? -0.1499 ? 0.1638  ? 0.0345  ? 0.1489  ? -0.0039 ? 0.1213  ? -0.0010 ? 
10 'X-RAY DIFFRACTION' ? refined 7.6537   -1.2192 -9.7263 0.0895 ? 0.0218  ? 0.0038  ? 0.1090 ? 0.0038  ? 0.0745 ? 5.2505 ? -1.9861 ? -5.5514 ? 0.7877 ? 2.1145  ? 6.2461 ? 0.0023  ? 0.3894  ? -0.1946 ? -0.0792 ? -0.2102 ? 0.0395  ? 0.0571  ? -0.1535 ? 0.2316  ? 
# 
loop_
_pdbx_refine_tls_group.id 
_pdbx_refine_tls_group.pdbx_refine_id 
_pdbx_refine_tls_group.refine_tls_id 
_pdbx_refine_tls_group.beg_label_asym_id 
_pdbx_refine_tls_group.beg_label_seq_id 
_pdbx_refine_tls_group.beg_auth_asym_id 
_pdbx_refine_tls_group.beg_auth_seq_id 
_pdbx_refine_tls_group.beg_PDB_ins_code 
_pdbx_refine_tls_group.end_label_asym_id 
_pdbx_refine_tls_group.end_label_seq_id 
_pdbx_refine_tls_group.end_auth_asym_id 
_pdbx_refine_tls_group.end_auth_seq_id 
_pdbx_refine_tls_group.end_PDB_ins_code 
_pdbx_refine_tls_group.selection 
_pdbx_refine_tls_group.selection_details 
1  'X-RAY DIFFRACTION' 1  ? ? A 1  ? ? ? A 7  ? ? 
;chain 'A' and (resid 1 through 7 )
;
2  'X-RAY DIFFRACTION' 2  ? ? A 8  ? ? ? A 12 ? ? 
;chain 'A' and (resid 8 through 12 )
;
3  'X-RAY DIFFRACTION' 3  ? ? A 13 ? ? ? A 25 ? ? 
;chain 'A' and (resid 13 through 25 )
;
4  'X-RAY DIFFRACTION' 4  ? ? A 26 ? ? ? A 38 ? ? 
;chain 'A' and (resid 26 through 38 )
;
5  'X-RAY DIFFRACTION' 5  ? ? A 39 ? ? ? A 48 ? ? 
;chain 'A' and (resid 39 through 48 )
;
6  'X-RAY DIFFRACTION' 6  ? ? A 49 ? ? ? A 56 ? ? 
;chain 'A' and (resid 49 through 56 )
;
7  'X-RAY DIFFRACTION' 7  ? ? A 57 ? ? ? A 64 ? ? 
;chain 'A' and (resid 57 through 64 )
;
8  'X-RAY DIFFRACTION' 8  ? ? A 65 ? ? ? A 71 ? ? 
;chain 'A' and (resid 65 through 71 )
;
9  'X-RAY DIFFRACTION' 9  ? ? A 72 ? ? ? A 78 ? ? 
;chain 'A' and (resid 72 through 78 )
;
10 'X-RAY DIFFRACTION' 10 ? ? A 79 ? ? ? A 87 ? ? 
;chain 'A' and (resid 79 through 87 )
;
# 
loop_
_software.citation_id 
_software.classification 
_software.compiler_name 
_software.compiler_version 
_software.contact_author 
_software.contact_author_email 
_software.date 
_software.description 
_software.dependencies 
_software.hardware 
_software.language 
_software.location 
_software.mods 
_software.name 
_software.os 
_software.os_version 
_software.type 
_software.version 
_software.pdbx_ordinal 
? 'data scaling'    ? ? ? ? ? ? ? ? ? ? ? HKL-2000    ? ? ? v723     1 
? 'data collection' ? ? ? ? ? ? ? ? ? ? ? HKL-2000    ? ? ? v723     2 
? 'model building'  ? ? ? ? ? ? ? ? ? ? ? PHENIX      ? ? ? .        3 
? refinement        ? ? ? ? ? ? ? ? ? ? ? PHENIX      ? ? ? 1.9_1692 4 
? phasing           ? ? ? ? ? ? ? ? ? ? ? PHASER      ? ? ? 1.9_1692 5 
? 'data extraction' ? ? ? ? ? ? ? ? ? ? ? PDB_EXTRACT ? ? ? 3.27     6 
# 
loop_
_pdbx_validate_torsion.id 
_pdbx_validate_torsion.PDB_model_num 
_pdbx_validate_torsion.auth_comp_id 
_pdbx_validate_torsion.auth_asym_id 
_pdbx_validate_torsion.auth_seq_id 
_pdbx_validate_torsion.PDB_ins_code 
_pdbx_validate_torsion.label_alt_id 
_pdbx_validate_torsion.phi 
_pdbx_validate_torsion.psi 
1 1 ARG A 9  ? ? 53.90   -123.86 
2 1 ARG A 70 ? ? -142.13 16.75   
# 
loop_
_pdbx_unobs_or_zero_occ_atoms.id 
_pdbx_unobs_or_zero_occ_atoms.PDB_model_num 
_pdbx_unobs_or_zero_occ_atoms.polymer_flag 
_pdbx_unobs_or_zero_occ_atoms.occupancy_flag 
_pdbx_unobs_or_zero_occ_atoms.auth_asym_id 
_pdbx_unobs_or_zero_occ_atoms.auth_comp_id 
_pdbx_unobs_or_zero_occ_atoms.auth_seq_id 
_pdbx_unobs_or_zero_occ_atoms.PDB_ins_code 
_pdbx_unobs_or_zero_occ_atoms.auth_atom_id 
_pdbx_unobs_or_zero_occ_atoms.label_alt_id 
_pdbx_unobs_or_zero_occ_atoms.label_asym_id 
_pdbx_unobs_or_zero_occ_atoms.label_comp_id 
_pdbx_unobs_or_zero_occ_atoms.label_seq_id 
_pdbx_unobs_or_zero_occ_atoms.label_atom_id 
1 1 Y 1 A GLU 41 ? CG  ? A GLU 41 CG  
2 1 Y 1 A GLU 41 ? CD  ? A GLU 41 CD  
3 1 Y 1 A GLU 41 ? OE1 ? A GLU 41 OE1 
4 1 Y 1 A GLU 41 ? OE2 ? A GLU 41 OE2 
# 
loop_
_pdbx_unobs_or_zero_occ_residues.id 
_pdbx_unobs_or_zero_occ_residues.PDB_model_num 
_pdbx_unobs_or_zero_occ_residues.polymer_flag 
_pdbx_unobs_or_zero_occ_residues.occupancy_flag 
_pdbx_unobs_or_zero_occ_residues.auth_asym_id 
_pdbx_unobs_or_zero_occ_residues.auth_comp_id 
_pdbx_unobs_or_zero_occ_residues.auth_seq_id 
_pdbx_unobs_or_zero_occ_residues.PDB_ins_code 
_pdbx_unobs_or_zero_occ_residues.label_asym_id 
_pdbx_unobs_or_zero_occ_residues.label_comp_id 
_pdbx_unobs_or_zero_occ_residues.label_seq_id 
1 1 Y 1 A HIS 88 ? A HIS 88 
2 1 Y 1 A HIS 89 ? A HIS 89 
3 1 Y 1 A HIS 90 ? A HIS 90 
4 1 Y 1 A HIS 91 ? A HIS 91 
5 1 Y 1 A HIS 92 ? A HIS 92 
# 
loop_
_chem_comp_atom.comp_id 
_chem_comp_atom.atom_id 
_chem_comp_atom.type_symbol 
_chem_comp_atom.pdbx_aromatic_flag 
_chem_comp_atom.pdbx_stereo_config 
_chem_comp_atom.pdbx_ordinal 
ALA N    N N N 1   
ALA CA   C N S 2   
ALA C    C N N 3   
ALA O    O N N 4   
ALA CB   C N N 5   
ALA OXT  O N N 6   
ALA H    H N N 7   
ALA H2   H N N 8   
ALA HA   H N N 9   
ALA HB1  H N N 10  
ALA HB2  H N N 11  
ALA HB3  H N N 12  
ALA HXT  H N N 13  
ARG N    N N N 14  
ARG CA   C N S 15  
ARG C    C N N 16  
ARG O    O N N 17  
ARG CB   C N N 18  
ARG CG   C N N 19  
ARG CD   C N N 20  
ARG NE   N N N 21  
ARG CZ   C N N 22  
ARG NH1  N N N 23  
ARG NH2  N N N 24  
ARG OXT  O N N 25  
ARG H    H N N 26  
ARG H2   H N N 27  
ARG HA   H N N 28  
ARG HB2  H N N 29  
ARG HB3  H N N 30  
ARG HG2  H N N 31  
ARG HG3  H N N 32  
ARG HD2  H N N 33  
ARG HD3  H N N 34  
ARG HE   H N N 35  
ARG HH11 H N N 36  
ARG HH12 H N N 37  
ARG HH21 H N N 38  
ARG HH22 H N N 39  
ARG HXT  H N N 40  
ASN N    N N N 41  
ASN CA   C N S 42  
ASN C    C N N 43  
ASN O    O N N 44  
ASN CB   C N N 45  
ASN CG   C N N 46  
ASN OD1  O N N 47  
ASN ND2  N N N 48  
ASN OXT  O N N 49  
ASN H    H N N 50  
ASN H2   H N N 51  
ASN HA   H N N 52  
ASN HB2  H N N 53  
ASN HB3  H N N 54  
ASN HD21 H N N 55  
ASN HD22 H N N 56  
ASN HXT  H N N 57  
ASP N    N N N 58  
ASP CA   C N S 59  
ASP C    C N N 60  
ASP O    O N N 61  
ASP CB   C N N 62  
ASP CG   C N N 63  
ASP OD1  O N N 64  
ASP OD2  O N N 65  
ASP OXT  O N N 66  
ASP H    H N N 67  
ASP H2   H N N 68  
ASP HA   H N N 69  
ASP HB2  H N N 70  
ASP HB3  H N N 71  
ASP HD2  H N N 72  
ASP HXT  H N N 73  
GLN N    N N N 74  
GLN CA   C N S 75  
GLN C    C N N 76  
GLN O    O N N 77  
GLN CB   C N N 78  
GLN CG   C N N 79  
GLN CD   C N N 80  
GLN OE1  O N N 81  
GLN NE2  N N N 82  
GLN OXT  O N N 83  
GLN H    H N N 84  
GLN H2   H N N 85  
GLN HA   H N N 86  
GLN HB2  H N N 87  
GLN HB3  H N N 88  
GLN HG2  H N N 89  
GLN HG3  H N N 90  
GLN HE21 H N N 91  
GLN HE22 H N N 92  
GLN HXT  H N N 93  
GLU N    N N N 94  
GLU CA   C N S 95  
GLU C    C N N 96  
GLU O    O N N 97  
GLU CB   C N N 98  
GLU CG   C N N 99  
GLU CD   C N N 100 
GLU OE1  O N N 101 
GLU OE2  O N N 102 
GLU OXT  O N N 103 
GLU H    H N N 104 
GLU H2   H N N 105 
GLU HA   H N N 106 
GLU HB2  H N N 107 
GLU HB3  H N N 108 
GLU HG2  H N N 109 
GLU HG3  H N N 110 
GLU HE2  H N N 111 
GLU HXT  H N N 112 
GLY N    N N N 113 
GLY CA   C N N 114 
GLY C    C N N 115 
GLY O    O N N 116 
GLY OXT  O N N 117 
GLY H    H N N 118 
GLY H2   H N N 119 
GLY HA2  H N N 120 
GLY HA3  H N N 121 
GLY HXT  H N N 122 
HIS N    N N N 123 
HIS CA   C N S 124 
HIS C    C N N 125 
HIS O    O N N 126 
HIS CB   C N N 127 
HIS CG   C Y N 128 
HIS ND1  N Y N 129 
HIS CD2  C Y N 130 
HIS CE1  C Y N 131 
HIS NE2  N Y N 132 
HIS OXT  O N N 133 
HIS H    H N N 134 
HIS H2   H N N 135 
HIS HA   H N N 136 
HIS HB2  H N N 137 
HIS HB3  H N N 138 
HIS HD1  H N N 139 
HIS HD2  H N N 140 
HIS HE1  H N N 141 
HIS HE2  H N N 142 
HIS HXT  H N N 143 
HOH O    O N N 144 
HOH H1   H N N 145 
HOH H2   H N N 146 
ILE N    N N N 147 
ILE CA   C N S 148 
ILE C    C N N 149 
ILE O    O N N 150 
ILE CB   C N S 151 
ILE CG1  C N N 152 
ILE CG2  C N N 153 
ILE CD1  C N N 154 
ILE OXT  O N N 155 
ILE H    H N N 156 
ILE H2   H N N 157 
ILE HA   H N N 158 
ILE HB   H N N 159 
ILE HG12 H N N 160 
ILE HG13 H N N 161 
ILE HG21 H N N 162 
ILE HG22 H N N 163 
ILE HG23 H N N 164 
ILE HD11 H N N 165 
ILE HD12 H N N 166 
ILE HD13 H N N 167 
ILE HXT  H N N 168 
LEU N    N N N 169 
LEU CA   C N S 170 
LEU C    C N N 171 
LEU O    O N N 172 
LEU CB   C N N 173 
LEU CG   C N N 174 
LEU CD1  C N N 175 
LEU CD2  C N N 176 
LEU OXT  O N N 177 
LEU H    H N N 178 
LEU H2   H N N 179 
LEU HA   H N N 180 
LEU HB2  H N N 181 
LEU HB3  H N N 182 
LEU HG   H N N 183 
LEU HD11 H N N 184 
LEU HD12 H N N 185 
LEU HD13 H N N 186 
LEU HD21 H N N 187 
LEU HD22 H N N 188 
LEU HD23 H N N 189 
LEU HXT  H N N 190 
LYS N    N N N 191 
LYS CA   C N S 192 
LYS C    C N N 193 
LYS O    O N N 194 
LYS CB   C N N 195 
LYS CG   C N N 196 
LYS CD   C N N 197 
LYS CE   C N N 198 
LYS NZ   N N N 199 
LYS OXT  O N N 200 
LYS H    H N N 201 
LYS H2   H N N 202 
LYS HA   H N N 203 
LYS HB2  H N N 204 
LYS HB3  H N N 205 
LYS HG2  H N N 206 
LYS HG3  H N N 207 
LYS HD2  H N N 208 
LYS HD3  H N N 209 
LYS HE2  H N N 210 
LYS HE3  H N N 211 
LYS HZ1  H N N 212 
LYS HZ2  H N N 213 
LYS HZ3  H N N 214 
LYS HXT  H N N 215 
MET N    N N N 216 
MET CA   C N S 217 
MET C    C N N 218 
MET O    O N N 219 
MET CB   C N N 220 
MET CG   C N N 221 
MET SD   S N N 222 
MET CE   C N N 223 
MET OXT  O N N 224 
MET H    H N N 225 
MET H2   H N N 226 
MET HA   H N N 227 
MET HB2  H N N 228 
MET HB3  H N N 229 
MET HG2  H N N 230 
MET HG3  H N N 231 
MET HE1  H N N 232 
MET HE2  H N N 233 
MET HE3  H N N 234 
MET HXT  H N N 235 
PHE N    N N N 236 
PHE CA   C N S 237 
PHE C    C N N 238 
PHE O    O N N 239 
PHE CB   C N N 240 
PHE CG   C Y N 241 
PHE CD1  C Y N 242 
PHE CD2  C Y N 243 
PHE CE1  C Y N 244 
PHE CE2  C Y N 245 
PHE CZ   C Y N 246 
PHE OXT  O N N 247 
PHE H    H N N 248 
PHE H2   H N N 249 
PHE HA   H N N 250 
PHE HB2  H N N 251 
PHE HB3  H N N 252 
PHE HD1  H N N 253 
PHE HD2  H N N 254 
PHE HE1  H N N 255 
PHE HE2  H N N 256 
PHE HZ   H N N 257 
PHE HXT  H N N 258 
PRO N    N N N 259 
PRO CA   C N S 260 
PRO C    C N N 261 
PRO O    O N N 262 
PRO CB   C N N 263 
PRO CG   C N N 264 
PRO CD   C N N 265 
PRO OXT  O N N 266 
PRO H    H N N 267 
PRO HA   H N N 268 
PRO HB2  H N N 269 
PRO HB3  H N N 270 
PRO HG2  H N N 271 
PRO HG3  H N N 272 
PRO HD2  H N N 273 
PRO HD3  H N N 274 
PRO HXT  H N N 275 
SER N    N N N 276 
SER CA   C N S 277 
SER C    C N N 278 
SER O    O N N 279 
SER CB   C N N 280 
SER OG   O N N 281 
SER OXT  O N N 282 
SER H    H N N 283 
SER H2   H N N 284 
SER HA   H N N 285 
SER HB2  H N N 286 
SER HB3  H N N 287 
SER HG   H N N 288 
SER HXT  H N N 289 
THR N    N N N 290 
THR CA   C N S 291 
THR C    C N N 292 
THR O    O N N 293 
THR CB   C N R 294 
THR OG1  O N N 295 
THR CG2  C N N 296 
THR OXT  O N N 297 
THR H    H N N 298 
THR H2   H N N 299 
THR HA   H N N 300 
THR HB   H N N 301 
THR HG1  H N N 302 
THR HG21 H N N 303 
THR HG22 H N N 304 
THR HG23 H N N 305 
THR HXT  H N N 306 
TYR N    N N N 307 
TYR CA   C N S 308 
TYR C    C N N 309 
TYR O    O N N 310 
TYR CB   C N N 311 
TYR CG   C Y N 312 
TYR CD1  C Y N 313 
TYR CD2  C Y N 314 
TYR CE1  C Y N 315 
TYR CE2  C Y N 316 
TYR CZ   C Y N 317 
TYR OH   O N N 318 
TYR OXT  O N N 319 
TYR H    H N N 320 
TYR H2   H N N 321 
TYR HA   H N N 322 
TYR HB2  H N N 323 
TYR HB3  H N N 324 
TYR HD1  H N N 325 
TYR HD2  H N N 326 
TYR HE1  H N N 327 
TYR HE2  H N N 328 
TYR HH   H N N 329 
TYR HXT  H N N 330 
VAL N    N N N 331 
VAL CA   C N S 332 
VAL C    C N N 333 
VAL O    O N N 334 
VAL CB   C N N 335 
VAL CG1  C N N 336 
VAL CG2  C N N 337 
VAL OXT  O N N 338 
VAL H    H N N 339 
VAL H2   H N N 340 
VAL HA   H N N 341 
VAL HB   H N N 342 
VAL HG11 H N N 343 
VAL HG12 H N N 344 
VAL HG13 H N N 345 
VAL HG21 H N N 346 
VAL HG22 H N N 347 
VAL HG23 H N N 348 
VAL HXT  H N N 349 
# 
loop_
_chem_comp_bond.comp_id 
_chem_comp_bond.atom_id_1 
_chem_comp_bond.atom_id_2 
_chem_comp_bond.value_order 
_chem_comp_bond.pdbx_aromatic_flag 
_chem_comp_bond.pdbx_stereo_config 
_chem_comp_bond.pdbx_ordinal 
ALA N   CA   sing N N 1   
ALA N   H    sing N N 2   
ALA N   H2   sing N N 3   
ALA CA  C    sing N N 4   
ALA CA  CB   sing N N 5   
ALA CA  HA   sing N N 6   
ALA C   O    doub N N 7   
ALA C   OXT  sing N N 8   
ALA CB  HB1  sing N N 9   
ALA CB  HB2  sing N N 10  
ALA CB  HB3  sing N N 11  
ALA OXT HXT  sing N N 12  
ARG N   CA   sing N N 13  
ARG N   H    sing N N 14  
ARG N   H2   sing N N 15  
ARG CA  C    sing N N 16  
ARG CA  CB   sing N N 17  
ARG CA  HA   sing N N 18  
ARG C   O    doub N N 19  
ARG C   OXT  sing N N 20  
ARG CB  CG   sing N N 21  
ARG CB  HB2  sing N N 22  
ARG CB  HB3  sing N N 23  
ARG CG  CD   sing N N 24  
ARG CG  HG2  sing N N 25  
ARG CG  HG3  sing N N 26  
ARG CD  NE   sing N N 27  
ARG CD  HD2  sing N N 28  
ARG CD  HD3  sing N N 29  
ARG NE  CZ   sing N N 30  
ARG NE  HE   sing N N 31  
ARG CZ  NH1  sing N N 32  
ARG CZ  NH2  doub N N 33  
ARG NH1 HH11 sing N N 34  
ARG NH1 HH12 sing N N 35  
ARG NH2 HH21 sing N N 36  
ARG NH2 HH22 sing N N 37  
ARG OXT HXT  sing N N 38  
ASN N   CA   sing N N 39  
ASN N   H    sing N N 40  
ASN N   H2   sing N N 41  
ASN CA  C    sing N N 42  
ASN CA  CB   sing N N 43  
ASN CA  HA   sing N N 44  
ASN C   O    doub N N 45  
ASN C   OXT  sing N N 46  
ASN CB  CG   sing N N 47  
ASN CB  HB2  sing N N 48  
ASN CB  HB3  sing N N 49  
ASN CG  OD1  doub N N 50  
ASN CG  ND2  sing N N 51  
ASN ND2 HD21 sing N N 52  
ASN ND2 HD22 sing N N 53  
ASN OXT HXT  sing N N 54  
ASP N   CA   sing N N 55  
ASP N   H    sing N N 56  
ASP N   H2   sing N N 57  
ASP CA  C    sing N N 58  
ASP CA  CB   sing N N 59  
ASP CA  HA   sing N N 60  
ASP C   O    doub N N 61  
ASP C   OXT  sing N N 62  
ASP CB  CG   sing N N 63  
ASP CB  HB2  sing N N 64  
ASP CB  HB3  sing N N 65  
ASP CG  OD1  doub N N 66  
ASP CG  OD2  sing N N 67  
ASP OD2 HD2  sing N N 68  
ASP OXT HXT  sing N N 69  
GLN N   CA   sing N N 70  
GLN N   H    sing N N 71  
GLN N   H2   sing N N 72  
GLN CA  C    sing N N 73  
GLN CA  CB   sing N N 74  
GLN CA  HA   sing N N 75  
GLN C   O    doub N N 76  
GLN C   OXT  sing N N 77  
GLN CB  CG   sing N N 78  
GLN CB  HB2  sing N N 79  
GLN CB  HB3  sing N N 80  
GLN CG  CD   sing N N 81  
GLN CG  HG2  sing N N 82  
GLN CG  HG3  sing N N 83  
GLN CD  OE1  doub N N 84  
GLN CD  NE2  sing N N 85  
GLN NE2 HE21 sing N N 86  
GLN NE2 HE22 sing N N 87  
GLN OXT HXT  sing N N 88  
GLU N   CA   sing N N 89  
GLU N   H    sing N N 90  
GLU N   H2   sing N N 91  
GLU CA  C    sing N N 92  
GLU CA  CB   sing N N 93  
GLU CA  HA   sing N N 94  
GLU C   O    doub N N 95  
GLU C   OXT  sing N N 96  
GLU CB  CG   sing N N 97  
GLU CB  HB2  sing N N 98  
GLU CB  HB3  sing N N 99  
GLU CG  CD   sing N N 100 
GLU CG  HG2  sing N N 101 
GLU CG  HG3  sing N N 102 
GLU CD  OE1  doub N N 103 
GLU CD  OE2  sing N N 104 
GLU OE2 HE2  sing N N 105 
GLU OXT HXT  sing N N 106 
GLY N   CA   sing N N 107 
GLY N   H    sing N N 108 
GLY N   H2   sing N N 109 
GLY CA  C    sing N N 110 
GLY CA  HA2  sing N N 111 
GLY CA  HA3  sing N N 112 
GLY C   O    doub N N 113 
GLY C   OXT  sing N N 114 
GLY OXT HXT  sing N N 115 
HIS N   CA   sing N N 116 
HIS N   H    sing N N 117 
HIS N   H2   sing N N 118 
HIS CA  C    sing N N 119 
HIS CA  CB   sing N N 120 
HIS CA  HA   sing N N 121 
HIS C   O    doub N N 122 
HIS C   OXT  sing N N 123 
HIS CB  CG   sing N N 124 
HIS CB  HB2  sing N N 125 
HIS CB  HB3  sing N N 126 
HIS CG  ND1  sing Y N 127 
HIS CG  CD2  doub Y N 128 
HIS ND1 CE1  doub Y N 129 
HIS ND1 HD1  sing N N 130 
HIS CD2 NE2  sing Y N 131 
HIS CD2 HD2  sing N N 132 
HIS CE1 NE2  sing Y N 133 
HIS CE1 HE1  sing N N 134 
HIS NE2 HE2  sing N N 135 
HIS OXT HXT  sing N N 136 
HOH O   H1   sing N N 137 
HOH O   H2   sing N N 138 
ILE N   CA   sing N N 139 
ILE N   H    sing N N 140 
ILE N   H2   sing N N 141 
ILE CA  C    sing N N 142 
ILE CA  CB   sing N N 143 
ILE CA  HA   sing N N 144 
ILE C   O    doub N N 145 
ILE C   OXT  sing N N 146 
ILE CB  CG1  sing N N 147 
ILE CB  CG2  sing N N 148 
ILE CB  HB   sing N N 149 
ILE CG1 CD1  sing N N 150 
ILE CG1 HG12 sing N N 151 
ILE CG1 HG13 sing N N 152 
ILE CG2 HG21 sing N N 153 
ILE CG2 HG22 sing N N 154 
ILE CG2 HG23 sing N N 155 
ILE CD1 HD11 sing N N 156 
ILE CD1 HD12 sing N N 157 
ILE CD1 HD13 sing N N 158 
ILE OXT HXT  sing N N 159 
LEU N   CA   sing N N 160 
LEU N   H    sing N N 161 
LEU N   H2   sing N N 162 
LEU CA  C    sing N N 163 
LEU CA  CB   sing N N 164 
LEU CA  HA   sing N N 165 
LEU C   O    doub N N 166 
LEU C   OXT  sing N N 167 
LEU CB  CG   sing N N 168 
LEU CB  HB2  sing N N 169 
LEU CB  HB3  sing N N 170 
LEU CG  CD1  sing N N 171 
LEU CG  CD2  sing N N 172 
LEU CG  HG   sing N N 173 
LEU CD1 HD11 sing N N 174 
LEU CD1 HD12 sing N N 175 
LEU CD1 HD13 sing N N 176 
LEU CD2 HD21 sing N N 177 
LEU CD2 HD22 sing N N 178 
LEU CD2 HD23 sing N N 179 
LEU OXT HXT  sing N N 180 
LYS N   CA   sing N N 181 
LYS N   H    sing N N 182 
LYS N   H2   sing N N 183 
LYS CA  C    sing N N 184 
LYS CA  CB   sing N N 185 
LYS CA  HA   sing N N 186 
LYS C   O    doub N N 187 
LYS C   OXT  sing N N 188 
LYS CB  CG   sing N N 189 
LYS CB  HB2  sing N N 190 
LYS CB  HB3  sing N N 191 
LYS CG  CD   sing N N 192 
LYS CG  HG2  sing N N 193 
LYS CG  HG3  sing N N 194 
LYS CD  CE   sing N N 195 
LYS CD  HD2  sing N N 196 
LYS CD  HD3  sing N N 197 
LYS CE  NZ   sing N N 198 
LYS CE  HE2  sing N N 199 
LYS CE  HE3  sing N N 200 
LYS NZ  HZ1  sing N N 201 
LYS NZ  HZ2  sing N N 202 
LYS NZ  HZ3  sing N N 203 
LYS OXT HXT  sing N N 204 
MET N   CA   sing N N 205 
MET N   H    sing N N 206 
MET N   H2   sing N N 207 
MET CA  C    sing N N 208 
MET CA  CB   sing N N 209 
MET CA  HA   sing N N 210 
MET C   O    doub N N 211 
MET C   OXT  sing N N 212 
MET CB  CG   sing N N 213 
MET CB  HB2  sing N N 214 
MET CB  HB3  sing N N 215 
MET CG  SD   sing N N 216 
MET CG  HG2  sing N N 217 
MET CG  HG3  sing N N 218 
MET SD  CE   sing N N 219 
MET CE  HE1  sing N N 220 
MET CE  HE2  sing N N 221 
MET CE  HE3  sing N N 222 
MET OXT HXT  sing N N 223 
PHE N   CA   sing N N 224 
PHE N   H    sing N N 225 
PHE N   H2   sing N N 226 
PHE CA  C    sing N N 227 
PHE CA  CB   sing N N 228 
PHE CA  HA   sing N N 229 
PHE C   O    doub N N 230 
PHE C   OXT  sing N N 231 
PHE CB  CG   sing N N 232 
PHE CB  HB2  sing N N 233 
PHE CB  HB3  sing N N 234 
PHE CG  CD1  doub Y N 235 
PHE CG  CD2  sing Y N 236 
PHE CD1 CE1  sing Y N 237 
PHE CD1 HD1  sing N N 238 
PHE CD2 CE2  doub Y N 239 
PHE CD2 HD2  sing N N 240 
PHE CE1 CZ   doub Y N 241 
PHE CE1 HE1  sing N N 242 
PHE CE2 CZ   sing Y N 243 
PHE CE2 HE2  sing N N 244 
PHE CZ  HZ   sing N N 245 
PHE OXT HXT  sing N N 246 
PRO N   CA   sing N N 247 
PRO N   CD   sing N N 248 
PRO N   H    sing N N 249 
PRO CA  C    sing N N 250 
PRO CA  CB   sing N N 251 
PRO CA  HA   sing N N 252 
PRO C   O    doub N N 253 
PRO C   OXT  sing N N 254 
PRO CB  CG   sing N N 255 
PRO CB  HB2  sing N N 256 
PRO CB  HB3  sing N N 257 
PRO CG  CD   sing N N 258 
PRO CG  HG2  sing N N 259 
PRO CG  HG3  sing N N 260 
PRO CD  HD2  sing N N 261 
PRO CD  HD3  sing N N 262 
PRO OXT HXT  sing N N 263 
SER N   CA   sing N N 264 
SER N   H    sing N N 265 
SER N   H2   sing N N 266 
SER CA  C    sing N N 267 
SER CA  CB   sing N N 268 
SER CA  HA   sing N N 269 
SER C   O    doub N N 270 
SER C   OXT  sing N N 271 
SER CB  OG   sing N N 272 
SER CB  HB2  sing N N 273 
SER CB  HB3  sing N N 274 
SER OG  HG   sing N N 275 
SER OXT HXT  sing N N 276 
THR N   CA   sing N N 277 
THR N   H    sing N N 278 
THR N   H2   sing N N 279 
THR CA  C    sing N N 280 
THR CA  CB   sing N N 281 
THR CA  HA   sing N N 282 
THR C   O    doub N N 283 
THR C   OXT  sing N N 284 
THR CB  OG1  sing N N 285 
THR CB  CG2  sing N N 286 
THR CB  HB   sing N N 287 
THR OG1 HG1  sing N N 288 
THR CG2 HG21 sing N N 289 
THR CG2 HG22 sing N N 290 
THR CG2 HG23 sing N N 291 
THR OXT HXT  sing N N 292 
TYR N   CA   sing N N 293 
TYR N   H    sing N N 294 
TYR N   H2   sing N N 295 
TYR CA  C    sing N N 296 
TYR CA  CB   sing N N 297 
TYR CA  HA   sing N N 298 
TYR C   O    doub N N 299 
TYR C   OXT  sing N N 300 
TYR CB  CG   sing N N 301 
TYR CB  HB2  sing N N 302 
TYR CB  HB3  sing N N 303 
TYR CG  CD1  doub Y N 304 
TYR CG  CD2  sing Y N 305 
TYR CD1 CE1  sing Y N 306 
TYR CD1 HD1  sing N N 307 
TYR CD2 CE2  doub Y N 308 
TYR CD2 HD2  sing N N 309 
TYR CE1 CZ   doub Y N 310 
TYR CE1 HE1  sing N N 311 
TYR CE2 CZ   sing Y N 312 
TYR CE2 HE2  sing N N 313 
TYR CZ  OH   sing N N 314 
TYR OH  HH   sing N N 315 
TYR OXT HXT  sing N N 316 
VAL N   CA   sing N N 317 
VAL N   H    sing N N 318 
VAL N   H2   sing N N 319 
VAL CA  C    sing N N 320 
VAL CA  CB   sing N N 321 
VAL CA  HA   sing N N 322 
VAL C   O    doub N N 323 
VAL C   OXT  sing N N 324 
VAL CB  CG1  sing N N 325 
VAL CB  CG2  sing N N 326 
VAL CB  HB   sing N N 327 
VAL CG1 HG11 sing N N 328 
VAL CG1 HG12 sing N N 329 
VAL CG1 HG13 sing N N 330 
VAL CG2 HG21 sing N N 331 
VAL CG2 HG22 sing N N 332 
VAL CG2 HG23 sing N N 333 
VAL OXT HXT  sing N N 334 
# 
loop_
_pdbx_audit_support.funding_organization 
_pdbx_audit_support.country 
_pdbx_audit_support.grant_number 
_pdbx_audit_support.ordinal 
'Rural Development Administration'          'United States'      PJ01653401       1 
'National Research Foundation (NRF, Korea)' 'Korea, Republic Of' 2020R1A4A1018890 2 
# 
_pdbx_entity_nonpoly.entity_id   2 
_pdbx_entity_nonpoly.name        water 
_pdbx_entity_nonpoly.comp_id     HOH 
# 
_pdbx_struct_assembly_auth_evidence.id                     1 
_pdbx_struct_assembly_auth_evidence.assembly_id            1 
_pdbx_struct_assembly_auth_evidence.experimental_support   none 
_pdbx_struct_assembly_auth_evidence.details                ? 
# 
